data_2LQR
#
_entry.id   2LQR
#
_entity_poly.entity_id   1
_entity_poly.type   'polypeptide(L)'
_entity_poly.pdbx_seq_one_letter_code
;GGSNATAPFFEMKLKHYKIFEGMPVTFTCRVAGNPKPKIYWFKDGKQISPKSDHYTIQRDLDGTCSLHTTASTLDDDGNY
TIMAANPQGRVSCTGRLMVQAVNQRGRS
;
_entity_poly.pdbx_strand_id   A
#
# COMPACT_ATOMS: atom_id res chain seq x y z
N GLY A 1 -8.65 -12.86 19.12
CA GLY A 1 -8.53 -14.31 19.04
C GLY A 1 -9.89 -14.99 19.05
N GLY A 2 -10.14 -15.80 20.08
CA GLY A 2 -11.39 -16.53 20.20
C GLY A 2 -11.43 -17.72 19.25
N SER A 3 -12.51 -17.83 18.49
CA SER A 3 -12.69 -18.93 17.56
C SER A 3 -13.62 -18.55 16.42
N ASN A 4 -13.83 -19.48 15.49
CA ASN A 4 -14.69 -19.24 14.34
C ASN A 4 -14.20 -18.04 13.53
N ALA A 5 -12.92 -18.07 13.17
CA ALA A 5 -12.29 -16.96 12.46
C ALA A 5 -11.02 -17.39 11.75
N THR A 6 -10.50 -16.53 10.89
CA THR A 6 -9.32 -16.85 10.10
C THR A 6 -8.27 -15.75 10.16
N ALA A 7 -7.04 -16.13 10.45
CA ALA A 7 -5.95 -15.17 10.55
C ALA A 7 -5.74 -14.44 9.23
N PRO A 8 -5.23 -13.21 9.33
CA PRO A 8 -5.00 -12.38 8.14
C PRO A 8 -3.94 -13.00 7.24
N PHE A 9 -4.16 -12.89 5.93
CA PHE A 9 -3.22 -13.46 4.96
C PHE A 9 -3.32 -12.73 3.62
N PHE A 10 -2.18 -12.23 3.14
CA PHE A 10 -2.12 -11.58 1.85
C PHE A 10 -2.18 -12.59 0.72
N GLU A 11 -3.39 -12.90 0.26
CA GLU A 11 -3.58 -13.80 -0.87
C GLU A 11 -3.13 -13.14 -2.18
N MET A 12 -2.95 -11.83 -2.14
CA MET A 12 -2.28 -11.12 -3.21
C MET A 12 -1.34 -10.04 -2.67
N LYS A 13 -0.05 -10.33 -2.69
CA LYS A 13 0.94 -9.45 -2.06
C LYS A 13 1.43 -8.38 -3.02
N LEU A 14 2.05 -7.34 -2.48
CA LEU A 14 2.70 -6.32 -3.29
C LEU A 14 4.04 -6.80 -3.82
N LYS A 15 4.59 -6.07 -4.78
CA LYS A 15 5.88 -6.40 -5.35
C LYS A 15 6.78 -5.17 -5.47
N HIS A 16 8.00 -5.37 -5.97
CA HIS A 16 8.92 -4.26 -6.18
C HIS A 16 8.49 -3.40 -7.35
N TYR A 17 8.01 -2.19 -7.04
CA TYR A 17 7.53 -1.27 -8.07
C TYR A 17 8.59 -0.25 -8.43
N LYS A 18 8.59 0.17 -9.69
CA LYS A 18 9.51 1.20 -10.16
C LYS A 18 8.80 2.24 -11.00
N ILE A 19 9.17 3.51 -10.80
CA ILE A 19 8.53 4.61 -11.51
C ILE A 19 9.50 5.75 -11.74
N PHE A 20 9.26 6.51 -12.81
CA PHE A 20 10.03 7.73 -13.07
C PHE A 20 9.54 8.88 -12.21
N GLU A 21 10.46 9.74 -11.81
CA GLU A 21 10.13 10.88 -10.95
C GLU A 21 9.00 11.71 -11.55
N GLY A 22 7.94 11.91 -10.77
CA GLY A 22 6.87 12.82 -11.14
C GLY A 22 5.66 12.06 -11.66
N MET A 23 5.87 10.79 -12.01
CA MET A 23 4.81 9.98 -12.62
C MET A 23 3.92 9.35 -11.56
N PRO A 24 2.68 9.07 -11.92
CA PRO A 24 1.73 8.44 -11.01
C PRO A 24 2.03 6.96 -10.83
N VAL A 25 1.64 6.41 -9.69
CA VAL A 25 1.83 5.00 -9.40
C VAL A 25 0.57 4.38 -8.80
N THR A 26 0.12 3.28 -9.39
CA THR A 26 -1.06 2.58 -8.90
C THR A 26 -0.72 1.15 -8.52
N PHE A 27 -1.03 0.77 -7.28
CA PHE A 27 -0.85 -0.60 -6.82
C PHE A 27 -1.87 -0.97 -5.75
N THR A 28 -2.09 -2.26 -5.58
CA THR A 28 -3.16 -2.74 -4.71
C THR A 28 -2.82 -4.11 -4.13
N CYS A 29 -3.45 -4.45 -3.01
CA CYS A 29 -3.16 -5.69 -2.31
C CYS A 29 -4.43 -6.31 -1.73
N ARG A 30 -4.52 -7.63 -1.78
CA ARG A 30 -5.73 -8.34 -1.39
C ARG A 30 -5.46 -9.33 -0.27
N VAL A 31 -6.35 -9.36 0.72
CA VAL A 31 -6.20 -10.27 1.85
C VAL A 31 -7.39 -11.22 1.94
N ALA A 32 -7.20 -12.34 2.63
CA ALA A 32 -8.27 -13.30 2.84
C ALA A 32 -8.57 -13.49 4.32
N GLY A 33 -8.40 -12.42 5.09
CA GLY A 33 -8.58 -12.48 6.54
C GLY A 33 -10.05 -12.52 6.92
N ASN A 34 -10.34 -12.96 8.14
CA ASN A 34 -11.72 -13.02 8.63
C ASN A 34 -11.76 -12.86 10.13
N PRO A 35 -12.30 -11.73 10.58
CA PRO A 35 -12.97 -10.81 9.69
C PRO A 35 -11.97 -10.04 8.83
N LYS A 36 -12.49 -9.39 7.78
CA LYS A 36 -11.63 -8.61 6.88
C LYS A 36 -10.80 -7.60 7.65
N PRO A 37 -9.48 -7.73 7.57
CA PRO A 37 -8.57 -6.85 8.30
C PRO A 37 -8.83 -5.39 7.93
N LYS A 38 -8.60 -4.51 8.91
CA LYS A 38 -8.71 -3.07 8.67
C LYS A 38 -7.46 -2.53 7.99
N ILE A 39 -7.27 -2.89 6.72
CA ILE A 39 -6.03 -2.62 6.02
C ILE A 39 -5.53 -1.21 6.31
N TYR A 40 -4.31 -1.11 6.85
CA TYR A 40 -3.67 0.18 7.07
C TYR A 40 -2.51 0.38 6.12
N TRP A 41 -2.35 1.62 5.64
CA TRP A 41 -1.22 1.97 4.80
C TRP A 41 -0.29 2.96 5.51
N PHE A 42 1.01 2.74 5.38
CA PHE A 42 2.01 3.69 5.85
C PHE A 42 3.31 3.58 5.07
N LYS A 43 3.97 4.71 4.89
CA LYS A 43 5.18 4.76 4.07
C LYS A 43 6.41 5.00 4.91
N ASP A 44 7.26 3.97 5.02
CA ASP A 44 8.44 4.03 5.87
C ASP A 44 8.08 4.42 7.30
N GLY A 45 6.90 3.97 7.73
CA GLY A 45 6.46 4.22 9.11
C GLY A 45 5.59 5.46 9.19
N LYS A 46 5.35 6.10 8.05
CA LYS A 46 4.56 7.31 8.00
C LYS A 46 3.10 7.00 7.66
N GLN A 47 2.25 6.98 8.67
CA GLN A 47 0.84 6.64 8.48
C GLN A 47 0.22 7.48 7.36
N ILE A 48 -0.44 6.81 6.43
CA ILE A 48 -1.04 7.48 5.28
C ILE A 48 -2.53 7.68 5.49
N SER A 49 -2.99 8.93 5.39
CA SER A 49 -4.40 9.24 5.44
C SER A 49 -5.06 9.13 4.07
N PRO A 50 -6.20 8.46 4.01
CA PRO A 50 -6.94 8.30 2.76
C PRO A 50 -7.21 9.65 2.11
N LYS A 51 -7.03 9.71 0.79
CA LYS A 51 -7.32 10.93 0.05
C LYS A 51 -6.48 12.09 0.56
N SER A 52 -5.17 11.92 0.56
CA SER A 52 -4.25 12.96 1.01
C SER A 52 -3.74 13.80 -0.18
N ASP A 53 -2.64 14.50 0.04
CA ASP A 53 -2.08 15.37 -0.98
C ASP A 53 -1.82 14.61 -2.27
N HIS A 54 -1.23 13.42 -2.14
CA HIS A 54 -0.92 12.59 -3.29
C HIS A 54 -1.25 11.14 -3.03
N TYR A 55 -1.66 10.84 -1.79
CA TYR A 55 -1.87 9.47 -1.37
C TYR A 55 -3.36 9.15 -1.23
N THR A 56 -3.92 8.54 -2.27
CA THR A 56 -5.34 8.17 -2.26
C THR A 56 -5.53 6.70 -1.89
N ILE A 57 -6.28 6.47 -0.82
CA ILE A 57 -6.57 5.11 -0.36
C ILE A 57 -8.00 4.73 -0.67
N GLN A 58 -8.19 3.55 -1.27
CA GLN A 58 -9.51 3.00 -1.48
C GLN A 58 -9.60 1.56 -0.99
N ARG A 59 -10.33 1.35 0.10
CA ARG A 59 -10.44 0.03 0.71
C ARG A 59 -11.78 -0.62 0.36
N ASP A 60 -11.73 -1.67 -0.45
CA ASP A 60 -12.93 -2.45 -0.76
C ASP A 60 -13.17 -3.53 0.30
N LEU A 61 -14.41 -3.60 0.78
CA LEU A 61 -14.77 -4.53 1.84
C LEU A 61 -14.64 -5.97 1.38
N ASP A 62 -14.57 -6.16 0.06
CA ASP A 62 -14.38 -7.48 -0.52
C ASP A 62 -13.06 -8.09 -0.07
N GLY A 63 -12.08 -7.25 0.21
CA GLY A 63 -10.81 -7.70 0.74
C GLY A 63 -9.64 -7.11 -0.05
N THR A 64 -9.96 -6.32 -1.06
CA THR A 64 -8.94 -5.68 -1.87
C THR A 64 -8.85 -4.18 -1.57
N CYS A 65 -7.67 -3.74 -1.17
CA CYS A 65 -7.44 -2.32 -0.90
C CYS A 65 -6.32 -1.77 -1.78
N SER A 66 -6.52 -0.55 -2.28
CA SER A 66 -5.61 0.04 -3.24
C SER A 66 -5.00 1.33 -2.72
N LEU A 67 -3.76 1.59 -3.09
CA LEU A 67 -3.11 2.86 -2.77
C LEU A 67 -2.51 3.50 -4.00
N HIS A 68 -2.98 4.71 -4.33
CA HIS A 68 -2.51 5.42 -5.51
C HIS A 68 -1.67 6.63 -5.14
N THR A 69 -0.49 6.73 -5.74
CA THR A 69 0.34 7.92 -5.62
C THR A 69 0.21 8.81 -6.85
N THR A 70 -0.31 10.02 -6.65
CA THR A 70 -0.58 10.93 -7.76
C THR A 70 0.71 11.34 -8.46
N ALA A 71 1.73 11.67 -7.67
CA ALA A 71 2.99 12.14 -8.22
C ALA A 71 4.18 11.62 -7.40
N SER A 72 4.66 10.43 -7.77
CA SER A 72 5.74 9.78 -7.03
C SER A 72 7.08 10.43 -7.32
N THR A 73 7.61 11.16 -6.34
CA THR A 73 8.90 11.81 -6.49
C THR A 73 9.96 11.15 -5.63
N LEU A 74 11.17 11.70 -5.65
CA LEU A 74 12.29 11.12 -4.91
C LEU A 74 12.02 11.14 -3.41
N ASP A 75 11.19 12.08 -2.97
CA ASP A 75 10.78 12.14 -1.57
C ASP A 75 9.69 11.11 -1.28
N ASP A 76 9.05 10.60 -2.32
CA ASP A 76 8.03 9.59 -2.18
C ASP A 76 8.60 8.19 -2.35
N ASP A 77 9.82 8.12 -2.87
CA ASP A 77 10.55 6.86 -2.94
C ASP A 77 10.72 6.23 -1.57
N GLY A 78 10.30 4.99 -1.43
CA GLY A 78 10.38 4.28 -0.16
C GLY A 78 9.46 3.07 -0.14
N ASN A 79 9.19 2.55 1.06
CA ASN A 79 8.40 1.34 1.21
C ASN A 79 7.00 1.65 1.73
N TYR A 80 6.00 1.46 0.87
CA TYR A 80 4.62 1.67 1.27
C TYR A 80 4.04 0.43 1.94
N THR A 81 4.52 0.14 3.14
CA THR A 81 4.17 -1.09 3.83
C THR A 81 2.68 -1.15 4.16
N ILE A 82 2.06 -2.29 3.89
CA ILE A 82 0.65 -2.48 4.21
C ILE A 82 0.47 -3.48 5.36
N MET A 83 -0.46 -3.17 6.25
CA MET A 83 -0.67 -3.99 7.44
C MET A 83 -2.10 -4.51 7.51
N ALA A 84 -2.24 -5.83 7.52
CA ALA A 84 -3.55 -6.46 7.62
C ALA A 84 -3.93 -6.70 9.08
N ALA A 85 -4.23 -5.62 9.80
CA ALA A 85 -4.54 -5.71 11.22
C ALA A 85 -5.99 -6.09 11.45
N ASN A 86 -6.21 -7.21 12.11
CA ASN A 86 -7.56 -7.62 12.50
C ASN A 86 -7.55 -8.34 13.85
N PRO A 87 -8.72 -8.76 14.29
CA PRO A 87 -8.88 -9.35 15.62
C PRO A 87 -8.04 -10.60 15.78
N GLN A 88 -7.64 -11.18 14.64
CA GLN A 88 -6.93 -12.45 14.64
C GLN A 88 -5.43 -12.26 14.47
N GLY A 89 -4.99 -11.00 14.56
CA GLY A 89 -3.58 -10.68 14.46
C GLY A 89 -3.31 -9.70 13.32
N ARG A 90 -2.05 -9.52 12.99
CA ARG A 90 -1.66 -8.57 11.94
C ARG A 90 -0.47 -9.08 11.15
N VAL A 91 -0.43 -8.75 9.87
CA VAL A 91 0.70 -9.11 9.01
C VAL A 91 1.14 -7.94 8.15
N SER A 92 2.45 -7.73 8.06
CA SER A 92 2.99 -6.64 7.26
C SER A 92 3.57 -7.14 5.94
N CYS A 93 3.35 -6.37 4.89
CA CYS A 93 3.96 -6.67 3.59
C CYS A 93 4.52 -5.41 2.95
N THR A 94 5.73 -5.52 2.40
CA THR A 94 6.47 -4.35 1.93
C THR A 94 5.93 -3.89 0.58
N GLY A 95 5.57 -2.61 0.51
CA GLY A 95 5.12 -2.01 -0.75
C GLY A 95 6.24 -1.19 -1.39
N ARG A 96 7.36 -1.84 -1.67
CA ARG A 96 8.55 -1.15 -2.15
C ARG A 96 8.26 -0.40 -3.45
N LEU A 97 8.54 0.90 -3.45
CA LEU A 97 8.45 1.71 -4.66
C LEU A 97 9.69 2.55 -4.85
N MET A 98 10.45 2.27 -5.90
CA MET A 98 11.67 3.01 -6.20
C MET A 98 11.43 4.05 -7.30
N VAL A 99 12.02 5.22 -7.14
CA VAL A 99 11.80 6.33 -8.07
C VAL A 99 13.09 6.70 -8.80
N GLN A 100 13.04 6.67 -10.12
CA GLN A 100 14.17 7.09 -10.93
C GLN A 100 14.19 8.61 -11.10
N ALA A 101 15.27 9.24 -10.65
CA ALA A 101 15.42 10.69 -10.77
C ALA A 101 15.38 11.13 -12.23
N VAL A 102 14.61 12.18 -12.50
CA VAL A 102 14.50 12.72 -13.85
C VAL A 102 15.00 14.15 -13.91
N ASN A 103 16.12 14.37 -14.58
CA ASN A 103 16.77 15.68 -14.61
C ASN A 103 15.98 16.65 -15.48
N GLN A 104 15.11 16.11 -16.33
CA GLN A 104 14.29 16.93 -17.21
C GLN A 104 12.98 17.33 -16.56
N ARG A 105 12.74 16.79 -15.36
CA ARG A 105 11.52 17.12 -14.61
C ARG A 105 11.56 18.55 -14.10
N GLY A 106 10.70 19.39 -14.68
CA GLY A 106 10.66 20.81 -14.33
C GLY A 106 10.03 21.02 -12.96
N ARG A 107 9.32 20.00 -12.47
CA ARG A 107 8.65 20.08 -11.19
C ARG A 107 9.53 19.51 -10.08
N SER A 108 10.73 19.05 -10.46
CA SER A 108 11.64 18.43 -9.50
C SER A 108 12.13 19.45 -8.47
N GLY A 1 -18.46 -26.13 10.38
CA GLY A 1 -17.14 -26.17 9.78
C GLY A 1 -16.04 -26.26 10.83
N GLY A 2 -15.95 -25.23 11.67
CA GLY A 2 -14.95 -25.18 12.72
C GLY A 2 -14.97 -23.85 13.44
N SER A 3 -13.89 -23.09 13.32
CA SER A 3 -13.78 -21.78 13.97
C SER A 3 -14.49 -20.71 13.15
N ASN A 4 -14.73 -21.00 11.88
CA ASN A 4 -15.36 -20.04 10.99
C ASN A 4 -14.63 -18.71 10.98
N ALA A 5 -13.30 -18.78 10.90
CA ALA A 5 -12.47 -17.58 10.90
C ALA A 5 -11.14 -17.83 10.21
N THR A 6 -10.53 -16.77 9.70
CA THR A 6 -9.27 -16.88 8.98
C THR A 6 -8.34 -15.72 9.31
N ALA A 7 -7.13 -16.06 9.73
CA ALA A 7 -6.12 -15.05 10.07
C ALA A 7 -5.71 -14.24 8.84
N PRO A 8 -5.45 -12.96 9.05
CA PRO A 8 -5.05 -12.07 7.96
C PRO A 8 -3.85 -12.64 7.21
N PHE A 9 -3.96 -12.70 5.88
CA PHE A 9 -2.83 -13.07 5.04
C PHE A 9 -2.99 -12.50 3.64
N PHE A 10 -1.97 -11.79 3.17
CA PHE A 10 -2.00 -11.17 1.85
C PHE A 10 -1.99 -12.22 0.76
N GLU A 11 -3.18 -12.67 0.38
CA GLU A 11 -3.33 -13.61 -0.72
C GLU A 11 -2.82 -13.02 -2.03
N MET A 12 -2.82 -11.69 -2.11
CA MET A 12 -2.17 -11.00 -3.22
C MET A 12 -1.17 -9.96 -2.71
N LYS A 13 0.10 -10.23 -2.89
CA LYS A 13 1.15 -9.43 -2.27
C LYS A 13 1.71 -8.40 -3.24
N LEU A 14 2.49 -7.46 -2.72
CA LEU A 14 3.04 -6.38 -3.53
C LEU A 14 4.37 -6.78 -4.14
N LYS A 15 4.77 -6.07 -5.20
CA LYS A 15 6.04 -6.33 -5.86
C LYS A 15 6.95 -5.10 -5.79
N HIS A 16 8.22 -5.31 -6.12
CA HIS A 16 9.17 -4.20 -6.21
C HIS A 16 8.80 -3.25 -7.34
N TYR A 17 8.38 -2.04 -6.98
CA TYR A 17 7.90 -1.07 -7.96
C TYR A 17 8.99 -0.09 -8.34
N LYS A 18 9.03 0.27 -9.61
CA LYS A 18 9.99 1.25 -10.10
C LYS A 18 9.32 2.33 -10.94
N ILE A 19 9.12 3.50 -10.35
CA ILE A 19 8.33 4.55 -10.98
C ILE A 19 9.16 5.82 -11.17
N PHE A 20 8.97 6.47 -12.32
CA PHE A 20 9.75 7.67 -12.65
C PHE A 20 9.32 8.85 -11.79
N GLU A 21 10.27 9.75 -11.52
CA GLU A 21 9.99 10.92 -10.71
C GLU A 21 8.84 11.73 -11.28
N GLY A 22 7.81 11.94 -10.46
CA GLY A 22 6.68 12.79 -10.84
C GLY A 22 5.58 11.98 -11.52
N MET A 23 5.86 10.71 -11.76
CA MET A 23 4.92 9.83 -12.45
C MET A 23 3.90 9.25 -11.50
N PRO A 24 2.63 9.27 -11.90
CA PRO A 24 1.57 8.65 -11.12
C PRO A 24 1.67 7.13 -11.16
N VAL A 25 1.23 6.49 -10.09
CA VAL A 25 1.25 5.03 -10.02
C VAL A 25 0.14 4.51 -9.10
N THR A 26 -0.55 3.47 -9.56
CA THR A 26 -1.57 2.82 -8.74
C THR A 26 -1.22 1.34 -8.50
N PHE A 27 -1.27 0.93 -7.25
CA PHE A 27 -1.02 -0.46 -6.88
C PHE A 27 -1.80 -0.87 -5.64
N THR A 28 -2.07 -2.16 -5.51
CA THR A 28 -3.06 -2.64 -4.56
C THR A 28 -2.67 -4.00 -4.00
N CYS A 29 -3.23 -4.35 -2.84
CA CYS A 29 -2.97 -5.63 -2.22
C CYS A 29 -4.23 -6.20 -1.59
N ARG A 30 -4.34 -7.53 -1.57
CA ARG A 30 -5.57 -8.19 -1.15
C ARG A 30 -5.30 -9.18 -0.01
N VAL A 31 -6.18 -9.18 0.99
CA VAL A 31 -6.00 -10.01 2.16
C VAL A 31 -7.13 -11.04 2.28
N ALA A 32 -6.75 -12.30 2.46
CA ALA A 32 -7.72 -13.35 2.72
C ALA A 32 -8.04 -13.46 4.20
N GLY A 33 -8.65 -12.42 4.75
CA GLY A 33 -8.92 -12.35 6.18
C GLY A 33 -10.40 -12.56 6.47
N ASN A 34 -10.69 -13.04 7.69
CA ASN A 34 -12.07 -13.22 8.13
C ASN A 34 -12.16 -13.25 9.64
N PRO A 35 -12.71 -12.19 10.21
CA PRO A 35 -13.34 -11.14 9.42
C PRO A 35 -12.29 -10.26 8.73
N LYS A 36 -12.76 -9.43 7.80
CA LYS A 36 -11.87 -8.55 7.05
C LYS A 36 -11.13 -7.60 7.99
N PRO A 37 -9.80 -7.72 8.02
CA PRO A 37 -8.99 -6.98 8.98
C PRO A 37 -8.89 -5.51 8.60
N LYS A 38 -8.36 -4.71 9.52
CA LYS A 38 -8.19 -3.28 9.27
C LYS A 38 -6.97 -3.00 8.40
N ILE A 39 -7.17 -3.09 7.08
CA ILE A 39 -6.07 -2.92 6.14
C ILE A 39 -5.78 -1.45 5.88
N TYR A 40 -4.52 -1.06 6.02
CA TYR A 40 -4.13 0.34 5.85
C TYR A 40 -2.71 0.44 5.31
N TRP A 41 -2.38 1.60 4.74
CA TRP A 41 -1.04 1.85 4.23
C TRP A 41 -0.24 2.71 5.19
N PHE A 42 1.07 2.49 5.22
CA PHE A 42 1.99 3.44 5.85
C PHE A 42 3.36 3.41 5.16
N LYS A 43 4.01 4.56 5.10
CA LYS A 43 5.26 4.69 4.36
C LYS A 43 6.43 4.91 5.30
N ASP A 44 7.30 3.90 5.40
CA ASP A 44 8.44 3.95 6.30
C ASP A 44 8.01 4.32 7.71
N GLY A 45 6.82 3.87 8.10
CA GLY A 45 6.33 4.07 9.46
C GLY A 45 5.36 5.25 9.52
N LYS A 46 5.14 5.89 8.38
CA LYS A 46 4.29 7.06 8.31
C LYS A 46 2.92 6.70 7.76
N GLN A 47 1.96 6.50 8.67
CA GLN A 47 0.60 6.12 8.28
C GLN A 47 0.03 7.09 7.25
N ILE A 48 -0.50 6.54 6.16
CA ILE A 48 -1.02 7.35 5.07
C ILE A 48 -2.51 7.57 5.21
N SER A 49 -2.93 8.83 5.21
CA SER A 49 -4.34 9.18 5.28
C SER A 49 -5.02 9.00 3.93
N PRO A 50 -6.11 8.23 3.91
CA PRO A 50 -6.88 8.03 2.69
C PRO A 50 -7.32 9.36 2.09
N LYS A 51 -7.33 9.42 0.76
CA LYS A 51 -7.81 10.60 0.06
C LYS A 51 -7.07 11.85 0.49
N SER A 52 -5.74 11.76 0.53
CA SER A 52 -4.90 12.91 0.85
C SER A 52 -4.56 13.71 -0.40
N ASP A 53 -3.62 14.65 -0.25
CA ASP A 53 -3.26 15.55 -1.34
C ASP A 53 -2.73 14.76 -2.53
N HIS A 54 -1.95 13.73 -2.25
CA HIS A 54 -1.23 13.01 -3.30
C HIS A 54 -1.38 11.50 -3.15
N TYR A 55 -1.99 11.08 -2.04
CA TYR A 55 -2.16 9.66 -1.76
C TYR A 55 -3.63 9.33 -1.50
N THR A 56 -4.25 8.68 -2.49
CA THR A 56 -5.64 8.25 -2.36
C THR A 56 -5.74 6.77 -2.08
N ILE A 57 -6.43 6.42 -0.99
CA ILE A 57 -6.58 5.03 -0.59
C ILE A 57 -8.02 4.56 -0.77
N GLN A 58 -8.20 3.51 -1.56
CA GLN A 58 -9.51 2.89 -1.72
C GLN A 58 -9.59 1.57 -0.97
N ARG A 59 -10.46 1.51 0.04
CA ARG A 59 -10.55 0.35 0.91
C ARG A 59 -11.77 -0.50 0.58
N ASP A 60 -11.60 -1.45 -0.32
CA ASP A 60 -12.65 -2.40 -0.66
C ASP A 60 -13.00 -3.29 0.54
N LEU A 61 -14.27 -3.28 0.92
CA LEU A 61 -14.71 -3.98 2.13
C LEU A 61 -14.62 -5.49 1.96
N ASP A 62 -14.37 -5.93 0.73
CA ASP A 62 -14.16 -7.34 0.45
C ASP A 62 -12.84 -7.83 1.04
N GLY A 63 -11.96 -6.88 1.35
CA GLY A 63 -10.66 -7.20 1.94
C GLY A 63 -9.53 -6.78 1.03
N THR A 64 -9.76 -5.75 0.22
CA THR A 64 -8.75 -5.24 -0.70
C THR A 64 -8.52 -3.75 -0.52
N CYS A 65 -7.27 -3.34 -0.53
CA CYS A 65 -6.91 -1.94 -0.34
C CYS A 65 -5.93 -1.47 -1.43
N SER A 66 -6.29 -0.38 -2.10
CA SER A 66 -5.49 0.13 -3.21
C SER A 66 -4.94 1.51 -2.89
N LEU A 67 -3.66 1.72 -3.19
CA LEU A 67 -3.03 3.03 -2.99
C LEU A 67 -2.66 3.66 -4.31
N HIS A 68 -3.16 4.87 -4.54
CA HIS A 68 -2.80 5.64 -5.72
C HIS A 68 -1.93 6.84 -5.36
N THR A 69 -0.74 6.90 -5.95
CA THR A 69 0.15 8.05 -5.79
C THR A 69 0.08 8.96 -7.01
N THR A 70 -0.23 10.23 -6.78
CA THR A 70 -0.41 11.18 -7.88
C THR A 70 0.92 11.49 -8.55
N ALA A 71 1.96 11.71 -7.75
CA ALA A 71 3.27 12.08 -8.27
C ALA A 71 4.38 11.47 -7.44
N SER A 72 4.80 10.26 -7.80
CA SER A 72 5.85 9.55 -7.07
C SER A 72 7.21 10.16 -7.36
N THR A 73 7.53 11.27 -6.70
CA THR A 73 8.81 11.93 -6.88
C THR A 73 9.88 11.30 -6.01
N LEU A 74 11.13 11.73 -6.21
CA LEU A 74 12.26 11.09 -5.55
C LEU A 74 12.13 11.15 -4.03
N ASP A 75 11.55 12.24 -3.54
CA ASP A 75 11.36 12.40 -2.10
C ASP A 75 10.32 11.42 -1.56
N ASP A 76 9.53 10.85 -2.47
CA ASP A 76 8.50 9.90 -2.09
C ASP A 76 9.02 8.47 -2.14
N ASP A 77 10.27 8.32 -2.58
CA ASP A 77 10.90 7.01 -2.65
C ASP A 77 11.04 6.40 -1.26
N GLY A 78 10.63 5.14 -1.13
CA GLY A 78 10.75 4.42 0.13
C GLY A 78 9.84 3.20 0.16
N ASN A 79 9.57 2.69 1.35
CA ASN A 79 8.83 1.45 1.50
C ASN A 79 7.40 1.71 1.96
N TYR A 80 6.45 1.58 1.04
CA TYR A 80 5.03 1.75 1.36
C TYR A 80 4.44 0.47 1.92
N THR A 81 4.86 0.09 3.12
CA THR A 81 4.43 -1.16 3.74
C THR A 81 2.93 -1.13 4.05
N ILE A 82 2.23 -2.20 3.68
CA ILE A 82 0.82 -2.32 3.97
C ILE A 82 0.57 -3.39 5.02
N MET A 83 -0.33 -3.11 5.96
CA MET A 83 -0.54 -3.97 7.11
C MET A 83 -2.02 -4.23 7.35
N ALA A 84 -2.35 -5.47 7.70
CA ALA A 84 -3.71 -5.80 8.15
C ALA A 84 -3.70 -6.33 9.58
N ALA A 85 -4.76 -6.02 10.32
CA ALA A 85 -4.84 -6.40 11.72
C ALA A 85 -6.29 -6.70 12.13
N ASN A 86 -6.50 -7.84 12.76
CA ASN A 86 -7.80 -8.17 13.33
C ASN A 86 -7.65 -9.12 14.52
N PRO A 87 -8.78 -9.45 15.14
CA PRO A 87 -8.77 -10.29 16.34
C PRO A 87 -8.10 -11.63 16.07
N GLN A 88 -8.11 -12.04 14.80
CA GLN A 88 -7.67 -13.38 14.44
C GLN A 88 -6.18 -13.42 14.14
N GLY A 89 -5.55 -12.24 14.14
CA GLY A 89 -4.12 -12.14 13.92
C GLY A 89 -3.77 -10.89 13.11
N ARG A 90 -2.57 -10.87 12.56
CA ARG A 90 -2.10 -9.72 11.78
C ARG A 90 -1.11 -10.15 10.71
N VAL A 91 -0.89 -9.28 9.73
CA VAL A 91 0.04 -9.57 8.64
C VAL A 91 0.52 -8.28 7.98
N SER A 92 1.76 -8.30 7.49
CA SER A 92 2.34 -7.13 6.85
C SER A 92 3.07 -7.51 5.57
N CYS A 93 3.15 -6.56 4.64
CA CYS A 93 3.88 -6.77 3.40
C CYS A 93 4.45 -5.46 2.87
N THR A 94 5.74 -5.46 2.56
CA THR A 94 6.45 -4.22 2.23
C THR A 94 6.20 -3.83 0.78
N GLY A 95 5.61 -2.66 0.58
CA GLY A 95 5.30 -2.16 -0.76
C GLY A 95 6.45 -1.33 -1.31
N ARG A 96 7.62 -1.95 -1.43
CA ARG A 96 8.81 -1.24 -1.88
C ARG A 96 8.53 -0.46 -3.16
N LEU A 97 8.63 0.86 -3.06
CA LEU A 97 8.48 1.73 -4.23
C LEU A 97 9.73 2.59 -4.44
N MET A 98 10.53 2.22 -5.44
CA MET A 98 11.72 2.99 -5.78
C MET A 98 11.44 3.97 -6.91
N VAL A 99 12.09 5.13 -6.86
CA VAL A 99 11.82 6.19 -7.81
C VAL A 99 13.03 6.45 -8.70
N GLN A 100 12.79 6.51 -10.01
CA GLN A 100 13.83 6.86 -10.96
C GLN A 100 13.89 8.37 -11.19
N ALA A 101 14.94 9.00 -10.68
CA ALA A 101 15.07 10.46 -10.77
C ALA A 101 15.08 10.92 -12.22
N VAL A 102 14.33 11.98 -12.51
CA VAL A 102 14.24 12.52 -13.85
C VAL A 102 14.78 13.94 -13.91
N ASN A 103 15.91 14.11 -14.57
CA ASN A 103 16.57 15.42 -14.65
C ASN A 103 15.99 16.24 -15.79
N GLN A 104 15.17 15.62 -16.62
CA GLN A 104 14.55 16.29 -17.76
C GLN A 104 13.27 17.00 -17.34
N ARG A 105 12.79 16.68 -16.14
CA ARG A 105 11.57 17.29 -15.62
C ARG A 105 11.84 18.72 -15.15
N GLY A 106 11.16 19.68 -15.77
CA GLY A 106 11.35 21.09 -15.45
C GLY A 106 10.75 21.45 -14.10
N ARG A 107 9.86 20.60 -13.63
CA ARG A 107 9.20 20.81 -12.34
C ARG A 107 9.99 20.17 -11.21
N SER A 108 11.06 19.46 -11.57
CA SER A 108 11.89 18.79 -10.57
C SER A 108 12.71 19.79 -9.76
N GLY A 1 -17.21 -23.34 21.87
CA GLY A 1 -16.12 -22.41 21.56
C GLY A 1 -15.53 -22.67 20.18
N GLY A 2 -14.68 -23.68 20.10
CA GLY A 2 -14.04 -24.05 18.83
C GLY A 2 -13.12 -22.94 18.35
N SER A 3 -13.34 -22.49 17.12
CA SER A 3 -12.54 -21.43 16.54
C SER A 3 -13.41 -20.41 15.80
N ASN A 4 -13.90 -20.79 14.62
CA ASN A 4 -14.68 -19.89 13.79
C ASN A 4 -13.92 -18.59 13.52
N ALA A 5 -12.64 -18.72 13.17
CA ALA A 5 -11.80 -17.56 12.91
C ALA A 5 -10.62 -17.93 12.02
N THR A 6 -10.09 -16.95 11.31
CA THR A 6 -8.98 -17.17 10.39
C THR A 6 -7.95 -16.06 10.49
N ALA A 7 -6.69 -16.44 10.64
CA ALA A 7 -5.60 -15.48 10.78
C ALA A 7 -5.49 -14.61 9.53
N PRO A 8 -4.96 -13.40 9.70
CA PRO A 8 -4.79 -12.47 8.59
C PRO A 8 -3.80 -13.03 7.55
N PHE A 9 -4.05 -12.72 6.28
CA PHE A 9 -3.23 -13.23 5.20
C PHE A 9 -3.45 -12.43 3.92
N PHE A 10 -2.36 -12.17 3.20
CA PHE A 10 -2.43 -11.49 1.91
C PHE A 10 -2.61 -12.49 0.77
N GLU A 11 -3.85 -12.67 0.33
CA GLU A 11 -4.13 -13.51 -0.82
C GLU A 11 -3.62 -12.89 -2.10
N MET A 12 -3.40 -11.58 -2.08
CA MET A 12 -2.71 -10.88 -3.15
C MET A 12 -1.69 -9.89 -2.61
N LYS A 13 -0.42 -10.17 -2.85
CA LYS A 13 0.66 -9.43 -2.21
C LYS A 13 1.24 -8.37 -3.14
N LEU A 14 2.03 -7.46 -2.57
CA LEU A 14 2.68 -6.42 -3.35
C LEU A 14 3.98 -6.93 -3.98
N LYS A 15 4.54 -6.13 -4.87
CA LYS A 15 5.83 -6.46 -5.49
C LYS A 15 6.75 -5.24 -5.51
N HIS A 16 7.95 -5.44 -6.06
CA HIS A 16 8.90 -4.34 -6.21
C HIS A 16 8.48 -3.41 -7.34
N TYR A 17 8.03 -2.22 -6.99
CA TYR A 17 7.54 -1.25 -7.97
C TYR A 17 8.61 -0.25 -8.35
N LYS A 18 8.60 0.17 -9.61
CA LYS A 18 9.53 1.18 -10.09
C LYS A 18 8.81 2.23 -10.94
N ILE A 19 9.18 3.48 -10.75
CA ILE A 19 8.54 4.59 -11.46
C ILE A 19 9.53 5.73 -11.71
N PHE A 20 9.31 6.48 -12.78
CA PHE A 20 10.07 7.69 -13.04
C PHE A 20 9.57 8.85 -12.18
N GLU A 21 10.50 9.71 -11.78
CA GLU A 21 10.17 10.86 -10.94
C GLU A 21 9.05 11.69 -11.54
N GLY A 22 7.98 11.88 -10.77
CA GLY A 22 6.91 12.79 -11.16
C GLY A 22 5.70 12.04 -11.70
N MET A 23 5.92 10.78 -12.04
CA MET A 23 4.87 9.97 -12.65
C MET A 23 3.96 9.35 -11.61
N PRO A 24 2.72 9.06 -12.00
CA PRO A 24 1.75 8.46 -11.09
C PRO A 24 2.04 6.98 -10.89
N VAL A 25 1.63 6.45 -9.74
CA VAL A 25 1.83 5.04 -9.42
C VAL A 25 0.57 4.44 -8.83
N THR A 26 0.12 3.32 -9.40
CA THR A 26 -1.07 2.62 -8.92
C THR A 26 -0.73 1.18 -8.53
N PHE A 27 -1.08 0.81 -7.30
CA PHE A 27 -0.93 -0.56 -6.85
C PHE A 27 -1.94 -0.89 -5.75
N THR A 28 -2.20 -2.18 -5.57
CA THR A 28 -3.28 -2.63 -4.70
C THR A 28 -2.97 -3.98 -4.07
N CYS A 29 -3.64 -4.29 -2.98
CA CYS A 29 -3.42 -5.54 -2.26
C CYS A 29 -4.71 -6.06 -1.65
N ARG A 30 -4.81 -7.39 -1.55
CA ARG A 30 -6.05 -8.02 -1.12
C ARG A 30 -5.80 -9.02 0.00
N VAL A 31 -6.68 -9.02 0.99
CA VAL A 31 -6.52 -9.87 2.17
C VAL A 31 -7.61 -10.92 2.26
N ALA A 32 -7.36 -11.97 3.01
CA ALA A 32 -8.33 -13.04 3.21
C ALA A 32 -8.25 -13.62 4.62
N GLY A 33 -8.81 -12.91 5.58
CA GLY A 33 -8.85 -13.37 6.96
C GLY A 33 -10.27 -13.40 7.50
N ASN A 34 -10.42 -13.65 8.79
CA ASN A 34 -11.73 -13.69 9.44
C ASN A 34 -11.61 -13.43 10.92
N PRO A 35 -12.02 -12.23 11.34
CA PRO A 35 -12.62 -11.27 10.42
C PRO A 35 -11.59 -10.74 9.42
N LYS A 36 -12.09 -10.25 8.28
CA LYS A 36 -11.20 -9.73 7.24
C LYS A 36 -10.35 -8.58 7.78
N PRO A 37 -9.05 -8.65 7.50
CA PRO A 37 -8.11 -7.67 8.03
C PRO A 37 -8.52 -6.25 7.66
N LYS A 38 -8.34 -5.32 8.60
CA LYS A 38 -8.54 -3.90 8.31
C LYS A 38 -7.29 -3.28 7.73
N ILE A 39 -7.17 -3.35 6.39
CA ILE A 39 -5.95 -2.93 5.71
C ILE A 39 -5.56 -1.51 6.10
N TYR A 40 -4.34 -1.34 6.59
CA TYR A 40 -3.78 -0.02 6.82
C TYR A 40 -2.54 0.21 5.96
N TRP A 41 -2.36 1.44 5.50
CA TRP A 41 -1.19 1.81 4.72
C TRP A 41 -0.32 2.80 5.47
N PHE A 42 0.99 2.62 5.38
CA PHE A 42 1.94 3.62 5.86
C PHE A 42 3.26 3.54 5.09
N LYS A 43 3.89 4.69 4.89
CA LYS A 43 5.09 4.78 4.08
C LYS A 43 6.32 5.07 4.94
N ASP A 44 7.19 4.07 5.06
CA ASP A 44 8.37 4.19 5.92
C ASP A 44 7.98 4.60 7.33
N GLY A 45 6.81 4.13 7.78
CA GLY A 45 6.35 4.38 9.13
C GLY A 45 5.42 5.59 9.19
N LYS A 46 5.19 6.20 8.03
CA LYS A 46 4.33 7.37 7.94
C LYS A 46 2.90 7.00 7.58
N GLN A 47 2.03 6.94 8.58
CA GLN A 47 0.64 6.55 8.37
C GLN A 47 0.01 7.35 7.24
N ILE A 48 -0.60 6.65 6.30
CA ILE A 48 -1.22 7.30 5.14
C ILE A 48 -2.72 7.46 5.33
N SER A 49 -3.20 8.69 5.23
CA SER A 49 -4.63 8.97 5.28
C SER A 49 -5.25 8.92 3.89
N PRO A 50 -6.42 8.28 3.79
CA PRO A 50 -7.13 8.19 2.52
C PRO A 50 -7.36 9.56 1.91
N LYS A 51 -7.15 9.68 0.61
CA LYS A 51 -7.39 10.93 -0.10
C LYS A 51 -6.54 12.06 0.47
N SER A 52 -5.22 11.86 0.48
CA SER A 52 -4.30 12.87 0.98
C SER A 52 -3.77 13.75 -0.15
N ASP A 53 -2.67 14.43 0.11
CA ASP A 53 -2.08 15.34 -0.88
C ASP A 53 -1.81 14.63 -2.19
N HIS A 54 -1.23 13.43 -2.11
CA HIS A 54 -0.94 12.63 -3.29
C HIS A 54 -1.29 11.17 -3.07
N TYR A 55 -1.69 10.84 -1.85
CA TYR A 55 -1.93 9.46 -1.47
C TYR A 55 -3.42 9.16 -1.36
N THR A 56 -3.99 8.63 -2.44
CA THR A 56 -5.41 8.31 -2.48
C THR A 56 -5.66 6.84 -2.20
N ILE A 57 -6.49 6.55 -1.20
CA ILE A 57 -6.81 5.18 -0.84
C ILE A 57 -8.25 4.83 -1.19
N GLN A 58 -8.41 3.77 -1.97
CA GLN A 58 -9.75 3.24 -2.27
C GLN A 58 -9.97 1.89 -1.61
N ARG A 59 -11.14 1.71 -1.02
CA ARG A 59 -11.42 0.53 -0.20
C ARG A 59 -12.56 -0.29 -0.79
N ASP A 60 -12.22 -1.42 -1.39
CA ASP A 60 -13.23 -2.39 -1.83
C ASP A 60 -13.64 -3.31 -0.69
N LEU A 61 -14.94 -3.33 -0.39
CA LEU A 61 -15.43 -4.02 0.79
C LEU A 61 -15.25 -5.53 0.67
N ASP A 62 -14.93 -5.98 -0.55
CA ASP A 62 -14.67 -7.39 -0.79
C ASP A 62 -13.44 -7.86 -0.04
N GLY A 63 -12.57 -6.93 0.32
CA GLY A 63 -11.34 -7.25 1.04
C GLY A 63 -10.12 -6.74 0.29
N THR A 64 -10.33 -5.81 -0.62
CA THR A 64 -9.23 -5.25 -1.42
C THR A 64 -9.11 -3.75 -1.19
N CYS A 65 -7.87 -3.27 -1.11
CA CYS A 65 -7.60 -1.85 -0.97
C CYS A 65 -6.49 -1.40 -1.91
N SER A 66 -6.70 -0.29 -2.59
CA SER A 66 -5.75 0.22 -3.56
C SER A 66 -5.16 1.56 -3.13
N LEU A 67 -3.85 1.69 -3.27
CA LEU A 67 -3.17 2.94 -2.94
C LEU A 67 -2.57 3.59 -4.18
N HIS A 68 -3.02 4.80 -4.48
CA HIS A 68 -2.55 5.53 -5.65
C HIS A 68 -1.71 6.73 -5.26
N THR A 69 -0.50 6.80 -5.82
CA THR A 69 0.33 7.99 -5.68
C THR A 69 0.22 8.89 -6.91
N THR A 70 -0.32 10.08 -6.73
CA THR A 70 -0.58 10.98 -7.84
C THR A 70 0.72 11.39 -8.54
N ALA A 71 1.73 11.71 -7.76
CA ALA A 71 3.01 12.16 -8.31
C ALA A 71 4.17 11.64 -7.48
N SER A 72 4.66 10.46 -7.83
CA SER A 72 5.72 9.80 -7.06
C SER A 72 7.07 10.46 -7.34
N THR A 73 7.57 11.21 -6.36
CA THR A 73 8.86 11.87 -6.48
C THR A 73 9.91 11.19 -5.63
N LEU A 74 11.13 11.72 -5.65
CA LEU A 74 12.24 11.14 -4.91
C LEU A 74 11.97 11.17 -3.40
N ASP A 75 11.13 12.10 -2.98
CA ASP A 75 10.70 12.17 -1.58
C ASP A 75 9.62 11.13 -1.29
N ASP A 76 8.97 10.65 -2.34
CA ASP A 76 7.94 9.62 -2.20
C ASP A 76 8.54 8.23 -2.37
N ASP A 77 9.75 8.17 -2.88
CA ASP A 77 10.51 6.92 -2.93
C ASP A 77 10.67 6.32 -1.54
N GLY A 78 10.28 5.06 -1.39
CA GLY A 78 10.36 4.37 -0.11
C GLY A 78 9.44 3.16 -0.08
N ASN A 79 9.18 2.64 1.13
CA ASN A 79 8.42 1.41 1.28
C ASN A 79 7.01 1.70 1.79
N TYR A 80 6.03 1.50 0.92
CA TYR A 80 4.62 1.68 1.29
C TYR A 80 4.07 0.43 1.96
N THR A 81 4.53 0.16 3.17
CA THR A 81 4.20 -1.09 3.86
C THR A 81 2.72 -1.15 4.19
N ILE A 82 2.12 -2.31 3.93
CA ILE A 82 0.72 -2.54 4.24
C ILE A 82 0.55 -3.51 5.39
N MET A 83 -0.41 -3.23 6.28
CA MET A 83 -0.61 -4.03 7.48
C MET A 83 -1.99 -4.63 7.51
N ALA A 84 -2.06 -5.96 7.57
CA ALA A 84 -3.33 -6.67 7.66
C ALA A 84 -3.76 -6.84 9.11
N ALA A 85 -4.04 -5.72 9.78
CA ALA A 85 -4.37 -5.75 11.21
C ALA A 85 -5.79 -6.23 11.43
N ASN A 86 -5.93 -7.27 12.26
CA ASN A 86 -7.25 -7.74 12.67
C ASN A 86 -7.18 -8.38 14.06
N PRO A 87 -8.33 -8.81 14.56
CA PRO A 87 -8.43 -9.34 15.91
C PRO A 87 -7.51 -10.53 16.10
N GLN A 88 -7.19 -11.20 15.01
CA GLN A 88 -6.49 -12.49 15.07
C GLN A 88 -4.99 -12.30 14.94
N GLY A 89 -4.58 -11.05 14.69
CA GLY A 89 -3.16 -10.72 14.55
C GLY A 89 -2.94 -9.68 13.46
N ARG A 90 -1.72 -9.64 12.93
CA ARG A 90 -1.39 -8.72 11.84
C ARG A 90 -0.30 -9.29 10.96
N VAL A 91 -0.33 -8.92 9.68
CA VAL A 91 0.71 -9.33 8.74
C VAL A 91 1.27 -8.12 7.99
N SER A 92 2.59 -8.04 7.89
CA SER A 92 3.25 -6.92 7.23
C SER A 92 3.81 -7.32 5.88
N CYS A 93 3.52 -6.52 4.85
CA CYS A 93 4.09 -6.73 3.53
C CYS A 93 4.62 -5.43 2.95
N THR A 94 5.85 -5.48 2.45
CA THR A 94 6.56 -4.27 2.03
C THR A 94 6.05 -3.79 0.67
N GLY A 95 5.71 -2.51 0.59
CA GLY A 95 5.28 -1.91 -0.67
C GLY A 95 6.40 -1.11 -1.32
N ARG A 96 7.53 -1.77 -1.53
CA ARG A 96 8.71 -1.11 -2.08
C ARG A 96 8.39 -0.39 -3.38
N LEU A 97 8.53 0.93 -3.37
CA LEU A 97 8.43 1.72 -4.59
C LEU A 97 9.67 2.59 -4.80
N MET A 98 10.44 2.27 -5.82
CA MET A 98 11.65 3.01 -6.13
C MET A 98 11.41 4.04 -7.22
N VAL A 99 12.01 5.21 -7.08
CA VAL A 99 11.79 6.31 -8.01
C VAL A 99 13.09 6.69 -8.73
N GLN A 100 13.05 6.64 -10.06
CA GLN A 100 14.20 7.07 -10.86
C GLN A 100 14.22 8.58 -11.03
N ALA A 101 15.31 9.21 -10.59
CA ALA A 101 15.47 10.65 -10.71
C ALA A 101 15.44 11.08 -12.17
N VAL A 102 14.69 12.13 -12.46
CA VAL A 102 14.59 12.67 -13.82
C VAL A 102 15.10 14.10 -13.87
N ASN A 103 16.22 14.28 -14.57
CA ASN A 103 16.88 15.58 -14.62
C ASN A 103 16.08 16.58 -15.46
N GLN A 104 15.20 16.06 -16.30
CA GLN A 104 14.37 16.89 -17.17
C GLN A 104 13.07 17.30 -16.46
N ARG A 105 12.86 16.76 -15.27
CA ARG A 105 11.67 17.07 -14.50
C ARG A 105 11.70 18.50 -13.99
N GLY A 106 10.83 19.35 -14.54
CA GLY A 106 10.81 20.77 -14.20
C GLY A 106 10.25 20.99 -12.80
N ARG A 107 9.61 19.96 -12.25
CA ARG A 107 9.01 20.04 -10.93
C ARG A 107 10.01 19.63 -9.85
N SER A 108 11.21 19.27 -10.28
CA SER A 108 12.27 18.90 -9.34
C SER A 108 12.76 20.10 -8.56
N GLY A 1 -7.02 -22.21 14.20
CA GLY A 1 -7.24 -20.78 14.34
C GLY A 1 -8.42 -20.48 15.26
N GLY A 2 -8.44 -21.15 16.40
CA GLY A 2 -9.52 -20.95 17.37
C GLY A 2 -10.81 -21.63 16.92
N SER A 3 -11.82 -20.83 16.63
CA SER A 3 -13.10 -21.35 16.17
C SER A 3 -13.90 -20.28 15.41
N ASN A 4 -14.36 -20.63 14.22
CA ASN A 4 -15.09 -19.69 13.38
C ASN A 4 -14.28 -18.42 13.14
N ALA A 5 -12.99 -18.59 12.83
CA ALA A 5 -12.10 -17.46 12.63
C ALA A 5 -10.93 -17.84 11.73
N THR A 6 -10.36 -16.84 11.06
CA THR A 6 -9.24 -17.07 10.15
C THR A 6 -8.17 -15.99 10.29
N ALA A 7 -6.92 -16.41 10.44
CA ALA A 7 -5.82 -15.49 10.61
C ALA A 7 -5.64 -14.61 9.37
N PRO A 8 -5.11 -13.41 9.56
CA PRO A 8 -4.89 -12.48 8.47
C PRO A 8 -3.87 -13.05 7.48
N PHE A 9 -4.07 -12.76 6.21
CA PHE A 9 -3.22 -13.29 5.14
C PHE A 9 -3.35 -12.48 3.87
N PHE A 10 -2.23 -12.27 3.19
CA PHE A 10 -2.22 -11.58 1.91
C PHE A 10 -2.34 -12.57 0.76
N GLU A 11 -3.55 -12.71 0.22
CA GLU A 11 -3.78 -13.55 -0.94
C GLU A 11 -3.33 -12.88 -2.21
N MET A 12 -3.08 -11.57 -2.14
CA MET A 12 -2.38 -10.85 -3.19
C MET A 12 -1.43 -9.82 -2.63
N LYS A 13 -0.13 -10.09 -2.74
CA LYS A 13 0.88 -9.27 -2.10
C LYS A 13 1.41 -8.20 -3.05
N LEU A 14 2.25 -7.30 -2.53
CA LEU A 14 2.86 -6.27 -3.34
C LEU A 14 4.18 -6.74 -3.94
N LYS A 15 4.58 -6.13 -5.06
CA LYS A 15 5.85 -6.43 -5.68
C LYS A 15 6.78 -5.23 -5.64
N HIS A 16 7.99 -5.40 -6.19
CA HIS A 16 8.92 -4.29 -6.34
C HIS A 16 8.50 -3.38 -7.48
N TYR A 17 8.09 -2.16 -7.14
CA TYR A 17 7.57 -1.21 -8.12
C TYR A 17 8.65 -0.24 -8.57
N LYS A 18 8.61 0.13 -9.85
CA LYS A 18 9.56 1.08 -10.40
C LYS A 18 8.86 2.25 -11.08
N ILE A 19 9.04 3.44 -10.52
CA ILE A 19 8.27 4.61 -10.94
C ILE A 19 9.18 5.75 -11.35
N PHE A 20 8.81 6.44 -12.43
CA PHE A 20 9.51 7.65 -12.84
C PHE A 20 9.25 8.80 -11.87
N GLU A 21 10.30 9.55 -11.56
CA GLU A 21 10.17 10.69 -10.66
C GLU A 21 9.09 11.66 -11.13
N GLY A 22 8.07 11.85 -10.30
CA GLY A 22 7.03 12.82 -10.59
C GLY A 22 5.82 12.15 -11.26
N MET A 23 5.97 10.87 -11.57
CA MET A 23 4.94 10.13 -12.29
C MET A 23 3.95 9.49 -11.31
N PRO A 24 2.67 9.56 -11.66
CA PRO A 24 1.63 8.89 -10.88
C PRO A 24 1.76 7.38 -10.97
N VAL A 25 1.35 6.68 -9.91
CA VAL A 25 1.41 5.23 -9.88
C VAL A 25 0.28 4.65 -9.02
N THR A 26 -0.37 3.62 -9.54
CA THR A 26 -1.44 2.94 -8.80
C THR A 26 -1.04 1.51 -8.46
N PHE A 27 -1.21 1.14 -7.20
CA PHE A 27 -0.91 -0.22 -6.75
C PHE A 27 -1.85 -0.64 -5.63
N THR A 28 -2.07 -1.94 -5.50
CA THR A 28 -3.15 -2.46 -4.67
C THR A 28 -2.79 -3.83 -4.08
N CYS A 29 -3.47 -4.20 -3.01
CA CYS A 29 -3.21 -5.46 -2.34
C CYS A 29 -4.48 -6.04 -1.73
N ARG A 30 -4.56 -7.36 -1.66
CA ARG A 30 -5.80 -8.03 -1.28
C ARG A 30 -5.55 -9.03 -0.17
N VAL A 31 -6.46 -9.05 0.81
CA VAL A 31 -6.31 -9.90 1.99
C VAL A 31 -7.47 -10.88 2.11
N ALA A 32 -7.26 -11.93 2.91
CA ALA A 32 -8.31 -12.92 3.15
C ALA A 32 -8.25 -13.44 4.58
N GLY A 33 -8.81 -12.68 5.51
CA GLY A 33 -8.90 -13.11 6.91
C GLY A 33 -10.34 -13.15 7.37
N ASN A 34 -10.53 -13.44 8.67
CA ASN A 34 -11.86 -13.47 9.26
C ASN A 34 -11.79 -13.25 10.75
N PRO A 35 -12.19 -12.06 11.19
CA PRO A 35 -12.75 -11.07 10.29
C PRO A 35 -11.69 -10.53 9.34
N LYS A 36 -12.14 -9.99 8.21
CA LYS A 36 -11.22 -9.50 7.19
C LYS A 36 -10.41 -8.31 7.71
N PRO A 37 -9.10 -8.34 7.44
CA PRO A 37 -8.19 -7.33 7.95
C PRO A 37 -8.64 -5.93 7.54
N LYS A 38 -8.45 -4.96 8.43
CA LYS A 38 -8.66 -3.56 8.10
C LYS A 38 -7.42 -2.94 7.49
N ILE A 39 -7.15 -3.26 6.23
CA ILE A 39 -5.90 -2.88 5.58
C ILE A 39 -5.52 -1.45 5.95
N TYR A 40 -4.31 -1.28 6.48
CA TYR A 40 -3.74 0.04 6.68
C TYR A 40 -2.53 0.28 5.78
N TRP A 41 -2.37 1.52 5.33
CA TRP A 41 -1.21 1.88 4.52
C TRP A 41 -0.33 2.89 5.25
N PHE A 42 0.98 2.68 5.18
CA PHE A 42 1.94 3.65 5.69
C PHE A 42 3.28 3.53 4.98
N LYS A 43 3.96 4.65 4.80
CA LYS A 43 5.22 4.68 4.05
C LYS A 43 6.40 4.94 4.98
N ASP A 44 7.22 3.91 5.17
CA ASP A 44 8.35 3.99 6.09
C ASP A 44 7.90 4.46 7.46
N GLY A 45 6.69 4.09 7.85
CA GLY A 45 6.17 4.40 9.17
C GLY A 45 5.27 5.62 9.12
N LYS A 46 5.12 6.21 7.94
CA LYS A 46 4.31 7.41 7.77
C LYS A 46 2.88 7.05 7.33
N GLN A 47 1.97 7.06 8.28
CA GLN A 47 0.58 6.66 8.02
C GLN A 47 -0.01 7.48 6.88
N ILE A 48 -0.63 6.79 5.92
CA ILE A 48 -1.28 7.45 4.80
C ILE A 48 -2.79 7.31 4.88
N SER A 49 -3.48 8.44 4.98
CA SER A 49 -4.93 8.45 5.03
C SER A 49 -5.53 8.55 3.63
N PRO A 50 -6.76 8.06 3.48
CA PRO A 50 -7.45 8.12 2.19
C PRO A 50 -7.63 9.56 1.73
N LYS A 51 -7.51 9.77 0.42
CA LYS A 51 -7.75 11.09 -0.17
C LYS A 51 -6.90 12.16 0.50
N SER A 52 -5.61 11.87 0.66
CA SER A 52 -4.68 12.82 1.23
C SER A 52 -4.23 13.84 0.19
N ASP A 53 -3.22 14.64 0.54
CA ASP A 53 -2.75 15.70 -0.34
C ASP A 53 -2.10 15.13 -1.59
N HIS A 54 -1.46 13.97 -1.45
CA HIS A 54 -0.65 13.40 -2.52
C HIS A 54 -1.01 11.95 -2.77
N TYR A 55 -1.87 11.39 -1.93
CA TYR A 55 -2.24 9.98 -2.01
C TYR A 55 -3.75 9.82 -1.94
N THR A 56 -4.26 8.77 -2.59
CA THR A 56 -5.67 8.42 -2.52
C THR A 56 -5.87 6.93 -2.31
N ILE A 57 -6.70 6.59 -1.33
CA ILE A 57 -6.94 5.18 -1.00
C ILE A 57 -8.38 4.79 -1.32
N GLN A 58 -8.53 3.73 -2.10
CA GLN A 58 -9.85 3.16 -2.36
C GLN A 58 -10.00 1.79 -1.69
N ARG A 59 -11.19 1.52 -1.16
CA ARG A 59 -11.42 0.32 -0.37
C ARG A 59 -12.52 -0.54 -0.99
N ASP A 60 -12.12 -1.60 -1.66
CA ASP A 60 -13.06 -2.60 -2.15
C ASP A 60 -13.50 -3.55 -1.02
N LEU A 61 -14.80 -3.60 -0.79
CA LEU A 61 -15.34 -4.31 0.36
C LEU A 61 -15.11 -5.82 0.24
N ASP A 62 -14.71 -6.25 -0.95
CA ASP A 62 -14.39 -7.66 -1.18
C ASP A 62 -13.17 -8.08 -0.37
N GLY A 63 -12.36 -7.11 0.03
CA GLY A 63 -11.16 -7.38 0.81
C GLY A 63 -9.92 -6.84 0.10
N THR A 64 -10.12 -5.89 -0.80
CA THR A 64 -9.02 -5.30 -1.56
C THR A 64 -8.93 -3.79 -1.31
N CYS A 65 -7.71 -3.29 -1.19
CA CYS A 65 -7.49 -1.86 -1.00
C CYS A 65 -6.37 -1.37 -1.91
N SER A 66 -6.60 -0.23 -2.55
CA SER A 66 -5.66 0.30 -3.54
C SER A 66 -5.12 1.66 -3.13
N LEU A 67 -3.80 1.81 -3.16
CA LEU A 67 -3.17 3.08 -2.85
C LEU A 67 -2.61 3.73 -4.11
N HIS A 68 -3.06 4.94 -4.40
CA HIS A 68 -2.61 5.67 -5.58
C HIS A 68 -1.74 6.87 -5.18
N THR A 69 -0.58 6.98 -5.80
CA THR A 69 0.28 8.15 -5.62
C THR A 69 0.18 9.09 -6.81
N THR A 70 -0.11 10.36 -6.53
CA THR A 70 -0.31 11.34 -7.59
C THR A 70 0.99 11.67 -8.30
N ALA A 71 2.04 11.87 -7.52
CA ALA A 71 3.35 12.24 -8.06
C ALA A 71 4.48 11.63 -7.26
N SER A 72 4.90 10.42 -7.65
CA SER A 72 5.92 9.69 -6.91
C SER A 72 7.31 10.20 -7.26
N THR A 73 7.81 11.15 -6.47
CA THR A 73 9.14 11.70 -6.68
C THR A 73 10.18 10.92 -5.88
N LEU A 74 11.44 11.31 -6.03
CA LEU A 74 12.53 10.65 -5.32
C LEU A 74 12.35 10.79 -3.81
N ASP A 75 11.72 11.87 -3.38
CA ASP A 75 11.42 12.08 -1.97
C ASP A 75 10.31 11.14 -1.50
N ASP A 76 9.56 10.59 -2.46
CA ASP A 76 8.49 9.67 -2.15
C ASP A 76 8.96 8.22 -2.29
N ASP A 77 10.22 8.05 -2.66
CA ASP A 77 10.82 6.72 -2.77
C ASP A 77 10.98 6.08 -1.38
N GLY A 78 10.54 4.83 -1.26
CA GLY A 78 10.64 4.12 0.01
C GLY A 78 9.67 2.94 0.04
N ASN A 79 9.41 2.42 1.23
CA ASN A 79 8.61 1.22 1.39
C ASN A 79 7.20 1.57 1.88
N TYR A 80 6.23 1.46 0.98
CA TYR A 80 4.83 1.70 1.34
C TYR A 80 4.21 0.47 1.99
N THR A 81 4.64 0.18 3.21
CA THR A 81 4.28 -1.06 3.88
C THR A 81 2.78 -1.13 4.16
N ILE A 82 2.18 -2.27 3.87
CA ILE A 82 0.77 -2.47 4.14
C ILE A 82 0.58 -3.48 5.28
N MET A 83 -0.39 -3.20 6.15
CA MET A 83 -0.61 -4.01 7.34
C MET A 83 -2.01 -4.62 7.34
N ALA A 84 -2.09 -5.94 7.37
CA ALA A 84 -3.35 -6.64 7.50
C ALA A 84 -3.73 -6.81 8.97
N ALA A 85 -4.20 -5.74 9.58
CA ALA A 85 -4.53 -5.75 11.01
C ALA A 85 -5.96 -6.20 11.25
N ASN A 86 -6.11 -7.27 12.03
CA ASN A 86 -7.43 -7.72 12.46
C ASN A 86 -7.37 -8.33 13.85
N PRO A 87 -8.54 -8.73 14.37
CA PRO A 87 -8.64 -9.24 15.72
C PRO A 87 -7.73 -10.46 15.92
N GLN A 88 -7.44 -11.15 14.83
CA GLN A 88 -6.73 -12.43 14.90
C GLN A 88 -5.23 -12.23 14.81
N GLY A 89 -4.80 -10.99 14.59
CA GLY A 89 -3.39 -10.65 14.58
C GLY A 89 -3.06 -9.65 13.47
N ARG A 90 -1.78 -9.42 13.24
CA ARG A 90 -1.34 -8.47 12.23
C ARG A 90 -0.28 -9.09 11.32
N VAL A 91 -0.32 -8.72 10.05
CA VAL A 91 0.69 -9.18 9.09
C VAL A 91 1.19 -8.02 8.24
N SER A 92 2.51 -7.88 8.17
CA SER A 92 3.13 -6.80 7.41
C SER A 92 3.66 -7.29 6.06
N CYS A 93 3.45 -6.49 5.02
CA CYS A 93 4.02 -6.76 3.72
C CYS A 93 4.62 -5.52 3.09
N THR A 94 5.87 -5.62 2.64
CA THR A 94 6.62 -4.45 2.18
C THR A 94 6.09 -3.97 0.83
N GLY A 95 5.79 -2.67 0.75
CA GLY A 95 5.35 -2.07 -0.50
C GLY A 95 6.48 -1.29 -1.15
N ARG A 96 7.57 -1.99 -1.46
CA ARG A 96 8.76 -1.35 -2.03
C ARG A 96 8.41 -0.56 -3.28
N LEU A 97 8.47 0.76 -3.18
CA LEU A 97 8.36 1.62 -4.36
C LEU A 97 9.66 2.37 -4.63
N MET A 98 10.37 1.94 -5.67
CA MET A 98 11.63 2.57 -6.04
C MET A 98 11.42 3.59 -7.16
N VAL A 99 11.95 4.79 -6.97
CA VAL A 99 11.75 5.88 -7.92
C VAL A 99 13.05 6.25 -8.61
N GLN A 100 12.97 6.50 -9.92
CA GLN A 100 14.14 6.84 -10.71
C GLN A 100 13.93 8.15 -11.47
N ALA A 101 14.93 9.03 -11.40
CA ALA A 101 14.92 10.27 -12.17
C ALA A 101 15.08 9.99 -13.66
N VAL A 102 14.20 10.59 -14.47
CA VAL A 102 14.19 10.34 -15.90
C VAL A 102 14.17 11.64 -16.70
N ASN A 103 15.17 11.82 -17.55
CA ASN A 103 15.34 13.08 -18.27
C ASN A 103 14.21 13.30 -19.26
N GLN A 104 13.61 12.21 -19.71
CA GLN A 104 12.52 12.29 -20.68
C GLN A 104 11.18 12.50 -19.97
N ARG A 105 11.20 12.49 -18.65
CA ARG A 105 10.01 12.73 -17.85
C ARG A 105 9.88 14.20 -17.46
N GLY A 106 8.79 14.84 -17.89
CA GLY A 106 8.63 16.27 -17.70
C GLY A 106 8.46 16.61 -16.23
N ARG A 107 7.96 15.66 -15.45
CA ARG A 107 7.71 15.88 -14.03
C ARG A 107 8.91 15.48 -13.19
N SER A 108 9.96 14.99 -13.85
CA SER A 108 11.17 14.57 -13.17
C SER A 108 12.16 15.72 -13.03
N GLY A 1 -6.15 -11.58 21.04
CA GLY A 1 -5.46 -12.85 21.22
C GLY A 1 -6.35 -14.02 20.84
N GLY A 2 -5.74 -15.12 20.44
CA GLY A 2 -6.46 -16.26 19.90
C GLY A 2 -6.75 -16.09 18.41
N SER A 3 -7.83 -16.70 17.94
CA SER A 3 -8.26 -16.54 16.56
C SER A 3 -9.77 -16.40 16.47
N ASN A 4 -10.48 -17.52 16.63
CA ASN A 4 -11.92 -17.54 16.50
C ASN A 4 -12.36 -16.94 15.16
N ALA A 5 -11.50 -17.06 14.16
CA ALA A 5 -11.73 -16.41 12.88
C ALA A 5 -10.67 -16.80 11.86
N THR A 6 -10.85 -16.37 10.62
CA THR A 6 -9.85 -16.57 9.57
C THR A 6 -8.65 -15.66 9.80
N ALA A 7 -7.46 -16.27 9.84
CA ALA A 7 -6.24 -15.54 10.18
C ALA A 7 -5.91 -14.50 9.12
N PRO A 8 -5.36 -13.37 9.57
CA PRO A 8 -4.96 -12.31 8.65
C PRO A 8 -3.80 -12.74 7.76
N PHE A 9 -4.01 -12.72 6.46
CA PHE A 9 -2.98 -13.10 5.51
C PHE A 9 -3.30 -12.59 4.11
N PHE A 10 -2.28 -12.06 3.43
CA PHE A 10 -2.45 -11.53 2.08
C PHE A 10 -2.46 -12.65 1.04
N GLU A 11 -3.61 -12.83 0.39
CA GLU A 11 -3.71 -13.73 -0.75
C GLU A 11 -3.15 -13.07 -2.01
N MET A 12 -2.97 -11.75 -1.95
CA MET A 12 -2.22 -11.04 -2.98
C MET A 12 -1.29 -10.01 -2.36
N LYS A 13 0.02 -10.21 -2.54
CA LYS A 13 1.02 -9.41 -1.85
C LYS A 13 1.61 -8.35 -2.77
N LEU A 14 2.30 -7.38 -2.19
CA LEU A 14 2.91 -6.31 -2.96
C LEU A 14 4.25 -6.75 -3.54
N LYS A 15 4.61 -6.18 -4.69
CA LYS A 15 5.87 -6.50 -5.35
C LYS A 15 6.79 -5.30 -5.39
N HIS A 16 7.97 -5.48 -5.98
CA HIS A 16 8.89 -4.38 -6.21
C HIS A 16 8.41 -3.48 -7.35
N TYR A 17 8.05 -2.25 -7.03
CA TYR A 17 7.50 -1.33 -8.01
C TYR A 17 8.52 -0.25 -8.40
N LYS A 18 8.44 0.20 -9.64
CA LYS A 18 9.32 1.27 -10.11
C LYS A 18 8.54 2.32 -10.89
N ILE A 19 8.89 3.58 -10.68
CA ILE A 19 8.21 4.69 -11.34
C ILE A 19 9.14 5.86 -11.55
N PHE A 20 8.90 6.63 -12.61
CA PHE A 20 9.70 7.81 -12.91
C PHE A 20 9.30 8.98 -12.02
N GLU A 21 10.28 9.80 -11.68
CA GLU A 21 10.05 10.94 -10.78
C GLU A 21 8.93 11.83 -11.29
N GLY A 22 7.89 11.98 -10.49
CA GLY A 22 6.81 12.93 -10.80
C GLY A 22 5.62 12.21 -11.43
N MET A 23 5.84 10.97 -11.88
CA MET A 23 4.80 10.22 -12.57
C MET A 23 3.90 9.50 -11.58
N PRO A 24 2.67 9.25 -12.00
CA PRO A 24 1.71 8.53 -11.17
C PRO A 24 2.01 7.03 -11.14
N VAL A 25 1.63 6.37 -10.06
CA VAL A 25 1.79 4.93 -9.94
C VAL A 25 0.74 4.33 -9.02
N THR A 26 0.14 3.21 -9.45
CA THR A 26 -0.90 2.55 -8.67
C THR A 26 -0.50 1.12 -8.32
N PHE A 27 -0.72 0.75 -7.07
CA PHE A 27 -0.50 -0.62 -6.63
C PHE A 27 -1.42 -1.00 -5.48
N THR A 28 -1.73 -2.29 -5.37
CA THR A 28 -2.83 -2.74 -4.54
C THR A 28 -2.54 -4.10 -3.92
N CYS A 29 -3.22 -4.41 -2.81
CA CYS A 29 -3.02 -5.67 -2.12
C CYS A 29 -4.34 -6.21 -1.56
N ARG A 30 -4.41 -7.52 -1.41
CA ARG A 30 -5.67 -8.19 -1.11
C ARG A 30 -5.50 -9.20 0.03
N VAL A 31 -6.39 -9.11 1.02
CA VAL A 31 -6.30 -9.96 2.21
C VAL A 31 -7.39 -11.02 2.21
N ALA A 32 -7.01 -12.26 2.53
CA ALA A 32 -7.98 -13.33 2.70
C ALA A 32 -8.37 -13.48 4.16
N GLY A 33 -9.03 -12.46 4.70
CA GLY A 33 -9.44 -12.46 6.10
C GLY A 33 -10.96 -12.64 6.22
N ASN A 34 -11.41 -13.01 7.42
CA ASN A 34 -12.83 -13.16 7.69
C ASN A 34 -13.09 -13.29 9.18
N PRO A 35 -13.53 -12.20 9.80
CA PRO A 35 -13.78 -10.96 9.08
C PRO A 35 -12.47 -10.30 8.66
N LYS A 36 -12.59 -9.28 7.80
CA LYS A 36 -11.41 -8.56 7.32
C LYS A 36 -10.74 -7.78 8.45
N PRO A 37 -9.42 -7.86 8.50
CA PRO A 37 -8.65 -7.13 9.51
C PRO A 37 -8.78 -5.63 9.30
N LYS A 38 -8.15 -4.86 10.19
CA LYS A 38 -8.09 -3.41 10.04
C LYS A 38 -6.94 -2.98 9.14
N ILE A 39 -7.16 -3.09 7.83
CA ILE A 39 -6.10 -2.89 6.86
C ILE A 39 -5.81 -1.40 6.66
N TYR A 40 -4.53 -1.04 6.69
CA TYR A 40 -4.12 0.34 6.48
C TYR A 40 -2.75 0.42 5.83
N TRP A 41 -2.40 1.60 5.33
CA TRP A 41 -1.10 1.81 4.69
C TRP A 41 -0.21 2.70 5.54
N PHE A 42 1.09 2.50 5.41
CA PHE A 42 2.07 3.46 5.95
C PHE A 42 3.37 3.41 5.15
N LYS A 43 4.01 4.56 5.02
CA LYS A 43 5.22 4.68 4.20
C LYS A 43 6.45 4.90 5.07
N ASP A 44 7.31 3.89 5.15
CA ASP A 44 8.49 3.96 6.01
C ASP A 44 8.11 4.32 7.44
N GLY A 45 6.93 3.87 7.86
CA GLY A 45 6.48 4.08 9.23
C GLY A 45 5.51 5.26 9.33
N LYS A 46 5.31 5.93 8.20
CA LYS A 46 4.45 7.11 8.16
C LYS A 46 3.03 6.74 7.74
N GLN A 47 2.13 6.63 8.71
CA GLN A 47 0.77 6.24 8.44
C GLN A 47 0.14 7.11 7.36
N ILE A 48 -0.47 6.47 6.36
CA ILE A 48 -1.04 7.18 5.23
C ILE A 48 -2.54 7.37 5.41
N SER A 49 -2.99 8.61 5.33
CA SER A 49 -4.42 8.91 5.36
C SER A 49 -5.03 8.82 3.96
N PRO A 50 -6.16 8.12 3.87
CA PRO A 50 -6.86 7.99 2.59
C PRO A 50 -7.15 9.35 1.98
N LYS A 51 -6.95 9.45 0.67
CA LYS A 51 -7.24 10.68 -0.06
C LYS A 51 -6.41 11.84 0.49
N SER A 52 -5.09 11.68 0.46
CA SER A 52 -4.19 12.73 0.93
C SER A 52 -3.71 13.60 -0.22
N ASP A 53 -2.61 14.32 -0.01
CA ASP A 53 -2.07 15.22 -1.01
C ASP A 53 -1.83 14.49 -2.34
N HIS A 54 -1.22 13.31 -2.24
CA HIS A 54 -0.95 12.49 -3.42
C HIS A 54 -1.30 11.03 -3.17
N TYR A 55 -1.64 10.71 -1.94
CA TYR A 55 -1.85 9.33 -1.53
C TYR A 55 -3.33 9.00 -1.42
N THR A 56 -3.90 8.50 -2.51
CA THR A 56 -5.32 8.16 -2.55
C THR A 56 -5.53 6.67 -2.29
N ILE A 57 -6.28 6.36 -1.24
CA ILE A 57 -6.55 4.97 -0.87
C ILE A 57 -7.97 4.57 -1.23
N GLN A 58 -8.12 3.52 -2.03
CA GLN A 58 -9.42 2.96 -2.33
C GLN A 58 -9.65 1.66 -1.58
N ARG A 59 -10.67 1.64 -0.74
CA ARG A 59 -10.94 0.49 0.12
C ARG A 59 -12.10 -0.35 -0.42
N ASP A 60 -11.77 -1.33 -1.25
CA ASP A 60 -12.76 -2.30 -1.73
C ASP A 60 -13.16 -3.25 -0.60
N LEU A 61 -14.45 -3.26 -0.28
CA LEU A 61 -14.95 -3.97 0.89
C LEU A 61 -14.84 -5.47 0.68
N ASP A 62 -14.55 -5.89 -0.55
CA ASP A 62 -14.34 -7.30 -0.85
C ASP A 62 -13.08 -7.82 -0.19
N GLY A 63 -12.18 -6.91 0.18
CA GLY A 63 -10.97 -7.27 0.89
C GLY A 63 -9.74 -6.79 0.14
N THR A 64 -9.93 -5.85 -0.78
CA THR A 64 -8.83 -5.31 -1.57
C THR A 64 -8.61 -3.83 -1.27
N CYS A 65 -7.37 -3.49 -0.94
CA CYS A 65 -7.00 -2.09 -0.70
C CYS A 65 -5.98 -1.62 -1.72
N SER A 66 -6.31 -0.53 -2.41
CA SER A 66 -5.44 0.00 -3.46
C SER A 66 -4.90 1.38 -3.09
N LEU A 67 -3.60 1.56 -3.27
CA LEU A 67 -2.96 2.84 -3.01
C LEU A 67 -2.46 3.47 -4.31
N HIS A 68 -2.98 4.66 -4.63
CA HIS A 68 -2.53 5.39 -5.80
C HIS A 68 -1.70 6.62 -5.41
N THR A 69 -0.49 6.70 -5.96
CA THR A 69 0.33 7.90 -5.79
C THR A 69 0.27 8.77 -7.03
N THR A 70 -0.27 9.98 -6.87
CA THR A 70 -0.48 10.87 -8.00
C THR A 70 0.85 11.31 -8.61
N ALA A 71 1.81 11.65 -7.75
CA ALA A 71 3.10 12.15 -8.21
C ALA A 71 4.24 11.61 -7.34
N SER A 72 4.74 10.43 -7.70
CA SER A 72 5.79 9.78 -6.93
C SER A 72 7.16 10.38 -7.24
N THR A 73 7.68 11.18 -6.31
CA THR A 73 8.98 11.81 -6.50
C THR A 73 10.04 11.15 -5.63
N LEU A 74 11.27 11.66 -5.72
CA LEU A 74 12.39 11.09 -4.97
C LEU A 74 12.14 11.16 -3.47
N ASP A 75 11.36 12.16 -3.05
CA ASP A 75 10.97 12.28 -1.65
C ASP A 75 9.88 11.29 -1.29
N ASP A 76 9.21 10.76 -2.31
CA ASP A 76 8.16 9.76 -2.09
C ASP A 76 8.72 8.35 -2.23
N ASP A 77 9.90 8.23 -2.81
CA ASP A 77 10.59 6.95 -2.90
C ASP A 77 10.77 6.33 -1.52
N GLY A 78 10.37 5.06 -1.39
CA GLY A 78 10.46 4.35 -0.12
C GLY A 78 9.54 3.15 -0.10
N ASN A 79 9.29 2.62 1.10
CA ASN A 79 8.52 1.39 1.25
C ASN A 79 7.11 1.69 1.75
N TYR A 80 6.12 1.53 0.87
CA TYR A 80 4.73 1.73 1.24
C TYR A 80 4.13 0.47 1.85
N THR A 81 4.57 0.13 3.05
CA THR A 81 4.20 -1.12 3.69
C THR A 81 2.73 -1.13 4.06
N ILE A 82 2.05 -2.23 3.75
CA ILE A 82 0.66 -2.40 4.13
C ILE A 82 0.49 -3.46 5.22
N MET A 83 -0.35 -3.16 6.21
CA MET A 83 -0.56 -4.05 7.33
C MET A 83 -2.03 -4.34 7.54
N ALA A 84 -2.39 -5.62 7.63
CA ALA A 84 -3.75 -6.02 7.95
C ALA A 84 -3.87 -6.39 9.43
N ALA A 85 -3.67 -5.40 10.30
CA ALA A 85 -3.64 -5.63 11.73
C ALA A 85 -5.04 -5.87 12.29
N ASN A 86 -5.14 -6.77 13.26
CA ASN A 86 -6.38 -6.95 14.01
C ASN A 86 -6.12 -7.55 15.38
N PRO A 87 -7.17 -7.65 16.18
CA PRO A 87 -7.04 -8.10 17.56
C PRO A 87 -6.44 -9.50 17.64
N GLN A 88 -6.60 -10.27 16.56
CA GLN A 88 -6.25 -11.68 16.57
C GLN A 88 -4.87 -11.90 15.98
N GLY A 89 -4.23 -10.82 15.53
CA GLY A 89 -2.92 -10.91 14.90
C GLY A 89 -2.78 -9.90 13.78
N ARG A 90 -1.66 -9.94 13.07
CA ARG A 90 -1.37 -8.99 12.01
C ARG A 90 -0.53 -9.62 10.91
N VAL A 91 -0.54 -9.02 9.74
CA VAL A 91 0.31 -9.43 8.64
C VAL A 91 0.72 -8.25 7.77
N SER A 92 1.98 -8.24 7.34
CA SER A 92 2.57 -7.07 6.70
C SER A 92 3.26 -7.44 5.40
N CYS A 93 3.05 -6.61 4.38
CA CYS A 93 3.79 -6.74 3.12
C CYS A 93 4.40 -5.41 2.70
N THR A 94 5.62 -5.46 2.19
CA THR A 94 6.39 -4.26 1.92
C THR A 94 6.09 -3.72 0.52
N GLY A 95 5.56 -2.51 0.44
CA GLY A 95 5.23 -1.89 -0.84
C GLY A 95 6.41 -1.12 -1.39
N ARG A 96 7.52 -1.81 -1.62
CA ARG A 96 8.73 -1.19 -2.15
C ARG A 96 8.43 -0.43 -3.44
N LEU A 97 8.57 0.90 -3.37
CA LEU A 97 8.43 1.74 -4.55
C LEU A 97 9.69 2.58 -4.79
N MET A 98 10.43 2.23 -5.83
CA MET A 98 11.64 2.98 -6.19
C MET A 98 11.34 4.02 -7.26
N VAL A 99 11.95 5.19 -7.13
CA VAL A 99 11.70 6.30 -8.04
C VAL A 99 12.95 6.65 -8.84
N GLN A 100 12.80 6.73 -10.16
CA GLN A 100 13.91 7.10 -11.03
C GLN A 100 13.96 8.61 -11.24
N ALA A 101 15.08 9.20 -10.84
CA ALA A 101 15.25 10.65 -10.94
C ALA A 101 15.16 11.12 -12.38
N VAL A 102 14.43 12.22 -12.60
CA VAL A 102 14.27 12.78 -13.93
C VAL A 102 14.84 14.19 -14.01
N ASN A 103 15.89 14.36 -14.80
CA ASN A 103 16.60 15.62 -14.89
C ASN A 103 15.76 16.68 -15.60
N GLN A 104 14.81 16.21 -16.41
CA GLN A 104 13.93 17.10 -17.16
C GLN A 104 12.74 17.55 -16.32
N ARG A 105 12.61 16.97 -15.13
CA ARG A 105 11.53 17.31 -14.22
C ARG A 105 11.76 18.68 -13.60
N GLY A 106 10.90 19.64 -13.93
CA GLY A 106 11.05 21.01 -13.47
C GLY A 106 10.88 21.11 -11.96
N ARG A 107 10.15 20.15 -11.39
CA ARG A 107 9.90 20.14 -9.95
C ARG A 107 10.74 19.07 -9.26
N SER A 108 11.80 18.62 -9.94
CA SER A 108 12.68 17.60 -9.40
C SER A 108 13.20 17.97 -8.02
N GLY A 1 -4.73 -18.60 14.13
CA GLY A 1 -4.35 -17.44 14.93
C GLY A 1 -5.58 -16.64 15.34
N GLY A 2 -5.53 -16.08 16.55
CA GLY A 2 -6.64 -15.29 17.06
C GLY A 2 -7.68 -16.18 17.73
N SER A 3 -8.83 -15.58 18.06
CA SER A 3 -9.93 -16.32 18.67
C SER A 3 -11.28 -15.84 18.16
N ASN A 4 -12.11 -16.78 17.72
CA ASN A 4 -13.40 -16.45 17.14
C ASN A 4 -13.24 -15.67 15.85
N ALA A 5 -12.16 -15.94 15.13
CA ALA A 5 -11.87 -15.23 13.89
C ALA A 5 -10.74 -15.91 13.12
N THR A 6 -10.63 -15.58 11.84
CA THR A 6 -9.57 -16.13 10.99
C THR A 6 -8.43 -15.13 10.80
N ALA A 7 -7.23 -15.55 11.13
CA ALA A 7 -6.06 -14.69 10.98
C ALA A 7 -5.91 -14.20 9.54
N PRO A 8 -5.61 -12.91 9.38
CA PRO A 8 -5.51 -12.32 8.06
C PRO A 8 -4.25 -12.80 7.34
N PHE A 9 -4.34 -12.89 6.01
CA PHE A 9 -3.18 -13.21 5.19
C PHE A 9 -3.33 -12.64 3.78
N PHE A 10 -2.20 -12.41 3.13
CA PHE A 10 -2.19 -11.72 1.84
C PHE A 10 -2.48 -12.68 0.69
N GLU A 11 -3.75 -12.77 0.31
CA GLU A 11 -4.14 -13.48 -0.90
C GLU A 11 -3.42 -12.92 -2.13
N MET A 12 -3.23 -11.61 -2.14
CA MET A 12 -2.43 -10.95 -3.18
C MET A 12 -1.42 -10.00 -2.57
N LYS A 13 -0.14 -10.23 -2.88
CA LYS A 13 0.94 -9.49 -2.26
C LYS A 13 1.47 -8.41 -3.19
N LEU A 14 2.24 -7.48 -2.64
CA LEU A 14 2.84 -6.41 -3.42
C LEU A 14 4.15 -6.86 -4.07
N LYS A 15 4.51 -6.21 -5.17
CA LYS A 15 5.78 -6.50 -5.84
C LYS A 15 6.70 -5.29 -5.79
N HIS A 16 7.96 -5.49 -6.19
CA HIS A 16 8.91 -4.40 -6.31
C HIS A 16 8.52 -3.46 -7.44
N TYR A 17 8.10 -2.24 -7.08
CA TYR A 17 7.60 -1.28 -8.05
C TYR A 17 8.66 -0.25 -8.40
N LYS A 18 8.64 0.20 -9.65
CA LYS A 18 9.55 1.24 -10.10
C LYS A 18 8.83 2.29 -10.94
N ILE A 19 9.18 3.55 -10.73
CA ILE A 19 8.54 4.66 -11.45
C ILE A 19 9.51 5.81 -11.67
N PHE A 20 9.29 6.56 -12.74
CA PHE A 20 10.05 7.78 -12.99
C PHE A 20 9.52 8.94 -12.15
N GLU A 21 10.42 9.81 -11.72
CA GLU A 21 10.05 10.95 -10.89
C GLU A 21 8.94 11.77 -11.53
N GLY A 22 7.85 11.96 -10.79
CA GLY A 22 6.78 12.85 -11.21
C GLY A 22 5.59 12.08 -11.74
N MET A 23 5.80 10.82 -12.06
CA MET A 23 4.76 9.99 -12.68
C MET A 23 3.86 9.37 -11.62
N PRO A 24 2.63 9.08 -12.00
CA PRO A 24 1.67 8.45 -11.10
C PRO A 24 1.98 6.97 -10.90
N VAL A 25 1.57 6.43 -9.75
CA VAL A 25 1.80 5.03 -9.44
C VAL A 25 0.55 4.38 -8.86
N THR A 26 0.13 3.28 -9.46
CA THR A 26 -1.05 2.55 -8.99
C THR A 26 -0.70 1.11 -8.62
N PHE A 27 -1.04 0.73 -7.40
CA PHE A 27 -0.89 -0.66 -6.96
C PHE A 27 -1.87 -0.99 -5.86
N THR A 28 -2.12 -2.29 -5.66
CA THR A 28 -3.16 -2.74 -4.75
C THR A 28 -2.80 -4.09 -4.13
N CYS A 29 -3.37 -4.38 -2.96
CA CYS A 29 -3.08 -5.61 -2.25
C CYS A 29 -4.34 -6.17 -1.60
N ARG A 30 -4.42 -7.49 -1.50
CA ARG A 30 -5.63 -8.17 -1.04
C ARG A 30 -5.34 -9.03 0.18
N VAL A 31 -6.05 -8.74 1.28
CA VAL A 31 -5.92 -9.53 2.49
C VAL A 31 -7.20 -10.34 2.75
N ALA A 32 -7.06 -11.65 2.79
CA ALA A 32 -8.20 -12.53 2.99
C ALA A 32 -8.39 -12.88 4.46
N GLY A 33 -8.71 -11.85 5.25
CA GLY A 33 -9.01 -12.04 6.67
C GLY A 33 -10.50 -12.25 6.89
N ASN A 34 -10.87 -12.53 8.15
CA ASN A 34 -12.27 -12.67 8.52
C ASN A 34 -12.47 -12.47 10.00
N PRO A 35 -13.02 -11.33 10.38
CA PRO A 35 -13.46 -10.34 9.40
C PRO A 35 -12.27 -9.64 8.76
N LYS A 36 -12.50 -9.07 7.57
CA LYS A 36 -11.47 -8.31 6.88
C LYS A 36 -11.01 -7.12 7.72
N PRO A 37 -9.77 -7.16 8.18
CA PRO A 37 -9.21 -6.07 8.97
C PRO A 37 -9.21 -4.77 8.19
N LYS A 38 -9.23 -3.65 8.92
CA LYS A 38 -9.13 -2.33 8.30
C LYS A 38 -7.73 -2.09 7.75
N ILE A 39 -7.46 -2.66 6.58
CA ILE A 39 -6.13 -2.56 5.98
C ILE A 39 -5.55 -1.16 6.13
N TYR A 40 -4.37 -1.08 6.73
CA TYR A 40 -3.70 0.20 6.91
C TYR A 40 -2.52 0.34 5.95
N TRP A 41 -2.23 1.57 5.54
CA TRP A 41 -1.04 1.85 4.75
C TRP A 41 -0.14 2.85 5.46
N PHE A 42 1.17 2.65 5.34
CA PHE A 42 2.15 3.61 5.83
C PHE A 42 3.46 3.52 5.04
N LYS A 43 4.11 4.66 4.87
CA LYS A 43 5.31 4.73 4.04
C LYS A 43 6.55 4.97 4.89
N ASP A 44 7.40 3.95 5.00
CA ASP A 44 8.58 4.03 5.85
C ASP A 44 8.21 4.43 7.27
N GLY A 45 7.04 3.99 7.71
CA GLY A 45 6.59 4.23 9.09
C GLY A 45 5.69 5.46 9.16
N LYS A 46 5.46 6.09 8.00
CA LYS A 46 4.65 7.29 7.95
C LYS A 46 3.20 6.95 7.59
N GLN A 47 2.34 6.92 8.60
CA GLN A 47 0.94 6.55 8.41
C GLN A 47 0.31 7.37 7.29
N ILE A 48 -0.34 6.67 6.35
CA ILE A 48 -0.98 7.32 5.22
C ILE A 48 -2.47 7.47 5.44
N SER A 49 -2.96 8.71 5.33
CA SER A 49 -4.39 8.97 5.40
C SER A 49 -5.05 8.87 4.03
N PRO A 50 -6.18 8.17 3.98
CA PRO A 50 -6.94 8.02 2.75
C PRO A 50 -7.25 9.38 2.13
N LYS A 51 -7.11 9.47 0.81
CA LYS A 51 -7.42 10.70 0.09
C LYS A 51 -6.59 11.87 0.61
N SER A 52 -5.27 11.72 0.58
CA SER A 52 -4.37 12.77 1.03
C SER A 52 -3.89 13.63 -0.14
N ASP A 53 -2.81 14.35 0.06
CA ASP A 53 -2.28 15.25 -0.95
C ASP A 53 -2.02 14.51 -2.27
N HIS A 54 -1.40 13.35 -2.16
CA HIS A 54 -1.10 12.52 -3.33
C HIS A 54 -1.42 11.06 -3.08
N TYR A 55 -1.79 10.74 -1.84
CA TYR A 55 -1.95 9.36 -1.41
C TYR A 55 -3.43 9.01 -1.25
N THR A 56 -4.01 8.41 -2.29
CA THR A 56 -5.41 8.03 -2.27
C THR A 56 -5.58 6.54 -1.93
N ILE A 57 -6.36 6.27 -0.89
CA ILE A 57 -6.61 4.89 -0.48
C ILE A 57 -8.05 4.47 -0.76
N GLN A 58 -8.21 3.39 -1.50
CA GLN A 58 -9.53 2.82 -1.74
C GLN A 58 -9.66 1.43 -1.12
N ARG A 59 -10.37 1.35 -0.01
CA ARG A 59 -10.47 0.12 0.77
C ARG A 59 -11.78 -0.60 0.51
N ASP A 60 -11.73 -1.61 -0.34
CA ASP A 60 -12.89 -2.48 -0.58
C ASP A 60 -13.07 -3.48 0.55
N LEU A 61 -14.29 -3.58 1.06
CA LEU A 61 -14.56 -4.41 2.24
C LEU A 61 -14.39 -5.90 1.91
N ASP A 62 -14.32 -6.21 0.62
CA ASP A 62 -14.11 -7.57 0.18
C ASP A 62 -12.74 -8.09 0.62
N GLY A 63 -11.80 -7.18 0.79
CA GLY A 63 -10.47 -7.53 1.30
C GLY A 63 -9.38 -6.89 0.46
N THR A 64 -9.76 -6.33 -0.68
CA THR A 64 -8.81 -5.66 -1.56
C THR A 64 -8.78 -4.16 -1.29
N CYS A 65 -7.58 -3.63 -1.09
CA CYS A 65 -7.40 -2.20 -0.90
C CYS A 65 -6.28 -1.65 -1.79
N SER A 66 -6.59 -0.59 -2.53
CA SER A 66 -5.63 -0.03 -3.46
C SER A 66 -5.03 1.28 -2.93
N LEU A 67 -3.75 1.48 -3.22
CA LEU A 67 -3.09 2.74 -2.89
C LEU A 67 -2.54 3.42 -4.14
N HIS A 68 -3.05 4.61 -4.45
CA HIS A 68 -2.62 5.34 -5.62
C HIS A 68 -1.81 6.57 -5.25
N THR A 69 -0.63 6.70 -5.84
CA THR A 69 0.17 7.92 -5.71
C THR A 69 0.03 8.81 -6.95
N THR A 70 -0.51 10.00 -6.74
CA THR A 70 -0.79 10.91 -7.85
C THR A 70 0.50 11.34 -8.54
N ALA A 71 1.50 11.67 -7.75
CA ALA A 71 2.77 12.16 -8.29
C ALA A 71 3.95 11.65 -7.46
N SER A 72 4.46 10.48 -7.83
CA SER A 72 5.55 9.86 -7.09
C SER A 72 6.89 10.50 -7.44
N THR A 73 7.42 11.29 -6.53
CA THR A 73 8.71 11.96 -6.75
C THR A 73 9.82 11.25 -5.98
N LEU A 74 11.05 11.73 -6.15
CA LEU A 74 12.20 11.12 -5.51
C LEU A 74 12.03 11.08 -3.99
N ASP A 75 11.39 12.10 -3.45
CA ASP A 75 11.14 12.17 -2.01
C ASP A 75 10.07 11.18 -1.57
N ASP A 76 9.31 10.69 -2.55
CA ASP A 76 8.27 9.70 -2.27
C ASP A 76 8.82 8.28 -2.39
N ASP A 77 10.07 8.17 -2.83
CA ASP A 77 10.74 6.88 -2.91
C ASP A 77 10.88 6.24 -1.53
N GLY A 78 10.42 5.00 -1.41
CA GLY A 78 10.49 4.28 -0.14
C GLY A 78 9.53 3.10 -0.14
N ASN A 79 9.26 2.57 1.05
CA ASN A 79 8.47 1.35 1.19
C ASN A 79 7.07 1.66 1.69
N TYR A 80 6.08 1.50 0.82
CA TYR A 80 4.68 1.72 1.20
C TYR A 80 4.08 0.48 1.83
N THR A 81 4.53 0.17 3.05
CA THR A 81 4.17 -1.09 3.69
C THR A 81 2.68 -1.15 4.01
N ILE A 82 2.06 -2.27 3.69
CA ILE A 82 0.66 -2.51 4.06
C ILE A 82 0.57 -3.46 5.25
N MET A 83 -0.39 -3.19 6.14
CA MET A 83 -0.56 -3.98 7.34
C MET A 83 -2.03 -4.15 7.69
N ALA A 84 -2.46 -5.40 7.83
CA ALA A 84 -3.83 -5.70 8.20
C ALA A 84 -3.98 -5.87 9.71
N ALA A 85 -3.74 -4.79 10.45
CA ALA A 85 -3.75 -4.84 11.90
C ALA A 85 -5.17 -4.98 12.44
N ASN A 86 -5.35 -5.87 13.40
CA ASN A 86 -6.63 -6.04 14.06
C ASN A 86 -6.46 -6.63 15.45
N PRO A 87 -7.56 -6.71 16.20
CA PRO A 87 -7.52 -7.13 17.59
C PRO A 87 -6.91 -8.52 17.71
N GLN A 88 -7.11 -9.34 16.69
CA GLN A 88 -6.76 -10.76 16.77
C GLN A 88 -5.38 -11.03 16.20
N GLY A 89 -4.71 -9.97 15.78
CA GLY A 89 -3.35 -10.06 15.27
C GLY A 89 -3.11 -9.13 14.11
N ARG A 90 -1.93 -9.22 13.50
CA ARG A 90 -1.58 -8.35 12.38
C ARG A 90 -0.63 -9.05 11.41
N VAL A 91 -0.63 -8.60 10.16
CA VAL A 91 0.31 -9.10 9.17
C VAL A 91 0.62 -8.04 8.11
N SER A 92 1.89 -7.95 7.72
CA SER A 92 2.36 -6.83 6.93
C SER A 92 3.12 -7.30 5.69
N CYS A 93 3.22 -6.43 4.70
CA CYS A 93 3.98 -6.72 3.49
C CYS A 93 4.56 -5.45 2.87
N THR A 94 5.83 -5.52 2.48
CA THR A 94 6.55 -4.35 2.03
C THR A 94 6.03 -3.87 0.68
N GLY A 95 5.74 -2.58 0.57
CA GLY A 95 5.30 -1.99 -0.69
C GLY A 95 6.42 -1.20 -1.34
N ARG A 96 7.55 -1.86 -1.56
CA ARG A 96 8.73 -1.19 -2.11
C ARG A 96 8.40 -0.46 -3.41
N LEU A 97 8.52 0.86 -3.37
CA LEU A 97 8.41 1.67 -4.58
C LEU A 97 9.65 2.54 -4.78
N MET A 98 10.44 2.21 -5.80
CA MET A 98 11.65 2.97 -6.10
C MET A 98 11.38 4.00 -7.20
N VAL A 99 12.00 5.17 -7.04
CA VAL A 99 11.78 6.27 -7.98
C VAL A 99 13.07 6.67 -8.66
N GLN A 100 13.05 6.66 -10.00
CA GLN A 100 14.18 7.16 -10.78
C GLN A 100 14.15 8.67 -10.92
N ALA A 101 15.17 9.34 -10.41
CA ALA A 101 15.27 10.79 -10.50
C ALA A 101 15.34 11.25 -11.95
N VAL A 102 14.58 12.27 -12.28
CA VAL A 102 14.54 12.80 -13.64
C VAL A 102 15.05 14.24 -13.69
N ASN A 103 16.18 14.44 -14.34
CA ASN A 103 16.83 15.75 -14.37
C ASN A 103 16.05 16.72 -15.25
N GLN A 104 15.21 16.18 -16.12
CA GLN A 104 14.41 17.01 -17.01
C GLN A 104 13.09 17.40 -16.37
N ARG A 105 12.83 16.86 -15.18
CA ARG A 105 11.60 17.16 -14.45
C ARG A 105 11.61 18.60 -13.94
N GLY A 106 10.75 19.43 -14.53
CA GLY A 106 10.71 20.84 -14.20
C GLY A 106 10.08 21.07 -12.83
N ARG A 107 9.42 20.03 -12.31
CA ARG A 107 8.76 20.11 -11.01
C ARG A 107 9.71 19.71 -9.89
N SER A 108 10.95 19.38 -10.26
CA SER A 108 11.97 19.02 -9.28
C SER A 108 12.40 20.23 -8.46
N GLY A 1 -10.06 -26.31 14.94
CA GLY A 1 -9.02 -25.31 14.73
C GLY A 1 -9.56 -23.90 14.92
N GLY A 2 -8.95 -23.15 15.84
CA GLY A 2 -9.37 -21.79 16.11
C GLY A 2 -10.78 -21.75 16.70
N SER A 3 -11.66 -20.98 16.05
CA SER A 3 -13.03 -20.81 16.53
C SER A 3 -13.82 -19.90 15.60
N ASN A 4 -14.20 -20.41 14.44
CA ASN A 4 -14.95 -19.64 13.47
C ASN A 4 -14.23 -18.34 13.12
N ALA A 5 -12.92 -18.46 12.88
CA ALA A 5 -12.10 -17.29 12.58
C ALA A 5 -10.86 -17.68 11.78
N THR A 6 -10.33 -16.72 11.03
CA THR A 6 -9.17 -16.98 10.18
C THR A 6 -8.14 -15.86 10.30
N ALA A 7 -6.88 -16.25 10.52
CA ALA A 7 -5.80 -15.29 10.66
C ALA A 7 -5.62 -14.48 9.38
N PRO A 8 -5.12 -13.26 9.53
CA PRO A 8 -4.89 -12.38 8.39
C PRO A 8 -3.82 -12.95 7.46
N PHE A 9 -3.98 -12.72 6.17
CA PHE A 9 -3.07 -13.27 5.17
C PHE A 9 -3.19 -12.53 3.85
N PHE A 10 -2.04 -12.28 3.21
CA PHE A 10 -2.02 -11.64 1.90
C PHE A 10 -2.09 -12.66 0.78
N GLU A 11 -3.28 -12.83 0.21
CA GLU A 11 -3.48 -13.71 -0.93
C GLU A 11 -3.02 -13.04 -2.22
N MET A 12 -2.83 -11.73 -2.16
CA MET A 12 -2.16 -11.01 -3.23
C MET A 12 -1.23 -9.94 -2.69
N LYS A 13 0.07 -10.19 -2.77
CA LYS A 13 1.06 -9.31 -2.13
C LYS A 13 1.56 -8.24 -3.10
N LEU A 14 2.26 -7.25 -2.56
CA LEU A 14 2.84 -6.20 -3.39
C LEU A 14 4.16 -6.65 -4.00
N LYS A 15 4.55 -6.00 -5.08
CA LYS A 15 5.82 -6.28 -5.74
C LYS A 15 6.77 -5.09 -5.67
N HIS A 16 7.96 -5.25 -6.24
CA HIS A 16 8.90 -4.14 -6.37
C HIS A 16 8.58 -3.29 -7.59
N TYR A 17 8.09 -2.08 -7.36
CA TYR A 17 7.61 -1.23 -8.44
C TYR A 17 8.67 -0.22 -8.86
N LYS A 18 8.72 0.06 -10.16
CA LYS A 18 9.63 1.09 -10.69
C LYS A 18 8.85 2.25 -11.29
N ILE A 19 9.05 3.44 -10.76
CA ILE A 19 8.27 4.61 -11.14
C ILE A 19 9.18 5.76 -11.57
N PHE A 20 8.78 6.45 -12.63
CA PHE A 20 9.49 7.66 -13.06
C PHE A 20 9.20 8.82 -12.12
N GLU A 21 10.22 9.63 -11.86
CA GLU A 21 10.08 10.79 -10.99
C GLU A 21 8.98 11.73 -11.50
N GLY A 22 7.94 11.90 -10.69
CA GLY A 22 6.86 12.82 -11.03
C GLY A 22 5.70 12.08 -11.68
N MET A 23 5.91 10.79 -11.97
CA MET A 23 4.89 9.99 -12.63
C MET A 23 3.97 9.32 -11.61
N PRO A 24 2.67 9.41 -11.85
CA PRO A 24 1.68 8.77 -10.98
C PRO A 24 1.79 7.26 -11.07
N VAL A 25 1.43 6.59 -9.99
CA VAL A 25 1.49 5.13 -9.93
C VAL A 25 0.36 4.56 -9.08
N THR A 26 -0.29 3.52 -9.58
CA THR A 26 -1.34 2.84 -8.84
C THR A 26 -0.95 1.41 -8.49
N PHE A 27 -1.09 1.04 -7.22
CA PHE A 27 -0.80 -0.31 -6.78
C PHE A 27 -1.74 -0.74 -5.67
N THR A 28 -1.96 -2.05 -5.55
CA THR A 28 -3.03 -2.58 -4.73
C THR A 28 -2.66 -3.95 -4.15
N CYS A 29 -3.34 -4.34 -3.07
CA CYS A 29 -3.07 -5.61 -2.42
C CYS A 29 -4.34 -6.20 -1.81
N ARG A 30 -4.42 -7.51 -1.80
CA ARG A 30 -5.64 -8.21 -1.41
C ARG A 30 -5.37 -9.17 -0.25
N VAL A 31 -6.26 -9.15 0.74
CA VAL A 31 -6.12 -10.02 1.90
C VAL A 31 -7.28 -11.00 2.00
N ALA A 32 -7.09 -12.05 2.81
CA ALA A 32 -8.15 -13.03 3.02
C ALA A 32 -8.14 -13.54 4.47
N GLY A 33 -8.66 -12.72 5.37
CA GLY A 33 -8.79 -13.10 6.77
C GLY A 33 -10.24 -13.14 7.22
N ASN A 34 -10.47 -13.41 8.50
CA ASN A 34 -11.82 -13.46 9.05
C ASN A 34 -11.80 -13.18 10.54
N PRO A 35 -12.25 -11.99 10.92
CA PRO A 35 -12.86 -11.07 9.97
C PRO A 35 -11.83 -10.49 9.01
N LYS A 36 -12.30 -10.02 7.87
CA LYS A 36 -11.41 -9.46 6.85
C LYS A 36 -10.62 -8.28 7.40
N PRO A 37 -9.29 -8.34 7.24
CA PRO A 37 -8.41 -7.32 7.77
C PRO A 37 -8.80 -5.94 7.25
N LYS A 38 -8.64 -4.92 8.10
CA LYS A 38 -8.85 -3.54 7.68
C LYS A 38 -7.57 -2.92 7.13
N ILE A 39 -7.23 -3.30 5.90
CA ILE A 39 -5.94 -2.95 5.32
C ILE A 39 -5.57 -1.50 5.64
N TYR A 40 -4.44 -1.30 6.31
CA TYR A 40 -3.90 0.03 6.54
C TYR A 40 -2.62 0.25 5.74
N TRP A 41 -2.37 1.50 5.38
CA TRP A 41 -1.17 1.86 4.64
C TRP A 41 -0.30 2.83 5.43
N PHE A 42 1.01 2.63 5.37
CA PHE A 42 1.96 3.60 5.88
C PHE A 42 3.30 3.49 5.16
N LYS A 43 3.97 4.64 4.99
CA LYS A 43 5.18 4.70 4.18
C LYS A 43 6.41 4.93 5.05
N ASP A 44 7.24 3.91 5.17
CA ASP A 44 8.42 3.98 6.03
C ASP A 44 8.05 4.40 7.45
N GLY A 45 6.87 3.97 7.89
CA GLY A 45 6.42 4.24 9.25
C GLY A 45 5.52 5.46 9.31
N LYS A 46 5.29 6.07 8.15
CA LYS A 46 4.46 7.27 8.06
C LYS A 46 3.02 6.92 7.71
N GLN A 47 2.16 6.88 8.71
CA GLN A 47 0.76 6.53 8.51
C GLN A 47 0.14 7.35 7.40
N ILE A 48 -0.50 6.67 6.45
CA ILE A 48 -1.12 7.34 5.30
C ILE A 48 -2.62 7.48 5.50
N SER A 49 -3.12 8.71 5.42
CA SER A 49 -4.55 8.97 5.48
C SER A 49 -5.19 8.87 4.10
N PRO A 50 -6.32 8.19 4.01
CA PRO A 50 -7.06 8.06 2.76
C PRO A 50 -7.35 9.42 2.14
N LYS A 51 -7.18 9.53 0.83
CA LYS A 51 -7.48 10.76 0.13
C LYS A 51 -6.66 11.92 0.67
N SER A 52 -5.34 11.77 0.65
CA SER A 52 -4.43 12.81 1.11
C SER A 52 -3.94 13.68 -0.04
N ASP A 53 -2.86 14.40 0.20
CA ASP A 53 -2.32 15.30 -0.82
C ASP A 53 -2.03 14.58 -2.12
N HIS A 54 -1.40 13.42 -2.01
CA HIS A 54 -1.06 12.61 -3.18
C HIS A 54 -1.38 11.14 -2.94
N TYR A 55 -1.78 10.81 -1.73
CA TYR A 55 -1.97 9.42 -1.33
C TYR A 55 -3.45 9.09 -1.18
N THR A 56 -4.03 8.51 -2.22
CA THR A 56 -5.44 8.15 -2.22
C THR A 56 -5.64 6.68 -1.92
N ILE A 57 -6.36 6.39 -0.85
CA ILE A 57 -6.63 5.00 -0.46
C ILE A 57 -8.07 4.62 -0.77
N GLN A 58 -8.25 3.54 -1.53
CA GLN A 58 -9.57 2.98 -1.77
C GLN A 58 -9.68 1.57 -1.22
N ARG A 59 -10.44 1.43 -0.12
CA ARG A 59 -10.55 0.15 0.56
C ARG A 59 -11.86 -0.54 0.21
N ASP A 60 -11.79 -1.50 -0.70
CA ASP A 60 -12.95 -2.33 -1.03
C ASP A 60 -13.19 -3.40 0.03
N LEU A 61 -14.42 -3.47 0.53
CA LEU A 61 -14.75 -4.37 1.62
C LEU A 61 -14.64 -5.82 1.20
N ASP A 62 -14.54 -6.05 -0.10
CA ASP A 62 -14.36 -7.40 -0.63
C ASP A 62 -13.07 -8.02 -0.12
N GLY A 63 -12.08 -7.17 0.15
CA GLY A 63 -10.81 -7.64 0.71
C GLY A 63 -9.63 -7.03 -0.04
N THR A 64 -9.92 -6.22 -1.04
CA THR A 64 -8.88 -5.54 -1.82
C THR A 64 -8.84 -4.06 -1.50
N CYS A 65 -7.64 -3.54 -1.30
CA CYS A 65 -7.45 -2.11 -1.09
C CYS A 65 -6.30 -1.57 -1.94
N SER A 66 -6.53 -0.43 -2.57
CA SER A 66 -5.56 0.14 -3.50
C SER A 66 -5.03 1.48 -2.99
N LEU A 67 -3.73 1.70 -3.15
CA LEU A 67 -3.11 2.98 -2.83
C LEU A 67 -2.54 3.64 -4.08
N HIS A 68 -3.11 4.79 -4.45
CA HIS A 68 -2.63 5.54 -5.60
C HIS A 68 -1.76 6.72 -5.18
N THR A 69 -0.59 6.83 -5.79
CA THR A 69 0.26 7.99 -5.61
C THR A 69 0.19 8.92 -6.81
N THR A 70 -0.32 10.13 -6.59
CA THR A 70 -0.54 11.08 -7.68
C THR A 70 0.78 11.58 -8.26
N ALA A 71 1.74 11.84 -7.37
CA ALA A 71 3.03 12.38 -7.78
C ALA A 71 4.17 11.68 -7.06
N SER A 72 4.55 10.50 -7.56
CA SER A 72 5.64 9.73 -6.96
C SER A 72 6.99 10.32 -7.33
N THR A 73 7.64 10.95 -6.34
CA THR A 73 8.95 11.55 -6.56
C THR A 73 10.02 10.88 -5.72
N LEU A 74 11.24 11.39 -5.78
CA LEU A 74 12.36 10.81 -5.06
C LEU A 74 12.15 10.90 -3.56
N ASP A 75 11.35 11.88 -3.13
CA ASP A 75 10.98 12.00 -1.73
C ASP A 75 9.90 11.00 -1.35
N ASP A 76 9.22 10.46 -2.37
CA ASP A 76 8.19 9.46 -2.14
C ASP A 76 8.74 8.05 -2.28
N ASP A 77 9.92 7.94 -2.90
CA ASP A 77 10.63 6.66 -2.96
C ASP A 77 10.83 6.08 -1.58
N GLY A 78 10.44 4.81 -1.42
CA GLY A 78 10.52 4.14 -0.13
C GLY A 78 9.55 2.96 -0.07
N ASN A 79 9.28 2.49 1.15
CA ASN A 79 8.48 1.30 1.35
C ASN A 79 7.08 1.64 1.84
N TYR A 80 6.10 1.51 0.95
CA TYR A 80 4.70 1.71 1.33
C TYR A 80 4.13 0.50 2.03
N THR A 81 4.61 0.25 3.25
CA THR A 81 4.30 -0.98 3.95
C THR A 81 2.80 -1.10 4.24
N ILE A 82 2.24 -2.26 3.94
CA ILE A 82 0.81 -2.49 4.15
C ILE A 82 0.57 -3.46 5.30
N MET A 83 -0.44 -3.17 6.12
CA MET A 83 -0.72 -3.96 7.30
C MET A 83 -2.11 -4.58 7.26
N ALA A 84 -2.17 -5.90 7.30
CA ALA A 84 -3.44 -6.61 7.37
C ALA A 84 -3.92 -6.75 8.81
N ALA A 85 -4.32 -5.65 9.42
CA ALA A 85 -4.70 -5.63 10.82
C ALA A 85 -6.14 -6.08 11.01
N ASN A 86 -6.34 -7.13 11.79
CA ASN A 86 -7.67 -7.56 12.18
C ASN A 86 -7.69 -8.11 13.60
N PRO A 87 -8.87 -8.51 14.06
CA PRO A 87 -9.05 -8.95 15.43
C PRO A 87 -8.14 -10.14 15.75
N GLN A 88 -7.77 -10.88 14.73
CA GLN A 88 -7.07 -12.15 14.91
C GLN A 88 -5.57 -11.96 14.85
N GLY A 89 -5.14 -10.73 14.59
CA GLY A 89 -3.73 -10.40 14.49
C GLY A 89 -3.45 -9.43 13.35
N ARG A 90 -2.18 -9.30 12.99
CA ARG A 90 -1.78 -8.41 11.90
C ARG A 90 -0.57 -8.94 11.17
N VAL A 91 -0.48 -8.66 9.87
CA VAL A 91 0.65 -9.07 9.06
C VAL A 91 1.19 -7.93 8.22
N SER A 92 2.51 -7.76 8.23
CA SER A 92 3.15 -6.69 7.46
C SER A 92 3.71 -7.21 6.15
N CYS A 93 3.53 -6.43 5.09
CA CYS A 93 4.15 -6.73 3.80
C CYS A 93 4.72 -5.47 3.16
N THR A 94 5.95 -5.58 2.68
CA THR A 94 6.67 -4.41 2.17
C THR A 94 6.08 -3.93 0.85
N GLY A 95 5.79 -2.63 0.78
CA GLY A 95 5.31 -2.02 -0.45
C GLY A 95 6.43 -1.27 -1.16
N ARG A 96 7.48 -1.99 -1.53
CA ARG A 96 8.69 -1.38 -2.05
C ARG A 96 8.41 -0.62 -3.35
N LEU A 97 8.49 0.70 -3.29
CA LEU A 97 8.38 1.53 -4.48
C LEU A 97 9.68 2.28 -4.75
N MET A 98 10.28 2.04 -5.91
CA MET A 98 11.52 2.69 -6.28
C MET A 98 11.31 3.73 -7.38
N VAL A 99 11.84 4.93 -7.15
CA VAL A 99 11.66 6.02 -8.10
C VAL A 99 12.96 6.39 -8.79
N GLN A 100 12.93 6.37 -10.13
CA GLN A 100 14.11 6.70 -10.91
C GLN A 100 13.86 7.90 -11.81
N ALA A 101 14.93 8.37 -12.47
CA ALA A 101 14.82 9.51 -13.37
C ALA A 101 13.94 9.18 -14.58
N VAL A 102 13.24 10.19 -15.07
CA VAL A 102 12.32 10.01 -16.20
C VAL A 102 13.09 9.72 -17.49
N ASN A 103 13.09 8.46 -17.89
CA ASN A 103 13.84 8.05 -19.08
C ASN A 103 13.27 8.69 -20.34
N GLN A 104 11.99 9.03 -20.29
CA GLN A 104 11.32 9.68 -21.41
C GLN A 104 11.72 11.15 -21.53
N ARG A 105 12.24 11.70 -20.45
CA ARG A 105 12.63 13.11 -20.41
C ARG A 105 13.99 13.32 -21.07
N GLY A 106 13.99 14.06 -22.18
CA GLY A 106 15.22 14.30 -22.92
C GLY A 106 16.16 15.22 -22.17
N ARG A 107 15.61 15.94 -21.18
CA ARG A 107 16.41 16.85 -20.38
C ARG A 107 16.99 16.16 -19.15
N SER A 108 16.65 14.89 -18.98
CA SER A 108 17.14 14.11 -17.85
C SER A 108 18.62 13.82 -17.98
N GLY A 1 -11.71 -28.85 14.19
CA GLY A 1 -11.99 -27.89 15.24
C GLY A 1 -12.51 -26.58 14.67
N GLY A 2 -11.74 -25.98 13.77
CA GLY A 2 -12.13 -24.72 13.15
C GLY A 2 -12.20 -23.59 14.17
N SER A 3 -13.35 -22.93 14.24
CA SER A 3 -13.47 -21.67 14.96
C SER A 3 -14.19 -20.62 14.12
N ASN A 4 -14.49 -20.97 12.87
CA ASN A 4 -15.15 -20.05 11.96
C ASN A 4 -14.37 -18.74 11.84
N ALA A 5 -13.05 -18.85 11.69
CA ALA A 5 -12.20 -17.68 11.59
C ALA A 5 -10.90 -18.01 10.84
N THR A 6 -10.29 -16.99 10.25
CA THR A 6 -9.08 -17.16 9.48
C THR A 6 -8.09 -16.03 9.74
N ALA A 7 -6.85 -16.39 10.07
CA ALA A 7 -5.82 -15.41 10.36
C ALA A 7 -5.48 -14.60 9.12
N PRO A 8 -5.16 -13.33 9.32
CA PRO A 8 -4.80 -12.44 8.22
C PRO A 8 -3.67 -13.02 7.38
N PHE A 9 -3.87 -13.06 6.07
CA PHE A 9 -2.84 -13.49 5.14
C PHE A 9 -3.05 -12.90 3.76
N PHE A 10 -2.04 -12.20 3.25
CA PHE A 10 -2.13 -11.54 1.96
C PHE A 10 -2.12 -12.56 0.83
N GLU A 11 -3.29 -12.77 0.22
CA GLU A 11 -3.38 -13.55 -1.00
C GLU A 11 -2.79 -12.80 -2.19
N MET A 12 -2.70 -11.48 -2.05
CA MET A 12 -2.01 -10.66 -3.04
C MET A 12 -1.19 -9.56 -2.38
N LYS A 13 0.13 -9.64 -2.54
CA LYS A 13 1.03 -8.71 -1.87
C LYS A 13 1.46 -7.59 -2.81
N LEU A 14 2.14 -6.59 -2.25
CA LEU A 14 2.60 -5.45 -3.04
C LEU A 14 3.83 -5.80 -3.86
N LYS A 15 3.94 -5.19 -5.04
CA LYS A 15 5.07 -5.46 -5.93
C LYS A 15 6.07 -4.32 -5.92
N HIS A 16 7.26 -4.58 -6.44
CA HIS A 16 8.29 -3.56 -6.56
C HIS A 16 8.18 -2.81 -7.88
N TYR A 17 7.77 -1.55 -7.83
CA TYR A 17 7.54 -0.76 -9.02
C TYR A 17 8.71 0.18 -9.31
N LYS A 18 8.99 0.38 -10.59
CA LYS A 18 10.03 1.32 -10.99
C LYS A 18 9.43 2.54 -11.70
N ILE A 19 9.13 3.56 -10.92
CA ILE A 19 8.35 4.69 -11.41
C ILE A 19 9.20 5.94 -11.54
N PHE A 20 8.98 6.70 -12.60
CA PHE A 20 9.73 7.95 -12.82
C PHE A 20 9.18 9.08 -11.96
N GLU A 21 10.09 9.90 -11.45
CA GLU A 21 9.70 11.01 -10.58
C GLU A 21 8.62 11.86 -11.23
N GLY A 22 7.52 12.06 -10.52
CA GLY A 22 6.42 12.90 -11.00
C GLY A 22 5.33 12.05 -11.65
N MET A 23 5.68 10.84 -12.06
CA MET A 23 4.75 9.96 -12.72
C MET A 23 3.78 9.32 -11.74
N PRO A 24 2.49 9.29 -12.10
CA PRO A 24 1.48 8.63 -11.28
C PRO A 24 1.63 7.11 -11.34
N VAL A 25 1.24 6.46 -10.27
CA VAL A 25 1.27 4.99 -10.21
C VAL A 25 0.21 4.46 -9.25
N THR A 26 -0.54 3.46 -9.70
CA THR A 26 -1.53 2.80 -8.85
C THR A 26 -1.09 1.38 -8.49
N PHE A 27 -1.16 1.07 -7.20
CA PHE A 27 -0.78 -0.25 -6.72
C PHE A 27 -1.62 -0.65 -5.51
N THR A 28 -1.84 -1.95 -5.35
CA THR A 28 -2.90 -2.45 -4.48
C THR A 28 -2.55 -3.83 -3.93
N CYS A 29 -3.21 -4.21 -2.83
CA CYS A 29 -3.03 -5.53 -2.27
C CYS A 29 -4.36 -6.12 -1.80
N ARG A 30 -4.35 -7.38 -1.40
CA ARG A 30 -5.56 -8.07 -0.97
C ARG A 30 -5.26 -9.09 0.12
N VAL A 31 -6.06 -9.08 1.17
CA VAL A 31 -5.86 -9.98 2.29
C VAL A 31 -7.03 -10.94 2.45
N ALA A 32 -6.73 -12.24 2.52
CA ALA A 32 -7.76 -13.27 2.61
C ALA A 32 -7.92 -13.76 4.05
N GLY A 33 -8.43 -12.90 4.91
CA GLY A 33 -8.66 -13.24 6.31
C GLY A 33 -10.14 -13.35 6.62
N ASN A 34 -10.46 -13.63 7.89
CA ASN A 34 -11.85 -13.72 8.33
C ASN A 34 -11.96 -13.52 9.82
N PRO A 35 -12.50 -12.37 10.22
CA PRO A 35 -13.11 -11.45 9.27
C PRO A 35 -12.05 -10.74 8.43
N LYS A 36 -12.48 -10.11 7.34
CA LYS A 36 -11.56 -9.46 6.41
C LYS A 36 -10.78 -8.36 7.12
N PRO A 37 -9.48 -8.59 7.28
CA PRO A 37 -8.61 -7.62 7.95
C PRO A 37 -8.63 -6.27 7.24
N LYS A 38 -8.51 -5.20 8.02
CA LYS A 38 -8.39 -3.85 7.46
C LYS A 38 -6.94 -3.51 7.17
N ILE A 39 -6.67 -3.06 5.95
CA ILE A 39 -5.30 -2.81 5.50
C ILE A 39 -4.95 -1.34 5.62
N TYR A 40 -3.98 -1.03 6.48
CA TYR A 40 -3.57 0.34 6.72
C TYR A 40 -2.26 0.65 6.00
N TRP A 41 -2.13 1.89 5.52
CA TRP A 41 -0.95 2.31 4.77
C TRP A 41 -0.06 3.20 5.60
N PHE A 42 1.24 2.93 5.56
CA PHE A 42 2.24 3.87 6.07
C PHE A 42 3.56 3.74 5.31
N LYS A 43 4.20 4.86 5.06
CA LYS A 43 5.40 4.88 4.22
C LYS A 43 6.65 5.17 5.06
N ASP A 44 7.50 4.17 5.22
CA ASP A 44 8.67 4.27 6.09
C ASP A 44 8.27 4.70 7.49
N GLY A 45 7.09 4.25 7.93
CA GLY A 45 6.62 4.53 9.28
C GLY A 45 5.72 5.76 9.31
N LYS A 46 5.54 6.38 8.14
CA LYS A 46 4.72 7.59 8.05
C LYS A 46 3.29 7.25 7.66
N GLN A 47 2.40 7.23 8.65
CA GLN A 47 1.01 6.88 8.43
C GLN A 47 0.41 7.71 7.30
N ILE A 48 -0.21 7.04 6.35
CA ILE A 48 -0.81 7.70 5.19
C ILE A 48 -2.31 7.90 5.38
N SER A 49 -2.75 9.14 5.25
CA SER A 49 -4.18 9.45 5.31
C SER A 49 -4.83 9.32 3.95
N PRO A 50 -5.98 8.63 3.91
CA PRO A 50 -6.73 8.47 2.69
C PRO A 50 -7.03 9.81 2.03
N LYS A 51 -6.94 9.86 0.71
CA LYS A 51 -7.26 11.06 -0.04
C LYS A 51 -6.40 12.23 0.41
N SER A 52 -5.08 12.04 0.39
CA SER A 52 -4.15 13.10 0.78
C SER A 52 -3.65 13.86 -0.43
N ASP A 53 -2.55 14.58 -0.27
CA ASP A 53 -2.00 15.41 -1.33
C ASP A 53 -1.77 14.59 -2.60
N HIS A 54 -1.18 13.41 -2.45
CA HIS A 54 -0.88 12.55 -3.57
C HIS A 54 -1.25 11.11 -3.29
N TYR A 55 -1.68 10.84 -2.07
CA TYR A 55 -1.94 9.48 -1.61
C TYR A 55 -3.43 9.22 -1.44
N THR A 56 -4.05 8.66 -2.47
CA THR A 56 -5.47 8.31 -2.43
C THR A 56 -5.68 6.85 -2.07
N ILE A 57 -6.28 6.61 -0.91
CA ILE A 57 -6.51 5.24 -0.44
C ILE A 57 -7.96 4.83 -0.65
N GLN A 58 -8.15 3.63 -1.19
CA GLN A 58 -9.49 3.06 -1.33
C GLN A 58 -9.54 1.64 -0.77
N ARG A 59 -10.23 1.48 0.35
CA ARG A 59 -10.29 0.19 1.03
C ARG A 59 -11.60 -0.54 0.75
N ASP A 60 -11.57 -1.48 -0.17
CA ASP A 60 -12.72 -2.35 -0.43
C ASP A 60 -12.93 -3.34 0.72
N LEU A 61 -14.15 -3.38 1.23
CA LEU A 61 -14.45 -4.21 2.39
C LEU A 61 -14.33 -5.69 2.06
N ASP A 62 -14.28 -6.01 0.78
CA ASP A 62 -14.13 -7.39 0.34
C ASP A 62 -12.78 -7.95 0.76
N GLY A 63 -11.80 -7.06 0.94
CA GLY A 63 -10.49 -7.46 1.42
C GLY A 63 -9.39 -6.85 0.56
N THR A 64 -9.78 -6.08 -0.44
CA THR A 64 -8.82 -5.41 -1.32
C THR A 64 -8.65 -3.94 -0.91
N CYS A 65 -7.41 -3.48 -0.87
CA CYS A 65 -7.12 -2.09 -0.54
C CYS A 65 -6.08 -1.51 -1.48
N SER A 66 -6.44 -0.41 -2.13
CA SER A 66 -5.59 0.19 -3.17
C SER A 66 -5.01 1.51 -2.70
N LEU A 67 -3.80 1.82 -3.16
CA LEU A 67 -3.23 3.16 -3.00
C LEU A 67 -2.79 3.73 -4.34
N HIS A 68 -3.37 4.87 -4.71
CA HIS A 68 -2.93 5.61 -5.88
C HIS A 68 -1.99 6.74 -5.51
N THR A 69 -0.80 6.75 -6.11
CA THR A 69 0.13 7.86 -5.96
C THR A 69 0.08 8.78 -7.17
N THR A 70 -0.37 10.01 -6.94
CA THR A 70 -0.54 10.97 -8.04
C THR A 70 0.79 11.37 -8.65
N ALA A 71 1.80 11.56 -7.81
CA ALA A 71 3.11 11.99 -8.26
C ALA A 71 4.22 11.31 -7.46
N SER A 72 4.67 10.16 -7.95
CA SER A 72 5.69 9.38 -7.26
C SER A 72 7.08 9.96 -7.49
N THR A 73 7.39 11.01 -6.74
CA THR A 73 8.69 11.68 -6.88
C THR A 73 9.77 10.97 -6.07
N LEU A 74 11.00 11.45 -6.19
CA LEU A 74 12.14 10.80 -5.54
C LEU A 74 11.95 10.74 -4.03
N ASP A 75 11.26 11.74 -3.49
CA ASP A 75 11.00 11.78 -2.06
C ASP A 75 9.95 10.75 -1.65
N ASP A 76 9.23 10.22 -2.64
CA ASP A 76 8.21 9.21 -2.41
C ASP A 76 8.80 7.81 -2.53
N ASP A 77 10.07 7.73 -2.92
CA ASP A 77 10.78 6.45 -2.96
C ASP A 77 11.02 5.92 -1.55
N GLY A 78 10.63 4.66 -1.34
CA GLY A 78 10.78 4.04 -0.02
C GLY A 78 9.80 2.89 0.15
N ASN A 79 9.61 2.46 1.39
CA ASN A 79 8.80 1.28 1.67
C ASN A 79 7.38 1.68 2.07
N TYR A 80 6.43 1.38 1.20
CA TYR A 80 5.01 1.56 1.51
C TYR A 80 4.48 0.38 2.31
N THR A 81 5.07 0.15 3.48
CA THR A 81 4.70 -1.00 4.31
C THR A 81 3.26 -0.89 4.80
N ILE A 82 2.54 -2.00 4.72
CA ILE A 82 1.13 -2.02 5.09
C ILE A 82 0.86 -3.03 6.21
N MET A 83 -0.25 -2.86 6.91
CA MET A 83 -0.64 -3.76 7.97
C MET A 83 -2.10 -4.17 7.85
N ALA A 84 -2.35 -5.45 7.65
CA ALA A 84 -3.70 -5.98 7.64
C ALA A 84 -4.10 -6.53 9.00
N ALA A 85 -4.96 -5.80 9.70
CA ALA A 85 -5.30 -6.12 11.08
C ALA A 85 -6.76 -6.54 11.21
N ASN A 86 -7.00 -7.63 11.92
CA ASN A 86 -8.36 -8.02 12.30
C ASN A 86 -8.40 -8.56 13.72
N PRO A 87 -9.60 -8.95 14.15
CA PRO A 87 -9.81 -9.38 15.53
C PRO A 87 -8.93 -10.58 15.88
N GLN A 88 -8.54 -11.34 14.85
CA GLN A 88 -7.88 -12.62 15.05
C GLN A 88 -6.37 -12.48 15.03
N GLY A 89 -5.90 -11.27 14.72
CA GLY A 89 -4.47 -11.01 14.60
C GLY A 89 -4.18 -9.99 13.51
N ARG A 90 -2.93 -9.94 13.07
CA ARG A 90 -2.52 -9.02 12.02
C ARG A 90 -1.36 -9.59 11.21
N VAL A 91 -1.19 -9.07 10.00
CA VAL A 91 -0.05 -9.45 9.17
C VAL A 91 0.46 -8.25 8.36
N SER A 92 1.77 -8.11 8.29
CA SER A 92 2.39 -6.98 7.61
C SER A 92 2.84 -7.37 6.20
N CYS A 93 3.15 -6.36 5.40
CA CYS A 93 3.75 -6.60 4.08
C CYS A 93 4.47 -5.35 3.59
N THR A 94 5.72 -5.52 3.15
CA THR A 94 6.54 -4.39 2.73
C THR A 94 6.22 -3.98 1.30
N GLY A 95 5.89 -2.70 1.12
CA GLY A 95 5.55 -2.17 -0.20
C GLY A 95 6.70 -1.38 -0.79
N ARG A 96 7.86 -2.01 -0.91
CA ARG A 96 9.05 -1.36 -1.43
C ARG A 96 8.82 -0.84 -2.85
N LEU A 97 8.75 0.47 -3.00
CA LEU A 97 8.65 1.09 -4.32
C LEU A 97 9.82 2.03 -4.58
N MET A 98 10.33 2.00 -5.81
CA MET A 98 11.54 2.74 -6.14
C MET A 98 11.28 3.75 -7.26
N VAL A 99 11.88 4.93 -7.12
CA VAL A 99 11.65 6.01 -8.07
C VAL A 99 12.93 6.39 -8.81
N GLN A 100 12.81 6.55 -10.12
CA GLN A 100 13.96 6.91 -10.95
C GLN A 100 13.86 8.37 -11.42
N ALA A 101 15.00 9.04 -11.48
CA ALA A 101 15.05 10.44 -11.91
C ALA A 101 14.87 10.55 -13.42
N VAL A 102 14.34 11.69 -13.86
CA VAL A 102 14.15 11.94 -15.28
C VAL A 102 15.18 12.92 -15.81
N ASN A 103 16.03 12.45 -16.72
CA ASN A 103 17.14 13.26 -17.23
C ASN A 103 16.63 14.39 -18.10
N GLN A 104 15.41 14.23 -18.63
CA GLN A 104 14.82 15.24 -19.49
C GLN A 104 14.09 16.31 -18.67
N ARG A 105 14.04 16.10 -17.36
CA ARG A 105 13.42 17.06 -16.46
C ARG A 105 14.29 18.29 -16.28
N GLY A 106 13.81 19.44 -16.73
CA GLY A 106 14.57 20.67 -16.66
C GLY A 106 14.67 21.19 -15.23
N ARG A 107 13.80 20.67 -14.36
CA ARG A 107 13.79 21.06 -12.96
C ARG A 107 14.70 20.17 -12.13
N SER A 108 15.27 19.14 -12.77
CA SER A 108 16.15 18.20 -12.09
C SER A 108 17.50 18.84 -11.78
N GLY A 1 -6.30 -21.04 17.44
CA GLY A 1 -6.85 -20.07 18.39
C GLY A 1 -8.36 -20.07 18.37
N GLY A 2 -8.97 -20.77 19.31
CA GLY A 2 -10.43 -20.86 19.40
C GLY A 2 -11.01 -21.58 18.19
N SER A 3 -12.03 -20.98 17.58
CA SER A 3 -12.68 -21.57 16.42
C SER A 3 -13.44 -20.51 15.63
N ASN A 4 -13.88 -20.87 14.43
CA ASN A 4 -14.63 -19.96 13.58
C ASN A 4 -13.86 -18.67 13.34
N ALA A 5 -12.58 -18.80 13.04
CA ALA A 5 -11.71 -17.65 12.81
C ALA A 5 -10.52 -18.01 11.94
N THR A 6 -9.98 -17.02 11.25
CA THR A 6 -8.85 -17.23 10.35
C THR A 6 -7.84 -16.10 10.44
N ALA A 7 -6.57 -16.45 10.62
CA ALA A 7 -5.51 -15.47 10.74
C ALA A 7 -5.39 -14.62 9.47
N PRO A 8 -4.90 -13.40 9.63
CA PRO A 8 -4.72 -12.50 8.50
C PRO A 8 -3.70 -13.04 7.51
N PHE A 9 -3.92 -12.78 6.23
CA PHE A 9 -3.06 -13.29 5.17
C PHE A 9 -3.25 -12.53 3.88
N PHE A 10 -2.16 -12.27 3.18
CA PHE A 10 -2.21 -11.62 1.86
C PHE A 10 -2.34 -12.65 0.75
N GLU A 11 -3.56 -12.85 0.27
CA GLU A 11 -3.81 -13.74 -0.86
C GLU A 11 -3.40 -13.09 -2.17
N MET A 12 -3.21 -11.78 -2.14
CA MET A 12 -2.56 -11.07 -3.24
C MET A 12 -1.57 -10.04 -2.72
N LYS A 13 -0.27 -10.32 -2.90
CA LYS A 13 0.77 -9.54 -2.26
C LYS A 13 1.30 -8.46 -3.20
N LEU A 14 2.06 -7.52 -2.64
CA LEU A 14 2.69 -6.48 -3.44
C LEU A 14 3.99 -6.97 -4.06
N LYS A 15 4.58 -6.15 -4.94
CA LYS A 15 5.87 -6.45 -5.53
C LYS A 15 6.77 -5.23 -5.52
N HIS A 16 8.00 -5.40 -6.02
CA HIS A 16 8.94 -4.29 -6.15
C HIS A 16 8.52 -3.36 -7.29
N TYR A 17 8.04 -2.17 -6.94
CA TYR A 17 7.55 -1.22 -7.92
C TYR A 17 8.61 -0.21 -8.30
N LYS A 18 8.61 0.21 -9.56
CA LYS A 18 9.54 1.23 -10.03
C LYS A 18 8.83 2.26 -10.90
N ILE A 19 9.19 3.53 -10.72
CA ILE A 19 8.57 4.62 -11.46
C ILE A 19 9.54 5.75 -11.71
N PHE A 20 9.35 6.47 -12.82
CA PHE A 20 10.09 7.69 -13.09
C PHE A 20 9.59 8.84 -12.23
N GLU A 21 10.50 9.71 -11.81
CA GLU A 21 10.16 10.83 -10.94
C GLU A 21 9.04 11.67 -11.54
N GLY A 22 7.97 11.85 -10.78
CA GLY A 22 6.92 12.78 -11.16
C GLY A 22 5.69 12.04 -11.69
N MET A 23 5.87 10.77 -12.03
CA MET A 23 4.81 9.97 -12.62
C MET A 23 3.92 9.35 -11.55
N PRO A 24 2.68 9.05 -11.91
CA PRO A 24 1.74 8.42 -10.99
C PRO A 24 2.07 6.94 -10.81
N VAL A 25 1.68 6.39 -9.67
CA VAL A 25 1.89 4.98 -9.38
C VAL A 25 0.64 4.34 -8.78
N THR A 26 0.16 3.28 -9.42
CA THR A 26 -1.03 2.59 -8.96
C THR A 26 -0.73 1.14 -8.59
N PHE A 27 -1.12 0.75 -7.39
CA PHE A 27 -0.97 -0.63 -6.94
C PHE A 27 -1.97 -0.98 -5.84
N THR A 28 -2.18 -2.26 -5.63
CA THR A 28 -3.24 -2.73 -4.73
C THR A 28 -2.90 -4.10 -4.15
N CYS A 29 -3.58 -4.45 -3.06
CA CYS A 29 -3.32 -5.71 -2.38
C CYS A 29 -4.59 -6.27 -1.75
N ARG A 30 -4.70 -7.60 -1.71
CA ARG A 30 -5.93 -8.25 -1.26
C ARG A 30 -5.64 -9.21 -0.11
N VAL A 31 -6.48 -9.18 0.91
CA VAL A 31 -6.32 -10.03 2.07
C VAL A 31 -7.42 -11.08 2.15
N ALA A 32 -7.18 -12.14 2.92
CA ALA A 32 -8.17 -13.19 3.11
C ALA A 32 -8.10 -13.76 4.52
N GLY A 33 -8.65 -13.04 5.48
CA GLY A 33 -8.72 -13.49 6.86
C GLY A 33 -10.15 -13.55 7.36
N ASN A 34 -10.32 -13.79 8.65
CA ASN A 34 -11.65 -13.84 9.26
C ASN A 34 -11.58 -13.53 10.74
N PRO A 35 -12.02 -12.33 11.10
CA PRO A 35 -12.66 -11.43 10.15
C PRO A 35 -11.65 -10.87 9.16
N LYS A 36 -12.15 -10.44 8.00
CA LYS A 36 -11.30 -9.88 6.97
C LYS A 36 -10.49 -8.70 7.50
N PRO A 37 -9.17 -8.77 7.33
CA PRO A 37 -8.28 -7.75 7.86
C PRO A 37 -8.65 -6.37 7.32
N LYS A 38 -8.48 -5.35 8.16
CA LYS A 38 -8.66 -3.96 7.73
C LYS A 38 -7.35 -3.36 7.23
N ILE A 39 -7.17 -3.39 5.91
CA ILE A 39 -5.89 -3.01 5.31
C ILE A 39 -5.53 -1.57 5.63
N TYR A 40 -4.40 -1.39 6.29
CA TYR A 40 -3.85 -0.05 6.55
C TYR A 40 -2.57 0.19 5.76
N TRP A 41 -2.35 1.43 5.36
CA TRP A 41 -1.15 1.79 4.62
C TRP A 41 -0.29 2.78 5.40
N PHE A 42 1.02 2.58 5.35
CA PHE A 42 1.97 3.57 5.87
C PHE A 42 3.29 3.50 5.15
N LYS A 43 3.93 4.66 4.99
CA LYS A 43 5.16 4.76 4.19
C LYS A 43 6.37 5.00 5.07
N ASP A 44 7.24 4.00 5.18
CA ASP A 44 8.41 4.08 6.03
C ASP A 44 8.02 4.45 7.46
N GLY A 45 6.85 3.97 7.89
CA GLY A 45 6.40 4.20 9.26
C GLY A 45 5.45 5.38 9.34
N LYS A 46 5.24 6.05 8.20
CA LYS A 46 4.39 7.23 8.15
C LYS A 46 2.97 6.87 7.75
N GLN A 47 2.08 6.78 8.74
CA GLN A 47 0.70 6.42 8.50
C GLN A 47 0.09 7.29 7.39
N ILE A 48 -0.50 6.63 6.40
CA ILE A 48 -1.08 7.33 5.26
C ILE A 48 -2.58 7.54 5.44
N SER A 49 -3.01 8.79 5.37
CA SER A 49 -4.43 9.12 5.41
C SER A 49 -5.06 9.01 4.03
N PRO A 50 -6.21 8.31 3.97
CA PRO A 50 -6.93 8.17 2.71
C PRO A 50 -7.22 9.53 2.07
N LYS A 51 -7.03 9.61 0.76
CA LYS A 51 -7.30 10.84 0.02
C LYS A 51 -6.47 12.00 0.56
N SER A 52 -5.15 11.82 0.54
CA SER A 52 -4.23 12.87 0.99
C SER A 52 -3.75 13.72 -0.17
N ASP A 53 -2.64 14.43 0.06
CA ASP A 53 -2.09 15.31 -0.96
C ASP A 53 -1.84 14.57 -2.27
N HIS A 54 -1.24 13.38 -2.16
CA HIS A 54 -0.95 12.55 -3.32
C HIS A 54 -1.30 11.10 -3.06
N TYR A 55 -1.67 10.79 -1.83
CA TYR A 55 -1.87 9.41 -1.41
C TYR A 55 -3.34 9.08 -1.27
N THR A 56 -3.92 8.50 -2.32
CA THR A 56 -5.33 8.14 -2.32
C THR A 56 -5.52 6.67 -1.95
N ILE A 57 -6.30 6.43 -0.91
CA ILE A 57 -6.59 5.06 -0.48
C ILE A 57 -8.05 4.70 -0.75
N GLN A 58 -8.26 3.52 -1.34
CA GLN A 58 -9.61 3.01 -1.55
C GLN A 58 -9.73 1.57 -1.05
N ARG A 59 -10.48 1.39 0.03
CA ARG A 59 -10.61 0.09 0.66
C ARG A 59 -11.94 -0.58 0.30
N ASP A 60 -11.89 -1.49 -0.65
CA ASP A 60 -13.06 -2.29 -1.01
C ASP A 60 -13.37 -3.31 0.06
N LEU A 61 -14.64 -3.37 0.47
CA LEU A 61 -15.08 -4.23 1.56
C LEU A 61 -14.95 -5.70 1.18
N ASP A 62 -14.76 -5.96 -0.11
CA ASP A 62 -14.57 -7.32 -0.61
C ASP A 62 -13.29 -7.93 -0.04
N GLY A 63 -12.33 -7.08 0.29
CA GLY A 63 -11.08 -7.53 0.89
C GLY A 63 -9.88 -6.98 0.14
N THR A 64 -10.15 -6.14 -0.86
CA THR A 64 -9.08 -5.50 -1.63
C THR A 64 -9.01 -4.01 -1.31
N CYS A 65 -7.78 -3.50 -1.16
CA CYS A 65 -7.57 -2.08 -0.96
C CYS A 65 -6.43 -1.57 -1.85
N SER A 66 -6.64 -0.43 -2.48
CA SER A 66 -5.67 0.13 -3.42
C SER A 66 -5.02 1.39 -2.85
N LEU A 67 -3.76 1.59 -3.18
CA LEU A 67 -3.08 2.84 -2.84
C LEU A 67 -2.48 3.50 -4.08
N HIS A 68 -3.04 4.64 -4.46
CA HIS A 68 -2.62 5.34 -5.67
C HIS A 68 -1.85 6.61 -5.35
N THR A 69 -0.63 6.70 -5.86
CA THR A 69 0.18 7.90 -5.70
C THR A 69 0.07 8.79 -6.93
N THR A 70 -0.41 10.02 -6.73
CA THR A 70 -0.65 10.95 -7.83
C THR A 70 0.66 11.33 -8.52
N ALA A 71 1.67 11.65 -7.72
CA ALA A 71 2.95 12.11 -8.24
C ALA A 71 4.11 11.60 -7.40
N SER A 72 4.62 10.42 -7.75
CA SER A 72 5.69 9.79 -7.00
C SER A 72 7.03 10.44 -7.33
N THR A 73 7.58 11.18 -6.37
CA THR A 73 8.87 11.84 -6.55
C THR A 73 9.94 11.20 -5.67
N LEU A 74 11.15 11.74 -5.74
CA LEU A 74 12.28 11.21 -4.98
C LEU A 74 12.01 11.25 -3.48
N ASP A 75 11.20 12.22 -3.07
CA ASP A 75 10.80 12.33 -1.67
C ASP A 75 9.73 11.30 -1.31
N ASP A 76 9.09 10.75 -2.33
CA ASP A 76 8.07 9.73 -2.14
C ASP A 76 8.64 8.33 -2.26
N ASP A 77 9.85 8.24 -2.82
CA ASP A 77 10.57 6.98 -2.88
C ASP A 77 10.73 6.37 -1.49
N GLY A 78 10.34 5.11 -1.35
CA GLY A 78 10.43 4.42 -0.07
C GLY A 78 9.52 3.19 -0.04
N ASN A 79 9.26 2.69 1.16
CA ASN A 79 8.50 1.46 1.32
C ASN A 79 7.09 1.74 1.84
N TYR A 80 6.11 1.56 0.97
CA TYR A 80 4.71 1.75 1.34
C TYR A 80 4.14 0.49 1.99
N THR A 81 4.61 0.21 3.21
CA THR A 81 4.30 -1.06 3.87
C THR A 81 2.81 -1.18 4.16
N ILE A 82 2.26 -2.35 3.88
CA ILE A 82 0.84 -2.60 4.10
C ILE A 82 0.63 -3.56 5.28
N MET A 83 -0.38 -3.27 6.09
CA MET A 83 -0.65 -4.04 7.30
C MET A 83 -2.04 -4.65 7.27
N ALA A 84 -2.12 -5.98 7.33
CA ALA A 84 -3.40 -6.67 7.41
C ALA A 84 -3.85 -6.83 8.86
N ALA A 85 -4.21 -5.73 9.49
CA ALA A 85 -4.56 -5.73 10.90
C ALA A 85 -5.99 -6.24 11.10
N ASN A 86 -6.13 -7.28 11.92
CA ASN A 86 -7.44 -7.76 12.33
C ASN A 86 -7.41 -8.32 13.75
N PRO A 87 -8.56 -8.74 14.24
CA PRO A 87 -8.69 -9.22 15.61
C PRO A 87 -7.75 -10.39 15.89
N GLN A 88 -7.39 -11.11 14.82
CA GLN A 88 -6.67 -12.37 14.96
C GLN A 88 -5.17 -12.15 14.88
N GLY A 89 -4.76 -10.91 14.60
CA GLY A 89 -3.36 -10.56 14.49
C GLY A 89 -3.12 -9.54 13.39
N ARG A 90 -1.91 -9.53 12.85
CA ARG A 90 -1.57 -8.63 11.75
C ARG A 90 -0.41 -9.17 10.92
N VAL A 91 -0.40 -8.85 9.64
CA VAL A 91 0.68 -9.25 8.75
C VAL A 91 1.24 -8.06 7.99
N SER A 92 2.56 -7.92 8.00
CA SER A 92 3.22 -6.82 7.32
C SER A 92 3.85 -7.27 6.01
N CYS A 93 3.64 -6.50 4.95
CA CYS A 93 4.27 -6.75 3.66
C CYS A 93 4.81 -5.47 3.05
N THR A 94 6.06 -5.51 2.60
CA THR A 94 6.73 -4.31 2.11
C THR A 94 6.16 -3.86 0.77
N GLY A 95 5.79 -2.59 0.70
CA GLY A 95 5.30 -2.00 -0.55
C GLY A 95 6.39 -1.17 -1.22
N ARG A 96 7.52 -1.80 -1.51
CA ARG A 96 8.70 -1.09 -2.02
C ARG A 96 8.37 -0.36 -3.31
N LEU A 97 8.60 0.95 -3.32
CA LEU A 97 8.49 1.74 -4.54
C LEU A 97 9.72 2.62 -4.74
N MET A 98 10.48 2.32 -5.78
CA MET A 98 11.69 3.09 -6.09
C MET A 98 11.43 4.11 -7.19
N VAL A 99 12.03 5.28 -7.05
CA VAL A 99 11.82 6.37 -8.00
C VAL A 99 13.11 6.73 -8.72
N GLN A 100 13.10 6.60 -10.04
CA GLN A 100 14.26 6.94 -10.86
C GLN A 100 14.18 8.39 -11.32
N ALA A 101 15.19 9.18 -10.95
CA ALA A 101 15.30 10.55 -11.44
C ALA A 101 15.63 10.58 -12.92
N VAL A 102 14.75 11.20 -13.70
CA VAL A 102 14.93 11.30 -15.15
C VAL A 102 14.81 12.75 -15.61
N ASN A 103 15.90 13.31 -16.11
CA ASN A 103 15.95 14.72 -16.47
C ASN A 103 15.08 15.00 -17.69
N GLN A 104 14.83 13.97 -18.48
CA GLN A 104 14.02 14.10 -19.68
C GLN A 104 12.54 14.02 -19.36
N ARG A 105 12.22 13.52 -18.17
CA ARG A 105 10.84 13.40 -17.73
C ARG A 105 10.28 14.75 -17.28
N GLY A 106 9.37 15.30 -18.09
CA GLY A 106 8.85 16.63 -17.83
C GLY A 106 7.98 16.65 -16.57
N ARG A 107 7.56 15.48 -16.13
CA ARG A 107 6.74 15.36 -14.93
C ARG A 107 7.58 15.54 -13.68
N SER A 108 8.89 15.33 -13.81
CA SER A 108 9.80 15.45 -12.68
C SER A 108 9.77 16.86 -12.08
N GLY A 1 -18.39 -25.82 15.32
CA GLY A 1 -17.42 -26.31 14.34
C GLY A 1 -16.37 -25.25 14.02
N GLY A 2 -15.17 -25.44 14.52
CA GLY A 2 -14.08 -24.50 14.30
C GLY A 2 -14.24 -23.24 15.14
N SER A 3 -13.67 -22.13 14.68
CA SER A 3 -13.75 -20.86 15.39
C SER A 3 -14.44 -19.81 14.54
N ASN A 4 -14.78 -20.18 13.30
CA ASN A 4 -15.43 -19.24 12.38
C ASN A 4 -14.60 -17.97 12.21
N ALA A 5 -13.29 -18.15 12.04
CA ALA A 5 -12.38 -17.01 11.88
C ALA A 5 -11.13 -17.40 11.12
N THR A 6 -10.50 -16.43 10.49
CA THR A 6 -9.30 -16.68 9.68
C THR A 6 -8.27 -15.58 9.87
N ALA A 7 -7.05 -15.97 10.19
CA ALA A 7 -5.96 -15.02 10.36
C ALA A 7 -5.63 -14.32 9.05
N PRO A 8 -5.21 -13.06 9.15
CA PRO A 8 -4.86 -12.27 7.97
C PRO A 8 -3.83 -12.99 7.12
N PHE A 9 -4.10 -13.07 5.82
CA PHE A 9 -3.17 -13.69 4.88
C PHE A 9 -3.19 -12.97 3.54
N PHE A 10 -2.03 -12.45 3.14
CA PHE A 10 -1.91 -11.72 1.88
C PHE A 10 -2.07 -12.66 0.68
N GLU A 11 -3.31 -12.91 0.31
CA GLU A 11 -3.60 -13.74 -0.86
C GLU A 11 -3.11 -13.07 -2.14
N MET A 12 -2.93 -11.76 -2.07
CA MET A 12 -2.26 -11.02 -3.14
C MET A 12 -1.29 -9.99 -2.59
N LYS A 13 0.00 -10.23 -2.79
CA LYS A 13 1.03 -9.41 -2.18
C LYS A 13 1.50 -8.31 -3.12
N LEU A 14 2.21 -7.32 -2.56
CA LEU A 14 2.78 -6.25 -3.36
C LEU A 14 4.06 -6.69 -4.05
N LYS A 15 4.42 -6.01 -5.12
CA LYS A 15 5.66 -6.31 -5.85
C LYS A 15 6.65 -5.17 -5.74
N HIS A 16 7.84 -5.37 -6.30
CA HIS A 16 8.84 -4.32 -6.39
C HIS A 16 8.52 -3.36 -7.53
N TYR A 17 8.06 -2.16 -7.18
CA TYR A 17 7.57 -1.21 -8.17
C TYR A 17 8.64 -0.19 -8.53
N LYS A 18 8.69 0.19 -9.80
CA LYS A 18 9.64 1.19 -10.27
C LYS A 18 8.99 2.18 -11.21
N ILE A 19 9.00 3.45 -10.84
CA ILE A 19 8.46 4.51 -11.68
C ILE A 19 9.36 5.73 -11.69
N PHE A 20 8.98 6.75 -12.45
CA PHE A 20 9.78 7.95 -12.58
C PHE A 20 9.22 9.09 -11.74
N GLU A 21 10.11 9.93 -11.21
CA GLU A 21 9.71 11.00 -10.32
C GLU A 21 8.66 11.89 -10.97
N GLY A 22 7.53 12.06 -10.28
CA GLY A 22 6.49 12.98 -10.72
C GLY A 22 5.35 12.24 -11.40
N MET A 23 5.58 10.97 -11.73
CA MET A 23 4.59 10.17 -12.42
C MET A 23 3.64 9.49 -11.44
N PRO A 24 2.41 9.26 -11.88
CA PRO A 24 1.44 8.51 -11.08
C PRO A 24 1.79 7.03 -11.04
N VAL A 25 1.36 6.36 -9.98
CA VAL A 25 1.57 4.92 -9.85
C VAL A 25 0.46 4.27 -9.02
N THR A 26 -0.12 3.21 -9.53
CA THR A 26 -1.19 2.50 -8.84
C THR A 26 -0.73 1.11 -8.39
N PHE A 27 -0.96 0.80 -7.12
CA PHE A 27 -0.62 -0.52 -6.59
C PHE A 27 -1.59 -0.92 -5.48
N THR A 28 -1.82 -2.22 -5.33
CA THR A 28 -2.91 -2.72 -4.52
C THR A 28 -2.59 -4.09 -3.92
N CYS A 29 -3.24 -4.42 -2.81
CA CYS A 29 -3.00 -5.69 -2.14
C CYS A 29 -4.28 -6.24 -1.53
N ARG A 30 -4.39 -7.56 -1.50
CA ARG A 30 -5.64 -8.21 -1.08
C ARG A 30 -5.36 -9.25 0.02
N VAL A 31 -6.22 -9.27 1.03
CA VAL A 31 -6.01 -10.10 2.20
C VAL A 31 -7.19 -11.03 2.45
N ALA A 32 -6.91 -12.32 2.56
CA ALA A 32 -7.95 -13.30 2.85
C ALA A 32 -8.12 -13.48 4.36
N GLY A 33 -8.58 -12.42 5.02
CA GLY A 33 -8.74 -12.43 6.47
C GLY A 33 -10.21 -12.51 6.86
N ASN A 34 -10.46 -12.88 8.12
CA ASN A 34 -11.83 -12.97 8.63
C ASN A 34 -11.86 -12.81 10.13
N PRO A 35 -12.35 -11.66 10.59
CA PRO A 35 -13.02 -10.72 9.71
C PRO A 35 -12.02 -9.97 8.84
N LYS A 36 -12.52 -9.35 7.77
CA LYS A 36 -11.67 -8.59 6.87
C LYS A 36 -10.86 -7.54 7.63
N PRO A 37 -9.54 -7.68 7.58
CA PRO A 37 -8.65 -6.78 8.30
C PRO A 37 -8.85 -5.34 7.84
N LYS A 38 -8.65 -4.39 8.76
CA LYS A 38 -8.74 -2.98 8.44
C LYS A 38 -7.46 -2.48 7.77
N ILE A 39 -7.24 -2.93 6.53
CA ILE A 39 -5.96 -2.70 5.86
C ILE A 39 -5.46 -1.29 6.10
N TYR A 40 -4.29 -1.18 6.73
CA TYR A 40 -3.64 0.11 6.94
C TYR A 40 -2.43 0.28 6.04
N TRP A 41 -2.15 1.52 5.67
CA TRP A 41 -0.97 1.83 4.85
C TRP A 41 -0.07 2.83 5.55
N PHE A 42 1.24 2.61 5.45
CA PHE A 42 2.21 3.58 5.93
C PHE A 42 3.53 3.48 5.16
N LYS A 43 4.19 4.61 4.96
CA LYS A 43 5.39 4.66 4.14
C LYS A 43 6.63 4.91 5.00
N ASP A 44 7.48 3.89 5.11
CA ASP A 44 8.66 3.97 5.96
C ASP A 44 8.30 4.37 7.38
N GLY A 45 7.13 3.93 7.84
CA GLY A 45 6.69 4.17 9.20
C GLY A 45 5.78 5.40 9.28
N LYS A 46 5.55 6.03 8.14
CA LYS A 46 4.72 7.23 8.07
C LYS A 46 3.28 6.90 7.72
N GLN A 47 2.42 6.85 8.74
CA GLN A 47 1.02 6.50 8.55
C GLN A 47 0.38 7.36 7.46
N ILE A 48 -0.28 6.70 6.52
CA ILE A 48 -0.91 7.40 5.40
C ILE A 48 -2.42 7.45 5.58
N SER A 49 -2.97 8.66 5.54
CA SER A 49 -4.42 8.83 5.55
C SER A 49 -5.00 8.77 4.15
N PRO A 50 -6.11 8.05 4.01
CA PRO A 50 -6.80 7.94 2.73
C PRO A 50 -7.12 9.32 2.15
N LYS A 51 -7.00 9.46 0.84
CA LYS A 51 -7.32 10.71 0.16
C LYS A 51 -6.47 11.85 0.69
N SER A 52 -5.15 11.67 0.61
CA SER A 52 -4.21 12.71 1.05
C SER A 52 -3.77 13.58 -0.12
N ASP A 53 -2.66 14.28 0.05
CA ASP A 53 -2.15 15.18 -0.97
C ASP A 53 -1.96 14.45 -2.29
N HIS A 54 -1.36 13.26 -2.24
CA HIS A 54 -1.16 12.45 -3.42
C HIS A 54 -1.48 10.99 -3.15
N TYR A 55 -1.75 10.67 -1.89
CA TYR A 55 -1.94 9.29 -1.47
C TYR A 55 -3.43 8.96 -1.33
N THR A 56 -4.00 8.43 -2.40
CA THR A 56 -5.41 8.04 -2.39
C THR A 56 -5.58 6.56 -2.06
N ILE A 57 -6.20 6.28 -0.92
CA ILE A 57 -6.41 4.91 -0.48
C ILE A 57 -7.87 4.49 -0.64
N GLN A 58 -8.12 3.54 -1.51
CA GLN A 58 -9.46 2.97 -1.67
C GLN A 58 -9.53 1.57 -1.09
N ARG A 59 -10.24 1.42 0.02
CA ARG A 59 -10.33 0.15 0.71
C ARG A 59 -11.64 -0.57 0.39
N ASP A 60 -11.58 -1.53 -0.52
CA ASP A 60 -12.74 -2.35 -0.86
C ASP A 60 -13.07 -3.33 0.25
N LEU A 61 -14.36 -3.44 0.57
CA LEU A 61 -14.80 -4.31 1.65
C LEU A 61 -14.63 -5.77 1.30
N ASP A 62 -14.32 -6.04 0.03
CA ASP A 62 -14.04 -7.39 -0.43
C ASP A 62 -12.75 -7.93 0.19
N GLY A 63 -11.94 -7.01 0.71
CA GLY A 63 -10.71 -7.40 1.40
C GLY A 63 -9.48 -6.94 0.63
N THR A 64 -9.69 -6.07 -0.34
CA THR A 64 -8.59 -5.53 -1.14
C THR A 64 -8.57 -4.01 -1.11
N CYS A 65 -7.37 -3.43 -1.05
CA CYS A 65 -7.22 -1.99 -0.96
C CYS A 65 -6.11 -1.50 -1.89
N SER A 66 -6.36 -0.38 -2.56
CA SER A 66 -5.39 0.17 -3.51
C SER A 66 -4.93 1.55 -3.08
N LEU A 67 -3.62 1.73 -3.00
CA LEU A 67 -3.04 3.03 -2.65
C LEU A 67 -2.55 3.75 -3.90
N HIS A 68 -3.45 4.42 -4.59
CA HIS A 68 -3.11 5.15 -5.80
C HIS A 68 -2.34 6.43 -5.48
N THR A 69 -1.12 6.52 -6.00
CA THR A 69 -0.30 7.71 -5.81
C THR A 69 -0.34 8.61 -7.05
N THR A 70 -0.79 9.85 -6.86
CA THR A 70 -0.97 10.77 -7.98
C THR A 70 0.37 11.19 -8.57
N ALA A 71 1.31 11.51 -7.70
CA ALA A 71 2.62 12.02 -8.14
C ALA A 71 3.73 11.53 -7.24
N SER A 72 4.28 10.36 -7.55
CA SER A 72 5.36 9.77 -6.77
C SER A 72 6.70 10.36 -7.17
N THR A 73 7.25 11.21 -6.30
CA THR A 73 8.53 11.86 -6.58
C THR A 73 9.67 11.17 -5.84
N LEU A 74 10.88 11.69 -6.02
CA LEU A 74 12.07 11.12 -5.38
C LEU A 74 11.93 11.12 -3.86
N ASP A 75 11.22 12.12 -3.34
CA ASP A 75 10.99 12.22 -1.90
C ASP A 75 9.93 11.21 -1.46
N ASP A 76 9.19 10.67 -2.41
CA ASP A 76 8.17 9.67 -2.11
C ASP A 76 8.71 8.25 -2.28
N ASP A 77 9.97 8.15 -2.71
CA ASP A 77 10.62 6.86 -2.84
C ASP A 77 10.82 6.20 -1.47
N GLY A 78 10.37 4.96 -1.35
CA GLY A 78 10.48 4.23 -0.10
C GLY A 78 9.52 3.04 -0.07
N ASN A 79 9.29 2.51 1.12
CA ASN A 79 8.50 1.29 1.28
C ASN A 79 7.12 1.59 1.81
N TYR A 80 6.11 1.44 0.96
CA TYR A 80 4.72 1.66 1.37
C TYR A 80 4.14 0.41 2.03
N THR A 81 4.62 0.11 3.23
CA THR A 81 4.27 -1.13 3.90
C THR A 81 2.79 -1.18 4.24
N ILE A 82 2.15 -2.32 3.95
CA ILE A 82 0.75 -2.52 4.27
C ILE A 82 0.58 -3.48 5.44
N MET A 83 -0.36 -3.17 6.32
CA MET A 83 -0.61 -3.98 7.51
C MET A 83 -2.05 -4.48 7.55
N ALA A 84 -2.22 -5.80 7.56
CA ALA A 84 -3.54 -6.39 7.64
C ALA A 84 -3.94 -6.65 9.09
N ALA A 85 -4.39 -5.60 9.77
CA ALA A 85 -4.72 -5.68 11.18
C ALA A 85 -6.19 -6.02 11.40
N ASN A 86 -6.45 -7.15 12.05
CA ASN A 86 -7.80 -7.51 12.45
C ASN A 86 -7.80 -8.15 13.84
N PRO A 87 -9.00 -8.51 14.30
CA PRO A 87 -9.16 -9.03 15.65
C PRO A 87 -8.32 -10.27 15.88
N GLN A 88 -8.03 -10.99 14.80
CA GLN A 88 -7.38 -12.29 14.88
C GLN A 88 -5.86 -12.16 14.83
N GLY A 89 -5.39 -10.93 14.62
CA GLY A 89 -3.96 -10.66 14.55
C GLY A 89 -3.63 -9.69 13.43
N ARG A 90 -2.34 -9.48 13.19
CA ARG A 90 -1.89 -8.55 12.18
C ARG A 90 -0.63 -9.04 11.47
N VAL A 91 -0.38 -8.55 10.27
CA VAL A 91 0.79 -8.95 9.50
C VAL A 91 1.11 -7.92 8.42
N SER A 92 2.40 -7.68 8.20
CA SER A 92 2.84 -6.60 7.33
C SER A 92 3.48 -7.14 6.07
N CYS A 93 3.40 -6.36 4.99
CA CYS A 93 4.09 -6.69 3.76
C CYS A 93 4.68 -5.43 3.11
N THR A 94 5.93 -5.54 2.66
CA THR A 94 6.66 -4.37 2.15
C THR A 94 6.09 -3.91 0.82
N GLY A 95 5.80 -2.62 0.72
CA GLY A 95 5.32 -2.03 -0.52
C GLY A 95 6.41 -1.24 -1.22
N ARG A 96 7.53 -1.89 -1.48
CA ARG A 96 8.70 -1.24 -2.06
C ARG A 96 8.34 -0.48 -3.33
N LEU A 97 8.42 0.84 -3.28
CA LEU A 97 8.26 1.66 -4.48
C LEU A 97 9.50 2.53 -4.71
N MET A 98 10.24 2.20 -5.76
CA MET A 98 11.45 2.95 -6.11
C MET A 98 11.16 3.99 -7.17
N VAL A 99 11.85 5.13 -7.07
CA VAL A 99 11.62 6.24 -7.99
C VAL A 99 12.91 6.64 -8.70
N GLN A 100 12.83 6.76 -10.03
CA GLN A 100 13.98 7.14 -10.83
C GLN A 100 13.99 8.63 -11.10
N ALA A 101 15.19 9.21 -11.14
CA ALA A 101 15.33 10.65 -11.38
C ALA A 101 15.12 10.98 -12.85
N VAL A 102 14.53 12.14 -13.11
CA VAL A 102 14.29 12.59 -14.48
C VAL A 102 14.89 13.96 -14.72
N ASN A 103 15.84 14.04 -15.64
CA ASN A 103 16.58 15.27 -15.90
C ASN A 103 15.69 16.32 -16.55
N GLN A 104 14.62 15.87 -17.18
CA GLN A 104 13.70 16.77 -17.86
C GLN A 104 12.59 17.25 -16.94
N ARG A 105 12.58 16.71 -15.72
CA ARG A 105 11.59 17.10 -14.73
C ARG A 105 11.83 18.52 -14.22
N GLY A 106 10.94 19.43 -14.62
CA GLY A 106 11.09 20.84 -14.26
C GLY A 106 10.85 21.06 -12.78
N ARG A 107 10.22 20.08 -12.13
CA ARG A 107 9.92 20.18 -10.71
C ARG A 107 11.04 19.59 -9.87
N SER A 108 12.05 19.05 -10.53
CA SER A 108 13.19 18.44 -9.85
C SER A 108 14.05 19.51 -9.18
N GLY A 1 -13.41 -27.61 12.51
CA GLY A 1 -12.09 -27.03 12.32
C GLY A 1 -12.14 -25.50 12.43
N GLY A 2 -11.04 -24.91 12.87
CA GLY A 2 -10.96 -23.47 13.00
C GLY A 2 -11.93 -22.96 14.07
N SER A 3 -12.78 -22.02 13.70
CA SER A 3 -13.71 -21.41 14.64
C SER A 3 -14.50 -20.27 13.98
N ASN A 4 -14.81 -20.44 12.70
CA ASN A 4 -15.54 -19.43 11.95
C ASN A 4 -14.73 -18.15 11.81
N ALA A 5 -13.43 -18.29 11.68
CA ALA A 5 -12.53 -17.15 11.57
C ALA A 5 -11.24 -17.52 10.84
N THR A 6 -10.61 -16.53 10.23
CA THR A 6 -9.39 -16.75 9.47
C THR A 6 -8.38 -15.64 9.69
N ALA A 7 -7.15 -16.02 10.02
CA ALA A 7 -6.08 -15.06 10.24
C ALA A 7 -5.73 -14.33 8.95
N PRO A 8 -5.31 -13.07 9.08
CA PRO A 8 -4.94 -12.26 7.92
C PRO A 8 -3.89 -12.95 7.08
N PHE A 9 -4.11 -12.98 5.77
CA PHE A 9 -3.14 -13.55 4.84
C PHE A 9 -3.22 -12.87 3.48
N PHE A 10 -2.10 -12.34 3.02
CA PHE A 10 -2.03 -11.67 1.73
C PHE A 10 -2.19 -12.68 0.58
N GLU A 11 -3.44 -12.97 0.25
CA GLU A 11 -3.74 -13.82 -0.90
C GLU A 11 -3.28 -13.16 -2.20
N MET A 12 -3.12 -11.84 -2.17
CA MET A 12 -2.43 -11.13 -3.25
C MET A 12 -1.38 -10.17 -2.69
N LYS A 13 -0.11 -10.47 -2.93
CA LYS A 13 0.98 -9.76 -2.28
C LYS A 13 1.52 -8.64 -3.17
N LEU A 14 2.31 -7.76 -2.58
CA LEU A 14 2.93 -6.67 -3.32
C LEU A 14 4.22 -7.13 -3.98
N LYS A 15 4.78 -6.27 -4.85
CA LYS A 15 6.05 -6.55 -5.48
C LYS A 15 6.96 -5.33 -5.46
N HIS A 16 8.17 -5.48 -6.00
CA HIS A 16 9.08 -4.36 -6.14
C HIS A 16 8.62 -3.41 -7.24
N TYR A 17 8.14 -2.24 -6.86
CA TYR A 17 7.58 -1.29 -7.80
C TYR A 17 8.62 -0.26 -8.22
N LYS A 18 8.57 0.15 -9.49
CA LYS A 18 9.48 1.15 -10.01
C LYS A 18 8.73 2.20 -10.84
N ILE A 19 9.10 3.46 -10.65
CA ILE A 19 8.44 4.56 -11.34
C ILE A 19 9.40 5.71 -11.59
N PHE A 20 9.16 6.45 -12.68
CA PHE A 20 9.93 7.65 -12.97
C PHE A 20 9.46 8.83 -12.13
N GLU A 21 10.39 9.72 -11.79
CA GLU A 21 10.08 10.87 -10.94
C GLU A 21 8.92 11.68 -11.51
N GLY A 22 7.88 11.85 -10.70
CA GLY A 22 6.79 12.75 -11.04
C GLY A 22 5.59 11.98 -11.61
N MET A 23 5.81 10.71 -11.95
CA MET A 23 4.78 9.89 -12.56
C MET A 23 3.89 9.26 -11.51
N PRO A 24 2.65 8.94 -11.91
CA PRO A 24 1.69 8.35 -10.99
C PRO A 24 1.99 6.87 -10.75
N VAL A 25 1.56 6.36 -9.60
CA VAL A 25 1.75 4.95 -9.27
C VAL A 25 0.47 4.35 -8.71
N THR A 26 0.01 3.26 -9.32
CA THR A 26 -1.21 2.59 -8.89
C THR A 26 -0.97 1.11 -8.64
N PHE A 27 -1.31 0.66 -7.44
CA PHE A 27 -1.28 -0.78 -7.12
C PHE A 27 -2.18 -1.09 -5.93
N THR A 28 -2.48 -2.36 -5.75
CA THR A 28 -3.47 -2.79 -4.77
C THR A 28 -3.10 -4.13 -4.15
N CYS A 29 -3.69 -4.43 -3.00
CA CYS A 29 -3.39 -5.67 -2.28
C CYS A 29 -4.65 -6.28 -1.67
N ARG A 30 -4.72 -7.60 -1.69
CA ARG A 30 -5.92 -8.30 -1.24
C ARG A 30 -5.59 -9.29 -0.13
N VAL A 31 -6.44 -9.32 0.90
CA VAL A 31 -6.17 -10.13 2.08
C VAL A 31 -7.32 -11.09 2.37
N ALA A 32 -6.99 -12.37 2.48
CA ALA A 32 -7.99 -13.39 2.79
C ALA A 32 -8.16 -13.54 4.30
N GLY A 33 -8.67 -12.48 4.93
CA GLY A 33 -8.86 -12.48 6.38
C GLY A 33 -10.33 -12.55 6.74
N ASN A 34 -10.61 -12.96 7.99
CA ASN A 34 -11.99 -13.05 8.47
C ASN A 34 -12.04 -12.93 9.97
N PRO A 35 -12.53 -11.80 10.45
CA PRO A 35 -13.17 -10.81 9.59
C PRO A 35 -12.15 -10.06 8.75
N LYS A 36 -12.63 -9.30 7.77
CA LYS A 36 -11.76 -8.54 6.89
C LYS A 36 -10.92 -7.55 7.66
N PRO A 37 -9.60 -7.75 7.65
CA PRO A 37 -8.69 -6.91 8.43
C PRO A 37 -8.80 -5.45 8.02
N LYS A 38 -8.54 -4.55 8.97
CA LYS A 38 -8.52 -3.13 8.70
C LYS A 38 -7.21 -2.70 8.05
N ILE A 39 -7.10 -2.89 6.75
CA ILE A 39 -5.84 -2.64 6.04
C ILE A 39 -5.44 -1.18 6.18
N TYR A 40 -4.22 -0.95 6.68
CA TYR A 40 -3.65 0.39 6.75
C TYR A 40 -2.39 0.50 5.90
N TRP A 41 -2.19 1.67 5.29
CA TRP A 41 -0.95 1.95 4.59
C TRP A 41 -0.09 2.95 5.35
N PHE A 42 1.22 2.73 5.34
CA PHE A 42 2.17 3.70 5.86
C PHE A 42 3.51 3.62 5.15
N LYS A 43 4.16 4.76 4.99
CA LYS A 43 5.38 4.84 4.19
C LYS A 43 6.60 5.08 5.07
N ASP A 44 7.45 4.06 5.19
CA ASP A 44 8.62 4.13 6.06
C ASP A 44 8.22 4.51 7.48
N GLY A 45 7.03 4.07 7.89
CA GLY A 45 6.57 4.31 9.26
C GLY A 45 5.65 5.53 9.32
N LYS A 46 5.44 6.16 8.17
CA LYS A 46 4.62 7.36 8.11
C LYS A 46 3.18 7.02 7.71
N GLN A 47 2.31 6.97 8.71
CA GLN A 47 0.91 6.61 8.49
C GLN A 47 0.30 7.44 7.36
N ILE A 48 -0.32 6.78 6.40
CA ILE A 48 -0.94 7.45 5.27
C ILE A 48 -2.44 7.59 5.45
N SER A 49 -2.93 8.82 5.37
CA SER A 49 -4.38 9.07 5.41
C SER A 49 -4.99 8.99 4.02
N PRO A 50 -6.10 8.28 3.90
CA PRO A 50 -6.81 8.16 2.64
C PRO A 50 -7.14 9.52 2.06
N LYS A 51 -7.02 9.65 0.74
CA LYS A 51 -7.36 10.89 0.05
C LYS A 51 -6.54 12.05 0.58
N SER A 52 -5.22 11.90 0.56
CA SER A 52 -4.32 12.95 1.00
C SER A 52 -3.83 13.80 -0.17
N ASP A 53 -2.75 14.54 0.05
CA ASP A 53 -2.22 15.43 -0.97
C ASP A 53 -1.92 14.68 -2.26
N HIS A 54 -1.29 13.52 -2.14
CA HIS A 54 -0.96 12.70 -3.29
C HIS A 54 -1.26 11.23 -3.03
N TYR A 55 -1.67 10.93 -1.81
CA TYR A 55 -1.85 9.54 -1.38
C TYR A 55 -3.34 9.21 -1.26
N THR A 56 -3.90 8.63 -2.31
CA THR A 56 -5.31 8.25 -2.32
C THR A 56 -5.48 6.77 -2.03
N ILE A 57 -6.27 6.47 -1.00
CA ILE A 57 -6.51 5.08 -0.60
C ILE A 57 -7.97 4.68 -0.83
N GLN A 58 -8.17 3.61 -1.58
CA GLN A 58 -9.50 3.04 -1.77
C GLN A 58 -9.69 1.79 -0.94
N ARG A 59 -10.82 1.69 -0.26
CA ARG A 59 -11.07 0.59 0.66
C ARG A 59 -12.24 -0.26 0.19
N ASP A 60 -11.94 -1.45 -0.32
CA ASP A 60 -12.98 -2.42 -0.66
C ASP A 60 -13.26 -3.35 0.52
N LEU A 61 -14.51 -3.34 0.98
CA LEU A 61 -14.87 -4.02 2.23
C LEU A 61 -14.81 -5.53 2.05
N ASP A 62 -14.62 -5.98 0.82
CA ASP A 62 -14.48 -7.40 0.54
C ASP A 62 -13.15 -7.94 1.08
N GLY A 63 -12.23 -7.04 1.38
CA GLY A 63 -10.93 -7.42 1.92
C GLY A 63 -9.80 -6.95 1.01
N THR A 64 -10.08 -5.94 0.22
CA THR A 64 -9.09 -5.39 -0.72
C THR A 64 -8.90 -3.89 -0.52
N CYS A 65 -7.66 -3.44 -0.66
CA CYS A 65 -7.35 -2.02 -0.54
C CYS A 65 -6.32 -1.59 -1.57
N SER A 66 -6.53 -0.42 -2.16
CA SER A 66 -5.68 0.05 -3.24
C SER A 66 -5.03 1.38 -2.90
N LEU A 67 -3.74 1.52 -3.22
CA LEU A 67 -3.01 2.75 -2.95
C LEU A 67 -2.58 3.43 -4.24
N HIS A 68 -2.98 4.68 -4.42
CA HIS A 68 -2.62 5.45 -5.59
C HIS A 68 -1.80 6.67 -5.22
N THR A 69 -0.60 6.76 -5.78
CA THR A 69 0.22 7.97 -5.64
C THR A 69 0.11 8.84 -6.88
N THR A 70 -0.37 10.07 -6.69
CA THR A 70 -0.60 10.99 -7.79
C THR A 70 0.70 11.35 -8.50
N ALA A 71 1.72 11.67 -7.72
CA ALA A 71 2.99 12.10 -8.27
C ALA A 71 4.16 11.60 -7.42
N SER A 72 4.64 10.40 -7.74
CA SER A 72 5.71 9.77 -6.98
C SER A 72 7.07 10.39 -7.32
N THR A 73 7.59 11.18 -6.39
CA THR A 73 8.88 11.84 -6.59
C THR A 73 9.97 11.20 -5.75
N LEU A 74 11.18 11.72 -5.85
CA LEU A 74 12.32 11.18 -5.13
C LEU A 74 12.10 11.25 -3.63
N ASP A 75 11.31 12.21 -3.19
CA ASP A 75 10.95 12.34 -1.78
C ASP A 75 9.89 11.32 -1.39
N ASP A 76 9.21 10.78 -2.38
CA ASP A 76 8.18 9.76 -2.15
C ASP A 76 8.75 8.36 -2.26
N ASP A 77 9.96 8.25 -2.82
CA ASP A 77 10.67 6.98 -2.89
C ASP A 77 10.85 6.38 -1.50
N GLY A 78 10.43 5.13 -1.35
CA GLY A 78 10.55 4.43 -0.07
C GLY A 78 9.63 3.22 -0.01
N ASN A 79 9.40 2.71 1.19
CA ASN A 79 8.65 1.48 1.37
C ASN A 79 7.25 1.75 1.89
N TYR A 80 6.25 1.58 1.03
CA TYR A 80 4.86 1.77 1.42
C TYR A 80 4.28 0.52 2.07
N THR A 81 4.74 0.23 3.28
CA THR A 81 4.39 -1.01 3.95
C THR A 81 2.90 -1.07 4.27
N ILE A 82 2.29 -2.21 3.99
CA ILE A 82 0.88 -2.41 4.29
C ILE A 82 0.69 -3.37 5.45
N MET A 83 -0.28 -3.06 6.33
CA MET A 83 -0.57 -3.89 7.48
C MET A 83 -2.05 -4.27 7.53
N ALA A 84 -2.33 -5.56 7.55
CA ALA A 84 -3.70 -6.05 7.63
C ALA A 84 -4.02 -6.60 9.02
N ALA A 85 -4.55 -5.73 9.88
CA ALA A 85 -4.77 -6.10 11.27
C ALA A 85 -6.24 -6.41 11.54
N ASN A 86 -6.50 -7.56 12.15
CA ASN A 86 -7.85 -7.90 12.60
C ASN A 86 -7.81 -8.61 13.95
N PRO A 87 -8.98 -8.98 14.45
CA PRO A 87 -9.09 -9.57 15.78
C PRO A 87 -8.25 -10.84 15.89
N GLN A 88 -8.02 -11.48 14.76
CA GLN A 88 -7.40 -12.80 14.75
C GLN A 88 -5.89 -12.69 14.63
N GLY A 89 -5.40 -11.47 14.45
CA GLY A 89 -3.97 -11.23 14.29
C GLY A 89 -3.69 -10.17 13.25
N ARG A 90 -2.43 -10.03 12.86
CA ARG A 90 -2.03 -9.04 11.88
C ARG A 90 -0.89 -9.56 11.00
N VAL A 91 -0.71 -8.94 9.83
CA VAL A 91 0.35 -9.32 8.92
C VAL A 91 0.78 -8.15 8.04
N SER A 92 2.08 -8.03 7.82
CA SER A 92 2.63 -6.88 7.12
C SER A 92 3.37 -7.30 5.85
N CYS A 93 3.41 -6.40 4.88
CA CYS A 93 4.16 -6.64 3.65
C CYS A 93 4.74 -5.34 3.09
N THR A 94 5.98 -5.42 2.59
CA THR A 94 6.69 -4.22 2.16
C THR A 94 6.19 -3.75 0.80
N GLY A 95 5.83 -2.47 0.72
CA GLY A 95 5.40 -1.88 -0.55
C GLY A 95 6.53 -1.08 -1.19
N ARG A 96 7.66 -1.74 -1.40
CA ARG A 96 8.83 -1.08 -1.97
C ARG A 96 8.49 -0.35 -3.26
N LEU A 97 8.61 0.97 -3.24
CA LEU A 97 8.47 1.77 -4.45
C LEU A 97 9.69 2.64 -4.69
N MET A 98 10.46 2.30 -5.72
CA MET A 98 11.67 3.05 -6.06
C MET A 98 11.40 4.06 -7.16
N VAL A 99 12.01 5.23 -7.05
CA VAL A 99 11.77 6.30 -8.00
C VAL A 99 13.06 6.66 -8.75
N GLN A 100 12.96 6.70 -10.08
CA GLN A 100 14.09 7.08 -10.92
C GLN A 100 14.13 8.58 -11.17
N ALA A 101 15.26 9.20 -10.85
CA ALA A 101 15.40 10.65 -10.99
C ALA A 101 15.27 11.07 -12.45
N VAL A 102 14.52 12.14 -12.68
CA VAL A 102 14.34 12.69 -14.02
C VAL A 102 14.83 14.13 -14.10
N ASN A 103 15.91 14.34 -14.83
CA ASN A 103 16.53 15.65 -14.92
C ASN A 103 15.67 16.61 -15.72
N GLN A 104 14.77 16.06 -16.54
CA GLN A 104 13.89 16.87 -17.37
C GLN A 104 12.64 17.27 -16.62
N ARG A 105 12.48 16.76 -15.41
CA ARG A 105 11.33 17.07 -14.58
C ARG A 105 11.35 18.51 -14.11
N GLY A 106 10.47 19.33 -14.67
CA GLY A 106 10.44 20.75 -14.33
C GLY A 106 9.94 20.98 -12.91
N ARG A 107 9.31 19.97 -12.34
CA ARG A 107 8.78 20.06 -10.98
C ARG A 107 9.82 19.60 -9.96
N SER A 108 10.98 19.17 -10.45
CA SER A 108 12.05 18.71 -9.57
C SER A 108 12.69 19.87 -8.82
N GLY A 1 -5.67 -16.12 15.77
CA GLY A 1 -5.76 -16.39 17.19
C GLY A 1 -7.15 -16.89 17.58
N GLY A 2 -7.19 -18.09 18.14
CA GLY A 2 -8.46 -18.68 18.57
C GLY A 2 -9.04 -19.59 17.50
N SER A 3 -10.35 -19.57 17.35
CA SER A 3 -11.04 -20.41 16.38
C SER A 3 -12.28 -19.71 15.82
N ASN A 4 -12.91 -20.32 14.83
CA ASN A 4 -14.09 -19.76 14.20
C ASN A 4 -13.76 -18.45 13.48
N ALA A 5 -12.56 -18.39 12.91
CA ALA A 5 -12.10 -17.18 12.23
C ALA A 5 -10.88 -17.47 11.35
N THR A 6 -10.52 -16.50 10.52
CA THR A 6 -9.38 -16.65 9.63
C THR A 6 -8.36 -15.53 9.84
N ALA A 7 -7.14 -15.91 10.21
CA ALA A 7 -6.08 -14.95 10.45
C ALA A 7 -5.70 -14.23 9.17
N PRO A 8 -5.34 -12.96 9.30
CA PRO A 8 -4.95 -12.15 8.14
C PRO A 8 -3.82 -12.81 7.37
N PHE A 9 -4.00 -12.93 6.05
CA PHE A 9 -2.93 -13.40 5.18
C PHE A 9 -3.11 -12.85 3.76
N PHE A 10 -2.08 -12.17 3.26
CA PHE A 10 -2.16 -11.52 1.97
C PHE A 10 -2.17 -12.55 0.83
N GLU A 11 -3.36 -12.92 0.40
CA GLU A 11 -3.52 -13.81 -0.74
C GLU A 11 -2.98 -13.16 -2.01
N MET A 12 -2.86 -11.84 -1.99
CA MET A 12 -2.20 -11.11 -3.07
C MET A 12 -1.27 -10.04 -2.52
N LYS A 13 0.03 -10.34 -2.51
CA LYS A 13 1.01 -9.47 -1.86
C LYS A 13 1.51 -8.40 -2.82
N LEU A 14 2.21 -7.41 -2.29
CA LEU A 14 2.81 -6.36 -3.09
C LEU A 14 4.11 -6.83 -3.74
N LYS A 15 4.46 -6.21 -4.86
CA LYS A 15 5.70 -6.52 -5.54
C LYS A 15 6.66 -5.33 -5.53
N HIS A 16 7.84 -5.52 -6.13
CA HIS A 16 8.77 -4.41 -6.31
C HIS A 16 8.32 -3.48 -7.42
N TYR A 17 7.91 -2.27 -7.05
CA TYR A 17 7.34 -1.33 -8.00
C TYR A 17 8.36 -0.27 -8.39
N LYS A 18 8.28 0.20 -9.64
CA LYS A 18 9.15 1.26 -10.12
C LYS A 18 8.37 2.32 -10.88
N ILE A 19 8.73 3.58 -10.68
CA ILE A 19 8.03 4.69 -11.33
C ILE A 19 8.98 5.85 -11.56
N PHE A 20 8.73 6.62 -12.63
CA PHE A 20 9.53 7.80 -12.93
C PHE A 20 9.14 8.97 -12.05
N GLU A 21 10.13 9.80 -11.70
CA GLU A 21 9.91 10.91 -10.79
C GLU A 21 8.79 11.82 -11.29
N GLY A 22 7.78 12.03 -10.45
CA GLY A 22 6.73 13.00 -10.73
C GLY A 22 5.53 12.33 -11.38
N MET A 23 5.70 11.08 -11.78
CA MET A 23 4.65 10.34 -12.48
C MET A 23 3.75 9.60 -11.51
N PRO A 24 2.50 9.38 -11.93
CA PRO A 24 1.54 8.64 -11.11
C PRO A 24 1.84 7.15 -11.11
N VAL A 25 1.45 6.47 -10.03
CA VAL A 25 1.61 5.03 -9.94
C VAL A 25 0.56 4.42 -9.01
N THR A 26 -0.05 3.32 -9.46
CA THR A 26 -1.10 2.67 -8.69
C THR A 26 -0.70 1.23 -8.36
N PHE A 27 -0.93 0.83 -7.12
CA PHE A 27 -0.71 -0.55 -6.70
C PHE A 27 -1.65 -0.94 -5.56
N THR A 28 -1.92 -2.23 -5.45
CA THR A 28 -3.00 -2.73 -4.59
C THR A 28 -2.65 -4.08 -4.00
N CYS A 29 -3.36 -4.45 -2.94
CA CYS A 29 -3.09 -5.71 -2.24
C CYS A 29 -4.37 -6.30 -1.67
N ARG A 30 -4.44 -7.62 -1.62
CA ARG A 30 -5.65 -8.30 -1.17
C ARG A 30 -5.33 -9.29 -0.05
N VAL A 31 -6.23 -9.35 0.95
CA VAL A 31 -6.00 -10.18 2.12
C VAL A 31 -7.17 -11.15 2.34
N ALA A 32 -6.84 -12.41 2.60
CA ALA A 32 -7.84 -13.41 2.88
C ALA A 32 -8.10 -13.54 4.39
N GLY A 33 -8.62 -12.47 4.98
CA GLY A 33 -8.85 -12.44 6.42
C GLY A 33 -10.33 -12.53 6.74
N ASN A 34 -10.64 -12.93 7.98
CA ASN A 34 -12.02 -13.00 8.44
C ASN A 34 -12.10 -12.87 9.95
N PRO A 35 -12.60 -11.74 10.42
CA PRO A 35 -13.22 -10.76 9.55
C PRO A 35 -12.18 -10.01 8.72
N LYS A 36 -12.64 -9.30 7.70
CA LYS A 36 -11.75 -8.55 6.82
C LYS A 36 -10.96 -7.51 7.61
N PRO A 37 -9.65 -7.67 7.66
CA PRO A 37 -8.80 -6.79 8.44
C PRO A 37 -8.91 -5.35 7.97
N LYS A 38 -8.66 -4.41 8.89
CA LYS A 38 -8.68 -2.99 8.56
C LYS A 38 -7.37 -2.55 7.94
N ILE A 39 -7.11 -2.99 6.71
CA ILE A 39 -5.85 -2.72 6.04
C ILE A 39 -5.41 -1.27 6.27
N TYR A 40 -4.20 -1.11 6.77
CA TYR A 40 -3.61 0.22 6.91
C TYR A 40 -2.42 0.39 5.97
N TRP A 41 -2.25 1.60 5.45
CA TRP A 41 -1.07 1.95 4.67
C TRP A 41 -0.17 2.91 5.44
N PHE A 42 1.13 2.68 5.36
CA PHE A 42 2.12 3.62 5.87
C PHE A 42 3.44 3.51 5.12
N LYS A 43 4.11 4.64 4.96
CA LYS A 43 5.34 4.71 4.16
C LYS A 43 6.56 4.91 5.03
N ASP A 44 7.39 3.89 5.14
CA ASP A 44 8.55 3.93 6.02
C ASP A 44 8.16 4.31 7.44
N GLY A 45 6.97 3.90 7.85
CA GLY A 45 6.49 4.13 9.20
C GLY A 45 5.61 5.37 9.27
N LYS A 46 5.41 6.01 8.12
CA LYS A 46 4.61 7.23 8.05
C LYS A 46 3.16 6.92 7.67
N GLN A 47 2.28 6.91 8.67
CA GLN A 47 0.88 6.57 8.45
C GLN A 47 0.29 7.39 7.32
N ILE A 48 -0.37 6.71 6.38
CA ILE A 48 -0.98 7.37 5.24
C ILE A 48 -2.49 7.51 5.42
N SER A 49 -2.98 8.73 5.32
CA SER A 49 -4.41 8.99 5.37
C SER A 49 -5.05 8.90 3.99
N PRO A 50 -6.19 8.23 3.91
CA PRO A 50 -6.91 8.09 2.65
C PRO A 50 -7.21 9.46 2.03
N LYS A 51 -7.04 9.56 0.72
CA LYS A 51 -7.33 10.79 0.00
C LYS A 51 -6.50 11.95 0.55
N SER A 52 -5.18 11.80 0.53
CA SER A 52 -4.28 12.84 0.98
C SER A 52 -3.79 13.70 -0.18
N ASP A 53 -2.71 14.42 0.03
CA ASP A 53 -2.16 15.32 -0.98
C ASP A 53 -1.90 14.58 -2.29
N HIS A 54 -1.29 13.41 -2.18
CA HIS A 54 -0.99 12.59 -3.35
C HIS A 54 -1.32 11.13 -3.10
N TYR A 55 -1.71 10.81 -1.87
CA TYR A 55 -1.92 9.43 -1.46
C TYR A 55 -3.39 9.10 -1.34
N THR A 56 -3.97 8.55 -2.41
CA THR A 56 -5.38 8.18 -2.43
C THR A 56 -5.57 6.70 -2.14
N ILE A 57 -6.37 6.40 -1.12
CA ILE A 57 -6.61 5.02 -0.72
C ILE A 57 -8.04 4.59 -1.03
N GLN A 58 -8.18 3.49 -1.76
CA GLN A 58 -9.48 2.90 -1.99
C GLN A 58 -9.66 1.64 -1.15
N ARG A 59 -10.84 1.49 -0.56
CA ARG A 59 -11.09 0.42 0.41
C ARG A 59 -12.24 -0.47 -0.04
N ASP A 60 -11.91 -1.59 -0.66
CA ASP A 60 -12.90 -2.59 -1.01
C ASP A 60 -13.19 -3.53 0.15
N LEU A 61 -14.45 -3.56 0.59
CA LEU A 61 -14.81 -4.24 1.84
C LEU A 61 -14.73 -5.75 1.66
N ASP A 62 -14.50 -6.20 0.44
CA ASP A 62 -14.34 -7.62 0.16
C ASP A 62 -13.02 -8.14 0.73
N GLY A 63 -12.12 -7.21 1.05
CA GLY A 63 -10.82 -7.58 1.62
C GLY A 63 -9.68 -7.09 0.74
N THR A 64 -9.96 -6.06 -0.05
CA THR A 64 -8.95 -5.50 -0.95
C THR A 64 -8.80 -3.99 -0.75
N CYS A 65 -7.56 -3.52 -0.78
CA CYS A 65 -7.29 -2.10 -0.65
C CYS A 65 -6.19 -1.65 -1.60
N SER A 66 -6.37 -0.46 -2.18
CA SER A 66 -5.45 0.02 -3.21
C SER A 66 -4.90 1.39 -2.85
N LEU A 67 -3.60 1.58 -3.07
CA LEU A 67 -2.96 2.87 -2.82
C LEU A 67 -2.46 3.49 -4.13
N HIS A 68 -2.97 4.67 -4.44
CA HIS A 68 -2.54 5.39 -5.63
C HIS A 68 -1.72 6.63 -5.26
N THR A 69 -0.55 6.76 -5.87
CA THR A 69 0.26 7.96 -5.72
C THR A 69 0.17 8.84 -6.96
N THR A 70 -0.34 10.06 -6.78
CA THR A 70 -0.56 10.97 -7.90
C THR A 70 0.75 11.40 -8.54
N ALA A 71 1.74 11.71 -7.70
CA ALA A 71 3.03 12.20 -8.18
C ALA A 71 4.17 11.65 -7.33
N SER A 72 4.64 10.46 -7.68
CA SER A 72 5.70 9.80 -6.91
C SER A 72 7.07 10.39 -7.24
N THR A 73 7.61 11.16 -6.31
CA THR A 73 8.91 11.79 -6.50
C THR A 73 9.99 11.08 -5.68
N LEU A 74 11.22 11.56 -5.79
CA LEU A 74 12.34 10.96 -5.09
C LEU A 74 12.15 11.05 -3.58
N ASP A 75 11.38 12.03 -3.14
CA ASP A 75 11.03 12.16 -1.73
C ASP A 75 9.94 11.16 -1.34
N ASP A 76 9.23 10.65 -2.34
CA ASP A 76 8.19 9.66 -2.11
C ASP A 76 8.74 8.25 -2.25
N ASP A 77 9.92 8.13 -2.87
CA ASP A 77 10.61 6.84 -2.95
C ASP A 77 10.81 6.23 -1.58
N GLY A 78 10.40 4.98 -1.43
CA GLY A 78 10.53 4.27 -0.16
C GLY A 78 9.60 3.06 -0.11
N ASN A 79 9.38 2.54 1.10
CA ASN A 79 8.62 1.32 1.27
C ASN A 79 7.22 1.61 1.82
N TYR A 80 6.21 1.45 0.96
CA TYR A 80 4.83 1.65 1.36
C TYR A 80 4.25 0.41 2.01
N THR A 81 4.72 0.10 3.21
CA THR A 81 4.37 -1.16 3.86
C THR A 81 2.88 -1.22 4.17
N ILE A 82 2.27 -2.35 3.87
CA ILE A 82 0.85 -2.55 4.15
C ILE A 82 0.66 -3.53 5.30
N MET A 83 -0.31 -3.24 6.18
CA MET A 83 -0.59 -4.09 7.32
C MET A 83 -2.09 -4.38 7.42
N ALA A 84 -2.45 -5.65 7.30
CA ALA A 84 -3.83 -6.06 7.44
C ALA A 84 -4.14 -6.48 8.88
N ALA A 85 -4.47 -5.49 9.72
CA ALA A 85 -4.66 -5.73 11.14
C ALA A 85 -6.13 -5.97 11.48
N ASN A 86 -6.39 -7.03 12.24
CA ASN A 86 -7.72 -7.27 12.77
C ASN A 86 -7.66 -7.94 14.14
N PRO A 87 -8.82 -8.18 14.74
CA PRO A 87 -8.89 -8.71 16.09
C PRO A 87 -8.19 -10.06 16.20
N GLN A 88 -8.10 -10.75 15.07
CA GLN A 88 -7.65 -12.14 15.07
C GLN A 88 -6.14 -12.23 14.82
N GLY A 89 -5.53 -11.09 14.54
CA GLY A 89 -4.10 -11.05 14.25
C GLY A 89 -3.79 -9.97 13.21
N ARG A 90 -2.57 -10.02 12.67
CA ARG A 90 -2.16 -9.06 11.65
C ARG A 90 -1.12 -9.66 10.72
N VAL A 91 -0.97 -9.07 9.55
CA VAL A 91 0.07 -9.47 8.61
C VAL A 91 0.58 -8.29 7.80
N SER A 92 1.90 -8.22 7.62
CA SER A 92 2.53 -7.08 6.99
C SER A 92 3.26 -7.49 5.72
N CYS A 93 3.36 -6.57 4.77
CA CYS A 93 4.12 -6.80 3.54
C CYS A 93 4.70 -5.51 2.99
N THR A 94 5.97 -5.56 2.58
CA THR A 94 6.68 -4.38 2.13
C THR A 94 6.15 -3.90 0.78
N GLY A 95 5.83 -2.61 0.69
CA GLY A 95 5.37 -2.02 -0.55
C GLY A 95 6.48 -1.23 -1.24
N ARG A 96 7.60 -1.89 -1.49
CA ARG A 96 8.76 -1.24 -2.10
C ARG A 96 8.37 -0.50 -3.36
N LEU A 97 8.49 0.83 -3.32
CA LEU A 97 8.32 1.65 -4.52
C LEU A 97 9.56 2.50 -4.79
N MET A 98 10.28 2.17 -5.84
CA MET A 98 11.49 2.92 -6.20
C MET A 98 11.20 3.95 -7.28
N VAL A 99 11.81 5.12 -7.16
CA VAL A 99 11.57 6.22 -8.08
C VAL A 99 12.83 6.55 -8.88
N GLN A 100 12.70 6.56 -10.20
CA GLN A 100 13.81 6.90 -11.08
C GLN A 100 13.73 8.34 -11.56
N ALA A 101 14.78 9.11 -11.28
CA ALA A 101 14.83 10.50 -11.69
C ALA A 101 14.73 10.65 -13.20
N VAL A 102 13.60 11.20 -13.66
CA VAL A 102 13.37 11.39 -15.08
C VAL A 102 13.56 12.85 -15.48
N ASN A 103 14.76 13.16 -15.98
CA ASN A 103 15.09 14.54 -16.36
C ASN A 103 14.48 14.89 -17.71
N GLN A 104 13.95 13.89 -18.40
CA GLN A 104 13.34 14.10 -19.70
C GLN A 104 11.88 14.54 -19.57
N ARG A 105 11.35 14.45 -18.36
CA ARG A 105 9.97 14.82 -18.10
C ARG A 105 9.88 16.21 -17.50
N GLY A 106 9.23 17.13 -18.24
CA GLY A 106 9.10 18.51 -17.80
C GLY A 106 8.10 18.63 -16.66
N ARG A 107 7.23 17.63 -16.53
CA ARG A 107 6.23 17.60 -15.47
C ARG A 107 6.77 16.91 -14.22
N SER A 108 8.02 16.48 -14.27
CA SER A 108 8.66 15.82 -13.15
C SER A 108 8.67 16.71 -11.91
N GLY A 1 -10.20 -26.08 14.63
CA GLY A 1 -10.14 -25.28 13.41
C GLY A 1 -10.62 -23.86 13.64
N GLY A 2 -10.07 -23.23 14.67
CA GLY A 2 -10.43 -21.85 15.01
C GLY A 2 -11.89 -21.76 15.45
N SER A 3 -12.65 -20.91 14.80
CA SER A 3 -14.05 -20.69 15.15
C SER A 3 -14.70 -19.66 14.22
N ASN A 4 -15.00 -20.08 13.00
CA ASN A 4 -15.61 -19.20 12.01
C ASN A 4 -14.78 -17.94 11.81
N ALA A 5 -13.47 -18.12 11.70
CA ALA A 5 -12.55 -16.99 11.54
C ALA A 5 -11.27 -17.41 10.83
N THR A 6 -10.63 -16.44 10.20
CA THR A 6 -9.41 -16.73 9.42
C THR A 6 -8.36 -15.65 9.63
N ALA A 7 -7.14 -16.06 9.96
CA ALA A 7 -6.04 -15.14 10.14
C ALA A 7 -5.70 -14.40 8.85
N PRO A 8 -5.19 -13.19 8.97
CA PRO A 8 -4.88 -12.37 7.82
C PRO A 8 -3.75 -13.00 7.00
N PHE A 9 -3.92 -12.99 5.67
CA PHE A 9 -2.92 -13.54 4.76
C PHE A 9 -2.94 -12.84 3.42
N PHE A 10 -1.80 -12.27 3.05
CA PHE A 10 -1.67 -11.56 1.77
C PHE A 10 -1.70 -12.54 0.59
N GLU A 11 -2.91 -12.91 0.18
CA GLU A 11 -3.09 -13.79 -0.97
C GLU A 11 -2.70 -13.08 -2.27
N MET A 12 -2.60 -11.76 -2.21
CA MET A 12 -1.99 -10.98 -3.28
C MET A 12 -1.10 -9.88 -2.73
N LYS A 13 0.21 -10.07 -2.84
CA LYS A 13 1.16 -9.15 -2.21
C LYS A 13 1.59 -8.04 -3.18
N LEU A 14 2.20 -7.00 -2.64
CA LEU A 14 2.76 -5.93 -3.45
C LEU A 14 4.12 -6.33 -4.02
N LYS A 15 4.44 -5.80 -5.21
CA LYS A 15 5.70 -6.10 -5.86
C LYS A 15 6.65 -4.90 -5.81
N HIS A 16 7.91 -5.13 -6.15
CA HIS A 16 8.87 -4.04 -6.32
C HIS A 16 8.55 -3.21 -7.56
N TYR A 17 8.11 -1.98 -7.35
CA TYR A 17 7.64 -1.13 -8.45
C TYR A 17 8.71 -0.15 -8.87
N LYS A 18 8.79 0.12 -10.18
CA LYS A 18 9.77 1.04 -10.72
C LYS A 18 9.10 2.17 -11.48
N ILE A 19 9.01 3.34 -10.86
CA ILE A 19 8.25 4.46 -11.40
C ILE A 19 9.14 5.68 -11.59
N PHE A 20 8.91 6.41 -12.68
CA PHE A 20 9.68 7.60 -12.98
C PHE A 20 9.28 8.75 -12.07
N GLU A 21 10.24 9.61 -11.76
CA GLU A 21 10.00 10.74 -10.87
C GLU A 21 8.86 11.61 -11.39
N GLY A 22 7.81 11.74 -10.58
CA GLY A 22 6.70 12.63 -10.92
C GLY A 22 5.56 11.84 -11.57
N MET A 23 5.84 10.60 -11.95
CA MET A 23 4.85 9.76 -12.61
C MET A 23 3.89 9.15 -11.60
N PRO A 24 2.60 9.20 -11.92
CA PRO A 24 1.57 8.57 -11.08
C PRO A 24 1.68 7.05 -11.13
N VAL A 25 1.32 6.40 -10.02
CA VAL A 25 1.35 4.96 -9.94
C VAL A 25 0.23 4.43 -9.05
N THR A 26 -0.45 3.39 -9.52
CA THR A 26 -1.48 2.72 -8.72
C THR A 26 -1.08 1.28 -8.42
N PHE A 27 -1.16 0.91 -7.15
CA PHE A 27 -0.89 -0.46 -6.73
C PHE A 27 -1.86 -0.92 -5.64
N THR A 28 -2.06 -2.22 -5.54
CA THR A 28 -3.15 -2.77 -4.73
C THR A 28 -2.77 -4.12 -4.15
N CYS A 29 -3.39 -4.49 -3.04
CA CYS A 29 -3.06 -5.72 -2.34
C CYS A 29 -4.30 -6.35 -1.73
N ARG A 30 -4.37 -7.69 -1.77
CA ARG A 30 -5.56 -8.41 -1.37
C ARG A 30 -5.26 -9.36 -0.21
N VAL A 31 -6.10 -9.32 0.82
CA VAL A 31 -5.87 -10.11 2.02
C VAL A 31 -7.04 -11.06 2.28
N ALA A 32 -6.73 -12.34 2.43
CA ALA A 32 -7.74 -13.34 2.73
C ALA A 32 -7.97 -13.47 4.23
N GLY A 33 -8.48 -12.40 4.84
CA GLY A 33 -8.69 -12.36 6.28
C GLY A 33 -10.17 -12.46 6.62
N ASN A 34 -10.47 -12.87 7.86
CA ASN A 34 -11.85 -12.94 8.33
C ASN A 34 -11.91 -12.82 9.84
N PRO A 35 -12.40 -11.68 10.31
CA PRO A 35 -13.01 -10.69 9.43
C PRO A 35 -11.96 -9.95 8.63
N LYS A 36 -12.42 -9.23 7.60
CA LYS A 36 -11.52 -8.46 6.75
C LYS A 36 -10.73 -7.43 7.56
N PRO A 37 -9.42 -7.59 7.60
CA PRO A 37 -8.56 -6.73 8.40
C PRO A 37 -8.76 -5.25 8.04
N LYS A 38 -8.63 -4.38 9.03
CA LYS A 38 -8.70 -2.95 8.80
C LYS A 38 -7.44 -2.43 8.11
N ILE A 39 -7.26 -2.81 6.84
CA ILE A 39 -6.01 -2.57 6.13
C ILE A 39 -5.49 -1.16 6.41
N TYR A 40 -4.28 -1.09 6.97
CA TYR A 40 -3.63 0.19 7.21
C TYR A 40 -2.49 0.42 6.22
N TRP A 41 -2.35 1.66 5.76
CA TRP A 41 -1.24 2.03 4.89
C TRP A 41 -0.32 3.04 5.58
N PHE A 42 0.98 2.80 5.48
CA PHE A 42 1.97 3.75 5.96
C PHE A 42 3.28 3.63 5.20
N LYS A 43 3.96 4.75 5.01
CA LYS A 43 5.17 4.80 4.19
C LYS A 43 6.41 5.02 5.03
N ASP A 44 7.23 3.99 5.14
CA ASP A 44 8.42 4.03 5.99
C ASP A 44 8.05 4.41 7.42
N GLY A 45 6.88 3.99 7.85
CA GLY A 45 6.44 4.23 9.22
C GLY A 45 5.56 5.48 9.31
N LYS A 46 5.36 6.13 8.16
CA LYS A 46 4.56 7.35 8.12
C LYS A 46 3.11 7.06 7.75
N GLN A 47 2.25 7.04 8.76
CA GLN A 47 0.83 6.72 8.55
C GLN A 47 0.24 7.56 7.43
N ILE A 48 -0.41 6.91 6.49
CA ILE A 48 -1.00 7.58 5.34
C ILE A 48 -2.49 7.82 5.55
N SER A 49 -2.91 9.08 5.43
CA SER A 49 -4.32 9.43 5.48
C SER A 49 -4.98 9.25 4.12
N PRO A 50 -6.12 8.56 4.09
CA PRO A 50 -6.86 8.35 2.86
C PRO A 50 -7.18 9.67 2.17
N LYS A 51 -6.99 9.71 0.86
CA LYS A 51 -7.29 10.90 0.08
C LYS A 51 -6.47 12.09 0.55
N SER A 52 -5.15 11.93 0.54
CA SER A 52 -4.25 13.00 0.95
C SER A 52 -3.77 13.82 -0.25
N ASP A 53 -2.68 14.56 -0.06
CA ASP A 53 -2.15 15.42 -1.10
C ASP A 53 -1.88 14.62 -2.38
N HIS A 54 -1.26 13.46 -2.23
CA HIS A 54 -0.95 12.60 -3.37
C HIS A 54 -1.26 11.14 -3.06
N TYR A 55 -1.66 10.87 -1.83
CA TYR A 55 -1.84 9.49 -1.36
C TYR A 55 -3.32 9.17 -1.21
N THR A 56 -3.90 8.55 -2.23
CA THR A 56 -5.31 8.20 -2.23
C THR A 56 -5.52 6.73 -1.86
N ILE A 57 -6.22 6.50 -0.76
CA ILE A 57 -6.49 5.13 -0.31
C ILE A 57 -7.93 4.73 -0.63
N GLN A 58 -8.08 3.56 -1.25
CA GLN A 58 -9.40 2.99 -1.49
C GLN A 58 -9.48 1.55 -1.02
N ARG A 59 -10.24 1.33 0.04
CA ARG A 59 -10.36 0.00 0.64
C ARG A 59 -11.69 -0.64 0.29
N ASP A 60 -11.64 -1.72 -0.47
CA ASP A 60 -12.84 -2.51 -0.78
C ASP A 60 -13.11 -3.55 0.29
N LEU A 61 -14.35 -3.59 0.78
CA LEU A 61 -14.72 -4.49 1.86
C LEU A 61 -14.62 -5.95 1.42
N ASP A 62 -14.51 -6.18 0.12
CA ASP A 62 -14.34 -7.51 -0.42
C ASP A 62 -13.04 -8.13 0.09
N GLY A 63 -12.03 -7.31 0.32
CA GLY A 63 -10.76 -7.78 0.86
C GLY A 63 -9.58 -7.22 0.07
N THR A 64 -9.89 -6.43 -0.95
CA THR A 64 -8.86 -5.79 -1.77
C THR A 64 -8.77 -4.30 -1.50
N CYS A 65 -7.60 -3.84 -1.11
CA CYS A 65 -7.37 -2.42 -0.85
C CYS A 65 -6.23 -1.88 -1.70
N SER A 66 -6.39 -0.66 -2.19
CA SER A 66 -5.44 -0.09 -3.14
C SER A 66 -4.92 1.25 -2.64
N LEU A 67 -3.69 1.57 -3.02
CA LEU A 67 -3.10 2.88 -2.73
C LEU A 67 -2.54 3.52 -3.99
N HIS A 68 -3.01 4.72 -4.29
CA HIS A 68 -2.56 5.44 -5.49
C HIS A 68 -1.67 6.63 -5.10
N THR A 69 -0.52 6.71 -5.75
CA THR A 69 0.35 7.88 -5.62
C THR A 69 0.27 8.77 -6.85
N THR A 70 -0.25 9.97 -6.68
CA THR A 70 -0.47 10.89 -7.80
C THR A 70 0.86 11.35 -8.39
N ALA A 71 1.83 11.63 -7.52
CA ALA A 71 3.12 12.13 -7.95
C ALA A 71 4.26 11.46 -7.20
N SER A 72 4.71 10.31 -7.73
CA SER A 72 5.77 9.54 -7.10
C SER A 72 7.14 10.12 -7.42
N THR A 73 7.65 10.99 -6.55
CA THR A 73 8.94 11.61 -6.74
C THR A 73 10.01 10.94 -5.89
N LEU A 74 11.25 11.41 -6.02
CA LEU A 74 12.37 10.82 -5.29
C LEU A 74 12.18 10.95 -3.79
N ASP A 75 11.41 11.95 -3.38
CA ASP A 75 11.08 12.14 -1.98
C ASP A 75 9.97 11.18 -1.54
N ASP A 76 9.24 10.66 -2.53
CA ASP A 76 8.17 9.70 -2.25
C ASP A 76 8.68 8.26 -2.38
N ASP A 77 9.86 8.10 -2.96
CA ASP A 77 10.52 6.80 -3.00
C ASP A 77 10.67 6.21 -1.61
N GLY A 78 10.24 4.97 -1.45
CA GLY A 78 10.34 4.27 -0.17
C GLY A 78 9.38 3.09 -0.11
N ASN A 79 9.13 2.61 1.11
CA ASN A 79 8.33 1.40 1.29
C ASN A 79 6.95 1.74 1.83
N TYR A 80 5.94 1.63 0.98
CA TYR A 80 4.55 1.87 1.38
C TYR A 80 3.96 0.64 2.04
N THR A 81 4.42 0.34 3.26
CA THR A 81 4.09 -0.91 3.93
C THR A 81 2.60 -0.98 4.24
N ILE A 82 1.99 -2.13 3.95
CA ILE A 82 0.60 -2.36 4.28
C ILE A 82 0.45 -3.38 5.40
N MET A 83 -0.46 -3.11 6.33
CA MET A 83 -0.65 -3.95 7.49
C MET A 83 -2.09 -4.48 7.56
N ALA A 84 -2.24 -5.80 7.55
CA ALA A 84 -3.55 -6.42 7.67
C ALA A 84 -3.86 -6.73 9.13
N ALA A 85 -4.34 -5.72 9.85
CA ALA A 85 -4.64 -5.86 11.27
C ALA A 85 -6.11 -6.21 11.50
N ASN A 86 -6.35 -7.37 12.09
CA ASN A 86 -7.70 -7.78 12.47
C ASN A 86 -7.70 -8.51 13.80
N PRO A 87 -8.89 -8.91 14.25
CA PRO A 87 -9.04 -9.52 15.57
C PRO A 87 -8.19 -10.78 15.69
N GLN A 88 -7.88 -11.40 14.56
CA GLN A 88 -7.20 -12.69 14.55
C GLN A 88 -5.70 -12.52 14.48
N GLY A 89 -5.25 -11.27 14.47
CA GLY A 89 -3.82 -10.96 14.42
C GLY A 89 -3.51 -9.94 13.35
N ARG A 90 -2.23 -9.67 13.16
CA ARG A 90 -1.78 -8.67 12.18
C ARG A 90 -0.53 -9.13 11.44
N VAL A 91 -0.39 -8.69 10.20
CA VAL A 91 0.78 -9.02 9.39
C VAL A 91 1.04 -7.96 8.33
N SER A 92 2.32 -7.65 8.11
CA SER A 92 2.70 -6.55 7.25
C SER A 92 3.32 -7.04 5.95
N CYS A 93 3.25 -6.23 4.91
CA CYS A 93 3.94 -6.52 3.66
C CYS A 93 4.52 -5.26 3.05
N THR A 94 5.74 -5.37 2.49
CA THR A 94 6.49 -4.20 2.06
C THR A 94 6.01 -3.71 0.69
N GLY A 95 5.45 -2.53 0.65
CA GLY A 95 5.06 -1.90 -0.61
C GLY A 95 6.22 -1.15 -1.23
N ARG A 96 7.24 -1.89 -1.64
CA ARG A 96 8.48 -1.30 -2.15
C ARG A 96 8.23 -0.53 -3.44
N LEU A 97 8.27 0.79 -3.36
CA LEU A 97 8.18 1.63 -4.54
C LEU A 97 9.46 2.43 -4.77
N MET A 98 10.19 2.08 -5.81
CA MET A 98 11.45 2.75 -6.14
C MET A 98 11.26 3.73 -7.28
N VAL A 99 11.81 4.93 -7.12
CA VAL A 99 11.61 6.00 -8.08
C VAL A 99 12.90 6.32 -8.84
N GLN A 100 12.80 6.37 -10.16
CA GLN A 100 13.94 6.70 -11.00
C GLN A 100 13.83 8.11 -11.56
N ALA A 101 14.90 8.89 -11.41
CA ALA A 101 14.93 10.25 -11.93
C ALA A 101 14.72 10.26 -13.44
N VAL A 102 13.75 11.06 -13.88
CA VAL A 102 13.43 11.14 -15.31
C VAL A 102 14.06 12.37 -15.94
N ASN A 103 15.20 12.18 -16.59
CA ASN A 103 15.94 13.30 -17.17
C ASN A 103 15.26 13.82 -18.43
N GLN A 104 14.28 13.06 -18.92
CA GLN A 104 13.51 13.48 -20.08
C GLN A 104 12.55 14.62 -19.74
N ARG A 105 12.21 14.72 -18.46
CA ARG A 105 11.33 15.78 -17.99
C ARG A 105 11.91 17.16 -18.27
N GLY A 106 11.23 17.91 -19.13
CA GLY A 106 11.69 19.24 -19.52
C GLY A 106 11.58 20.23 -18.37
N ARG A 107 10.79 19.87 -17.36
CA ARG A 107 10.60 20.71 -16.19
C ARG A 107 11.64 20.41 -15.12
N SER A 108 12.48 19.42 -15.38
CA SER A 108 13.52 19.03 -14.44
C SER A 108 14.59 20.10 -14.31
N GLY A 1 -17.49 -27.28 15.76
CA GLY A 1 -16.28 -26.69 16.33
C GLY A 1 -15.73 -25.59 15.46
N GLY A 2 -14.55 -25.82 14.89
CA GLY A 2 -13.90 -24.83 14.03
C GLY A 2 -13.54 -23.57 14.80
N SER A 3 -14.00 -22.42 14.31
CA SER A 3 -13.68 -21.14 14.92
C SER A 3 -14.48 -20.01 14.28
N ASN A 4 -14.85 -20.20 13.02
CA ASN A 4 -15.58 -19.17 12.27
C ASN A 4 -14.74 -17.91 12.10
N ALA A 5 -13.43 -18.09 11.95
CA ALA A 5 -12.52 -16.97 11.78
C ALA A 5 -11.24 -17.39 11.06
N THR A 6 -10.59 -16.43 10.42
CA THR A 6 -9.39 -16.71 9.64
C THR A 6 -8.35 -15.61 9.82
N ALA A 7 -7.13 -16.02 10.15
CA ALA A 7 -6.03 -15.07 10.30
C ALA A 7 -5.73 -14.35 9.00
N PRO A 8 -5.22 -13.13 9.11
CA PRO A 8 -4.92 -12.31 7.94
C PRO A 8 -3.82 -12.94 7.10
N PHE A 9 -4.01 -12.93 5.78
CA PHE A 9 -3.03 -13.50 4.87
C PHE A 9 -3.08 -12.82 3.51
N PHE A 10 -1.95 -12.26 3.09
CA PHE A 10 -1.86 -11.57 1.82
C PHE A 10 -1.94 -12.56 0.65
N GLU A 11 -3.17 -12.91 0.26
CA GLU A 11 -3.38 -13.79 -0.88
C GLU A 11 -3.01 -13.10 -2.19
N MET A 12 -2.85 -11.78 -2.13
CA MET A 12 -2.23 -11.03 -3.21
C MET A 12 -1.27 -9.98 -2.68
N LYS A 13 0.02 -10.28 -2.75
CA LYS A 13 1.04 -9.43 -2.15
C LYS A 13 1.48 -8.32 -3.10
N LEU A 14 2.22 -7.35 -2.57
CA LEU A 14 2.77 -6.29 -3.39
C LEU A 14 4.06 -6.71 -4.08
N LYS A 15 4.32 -6.15 -5.25
CA LYS A 15 5.57 -6.42 -5.98
C LYS A 15 6.52 -5.24 -5.87
N HIS A 16 7.78 -5.48 -6.24
CA HIS A 16 8.76 -4.40 -6.35
C HIS A 16 8.40 -3.45 -7.48
N TYR A 17 8.00 -2.23 -7.13
CA TYR A 17 7.50 -1.27 -8.10
C TYR A 17 8.58 -0.24 -8.46
N LYS A 18 8.58 0.20 -9.71
CA LYS A 18 9.50 1.22 -10.16
C LYS A 18 8.79 2.26 -11.02
N ILE A 19 9.14 3.53 -10.81
CA ILE A 19 8.50 4.62 -11.53
C ILE A 19 9.47 5.78 -11.76
N PHE A 20 9.25 6.54 -12.82
CA PHE A 20 10.00 7.76 -13.07
C PHE A 20 9.48 8.91 -12.22
N GLU A 21 10.39 9.79 -11.80
CA GLU A 21 10.04 10.89 -10.92
C GLU A 21 8.90 11.73 -11.51
N GLY A 22 7.83 11.90 -10.74
CA GLY A 22 6.75 12.80 -11.12
C GLY A 22 5.55 12.04 -11.63
N MET A 23 5.76 10.78 -12.00
CA MET A 23 4.72 9.96 -12.60
C MET A 23 3.82 9.33 -11.54
N PRO A 24 2.57 9.06 -11.90
CA PRO A 24 1.62 8.44 -10.99
C PRO A 24 1.92 6.96 -10.82
N VAL A 25 1.55 6.41 -9.67
CA VAL A 25 1.76 4.98 -9.38
C VAL A 25 0.53 4.37 -8.74
N THR A 26 0.05 3.29 -9.34
CA THR A 26 -1.12 2.57 -8.81
C THR A 26 -0.75 1.15 -8.42
N PHE A 27 -1.06 0.77 -7.19
CA PHE A 27 -0.85 -0.59 -6.72
C PHE A 27 -1.85 -0.96 -5.62
N THR A 28 -2.10 -2.26 -5.47
CA THR A 28 -3.16 -2.73 -4.59
C THR A 28 -2.82 -4.09 -4.00
N CYS A 29 -3.44 -4.42 -2.88
CA CYS A 29 -3.16 -5.67 -2.18
C CYS A 29 -4.44 -6.29 -1.63
N ARG A 30 -4.50 -7.62 -1.65
CA ARG A 30 -5.71 -8.33 -1.24
C ARG A 30 -5.41 -9.31 -0.10
N VAL A 31 -6.26 -9.29 0.91
CA VAL A 31 -6.03 -10.07 2.11
C VAL A 31 -7.18 -11.05 2.38
N ALA A 32 -6.85 -12.32 2.53
CA ALA A 32 -7.85 -13.33 2.84
C ALA A 32 -8.05 -13.47 4.35
N GLY A 33 -8.56 -12.41 4.96
CA GLY A 33 -8.76 -12.39 6.41
C GLY A 33 -10.22 -12.50 6.78
N ASN A 34 -10.50 -12.89 8.03
CA ASN A 34 -11.87 -12.97 8.52
C ASN A 34 -11.91 -12.82 10.02
N PRO A 35 -12.40 -11.67 10.49
CA PRO A 35 -13.03 -10.71 9.60
C PRO A 35 -12.00 -9.97 8.75
N LYS A 36 -12.48 -9.27 7.73
CA LYS A 36 -11.60 -8.52 6.85
C LYS A 36 -10.81 -7.47 7.63
N PRO A 37 -9.49 -7.62 7.65
CA PRO A 37 -8.62 -6.73 8.42
C PRO A 37 -8.83 -5.28 8.00
N LYS A 38 -8.59 -4.37 8.94
CA LYS A 38 -8.64 -2.94 8.65
C LYS A 38 -7.36 -2.46 7.98
N ILE A 39 -7.13 -2.93 6.76
CA ILE A 39 -5.87 -2.69 6.07
C ILE A 39 -5.38 -1.27 6.28
N TYR A 40 -4.18 -1.13 6.83
CA TYR A 40 -3.56 0.18 7.01
C TYR A 40 -2.38 0.36 6.06
N TRP A 41 -2.19 1.59 5.59
CA TRP A 41 -1.03 1.92 4.78
C TRP A 41 -0.13 2.92 5.50
N PHE A 42 1.18 2.71 5.39
CA PHE A 42 2.17 3.69 5.86
C PHE A 42 3.46 3.58 5.08
N LYS A 43 4.11 4.72 4.87
CA LYS A 43 5.31 4.77 4.03
C LYS A 43 6.55 5.04 4.88
N ASP A 44 7.40 4.03 5.00
CA ASP A 44 8.59 4.13 5.85
C ASP A 44 8.22 4.55 7.26
N GLY A 45 7.05 4.11 7.72
CA GLY A 45 6.61 4.38 9.08
C GLY A 45 5.71 5.61 9.14
N LYS A 46 5.46 6.21 7.97
CA LYS A 46 4.63 7.40 7.90
C LYS A 46 3.19 7.05 7.57
N GLN A 47 2.34 7.04 8.59
CA GLN A 47 0.94 6.67 8.44
C GLN A 47 0.29 7.46 7.31
N ILE A 48 -0.38 6.74 6.40
CA ILE A 48 -1.03 7.37 5.26
C ILE A 48 -2.54 7.47 5.48
N SER A 49 -3.06 8.69 5.37
CA SER A 49 -4.50 8.91 5.44
C SER A 49 -5.14 8.83 4.06
N PRO A 50 -6.28 8.17 3.97
CA PRO A 50 -7.02 8.05 2.72
C PRO A 50 -7.30 9.43 2.12
N LYS A 51 -7.14 9.54 0.80
CA LYS A 51 -7.42 10.78 0.10
C LYS A 51 -6.58 11.93 0.65
N SER A 52 -5.27 11.77 0.63
CA SER A 52 -4.36 12.79 1.10
C SER A 52 -3.86 13.66 -0.05
N ASP A 53 -2.77 14.38 0.19
CA ASP A 53 -2.22 15.29 -0.81
C ASP A 53 -1.94 14.57 -2.12
N HIS A 54 -1.32 13.40 -2.02
CA HIS A 54 -1.00 12.60 -3.19
C HIS A 54 -1.32 11.13 -2.96
N TYR A 55 -1.72 10.80 -1.74
CA TYR A 55 -1.92 9.41 -1.34
C TYR A 55 -3.40 9.09 -1.20
N THR A 56 -3.99 8.52 -2.25
CA THR A 56 -5.40 8.18 -2.25
C THR A 56 -5.61 6.69 -1.98
N ILE A 57 -6.41 6.39 -0.96
CA ILE A 57 -6.68 5.00 -0.57
C ILE A 57 -8.10 4.60 -0.91
N GLN A 58 -8.25 3.55 -1.71
CA GLN A 58 -9.56 2.97 -1.98
C GLN A 58 -9.76 1.69 -1.18
N ARG A 59 -10.92 1.59 -0.53
CA ARG A 59 -11.20 0.47 0.37
C ARG A 59 -12.35 -0.38 -0.16
N ASP A 60 -12.00 -1.58 -0.63
CA ASP A 60 -13.02 -2.57 -1.01
C ASP A 60 -13.31 -3.53 0.15
N LEU A 61 -14.56 -3.56 0.58
CA LEU A 61 -14.94 -4.31 1.78
C LEU A 61 -14.79 -5.80 1.56
N ASP A 62 -14.59 -6.21 0.31
CA ASP A 62 -14.38 -7.61 -0.02
C ASP A 62 -13.07 -8.12 0.58
N GLY A 63 -12.16 -7.20 0.85
CA GLY A 63 -10.88 -7.56 1.46
C GLY A 63 -9.71 -7.06 0.61
N THR A 64 -9.99 -6.12 -0.27
CA THR A 64 -8.96 -5.52 -1.11
C THR A 64 -8.85 -4.02 -0.86
N CYS A 65 -7.62 -3.53 -0.82
CA CYS A 65 -7.37 -2.11 -0.66
C CYS A 65 -6.27 -1.62 -1.60
N SER A 66 -6.48 -0.45 -2.20
CA SER A 66 -5.56 0.06 -3.22
C SER A 66 -5.01 1.42 -2.81
N LEU A 67 -3.71 1.60 -3.01
CA LEU A 67 -3.05 2.86 -2.72
C LEU A 67 -2.48 3.51 -3.99
N HIS A 68 -2.96 4.71 -4.29
CA HIS A 68 -2.52 5.42 -5.49
C HIS A 68 -1.70 6.65 -5.13
N THR A 69 -0.50 6.74 -5.70
CA THR A 69 0.31 7.94 -5.58
C THR A 69 0.17 8.83 -6.81
N THR A 70 -0.34 10.04 -6.62
CA THR A 70 -0.62 10.94 -7.72
C THR A 70 0.67 11.34 -8.43
N ALA A 71 1.70 11.66 -7.66
CA ALA A 71 2.96 12.12 -8.23
C ALA A 71 4.14 11.61 -7.42
N SER A 72 4.61 10.41 -7.76
CA SER A 72 5.69 9.76 -7.02
C SER A 72 7.04 10.40 -7.34
N THR A 73 7.57 11.16 -6.39
CA THR A 73 8.87 11.82 -6.56
C THR A 73 9.95 11.13 -5.74
N LEU A 74 11.17 11.64 -5.83
CA LEU A 74 12.30 11.05 -5.13
C LEU A 74 12.09 11.07 -3.62
N ASP A 75 11.30 12.02 -3.16
CA ASP A 75 10.93 12.11 -1.74
C ASP A 75 9.86 11.09 -1.40
N ASP A 76 9.14 10.62 -2.42
CA ASP A 76 8.11 9.61 -2.23
C ASP A 76 8.67 8.20 -2.41
N ASP A 77 9.90 8.12 -2.91
CA ASP A 77 10.61 6.85 -2.99
C ASP A 77 10.79 6.24 -1.61
N GLY A 78 10.36 4.98 -1.46
CA GLY A 78 10.46 4.28 -0.18
C GLY A 78 9.52 3.08 -0.15
N ASN A 79 9.28 2.57 1.05
CA ASN A 79 8.49 1.35 1.22
C ASN A 79 7.10 1.66 1.75
N TYR A 80 6.10 1.50 0.89
CA TYR A 80 4.71 1.71 1.29
C TYR A 80 4.14 0.49 1.96
N THR A 81 4.61 0.21 3.18
CA THR A 81 4.27 -1.02 3.87
C THR A 81 2.79 -1.09 4.21
N ILE A 82 2.17 -2.24 3.94
CA ILE A 82 0.77 -2.44 4.28
C ILE A 82 0.62 -3.44 5.42
N MET A 83 -0.32 -3.14 6.32
CA MET A 83 -0.55 -4.00 7.49
C MET A 83 -2.00 -4.45 7.56
N ALA A 84 -2.21 -5.76 7.53
CA ALA A 84 -3.55 -6.33 7.64
C ALA A 84 -3.89 -6.65 9.10
N ALA A 85 -4.36 -5.63 9.82
CA ALA A 85 -4.65 -5.78 11.25
C ALA A 85 -6.11 -6.12 11.48
N ASN A 86 -6.36 -7.28 12.09
CA ASN A 86 -7.71 -7.66 12.49
C ASN A 86 -7.70 -8.36 13.84
N PRO A 87 -8.89 -8.75 14.30
CA PRO A 87 -9.05 -9.34 15.62
C PRO A 87 -8.19 -10.59 15.78
N GLN A 88 -7.90 -11.24 14.66
CA GLN A 88 -7.22 -12.54 14.67
C GLN A 88 -5.72 -12.37 14.55
N GLY A 89 -5.25 -11.13 14.55
CA GLY A 89 -3.83 -10.84 14.48
C GLY A 89 -3.52 -9.84 13.37
N ARG A 90 -2.24 -9.62 13.13
CA ARG A 90 -1.80 -8.65 12.12
C ARG A 90 -0.57 -9.14 11.37
N VAL A 91 -0.41 -8.69 10.14
CA VAL A 91 0.74 -9.07 9.33
C VAL A 91 1.05 -8.01 8.29
N SER A 92 2.34 -7.73 8.09
CA SER A 92 2.77 -6.63 7.24
C SER A 92 3.37 -7.15 5.93
N CYS A 93 3.41 -6.29 4.93
CA CYS A 93 4.09 -6.60 3.68
C CYS A 93 4.67 -5.35 3.02
N THR A 94 5.89 -5.45 2.54
CA THR A 94 6.62 -4.29 2.05
C THR A 94 6.07 -3.81 0.72
N GLY A 95 5.78 -2.52 0.62
CA GLY A 95 5.31 -1.93 -0.63
C GLY A 95 6.42 -1.16 -1.33
N ARG A 96 7.54 -1.82 -1.58
CA ARG A 96 8.72 -1.17 -2.15
C ARG A 96 8.37 -0.44 -3.44
N LEU A 97 8.50 0.88 -3.43
CA LEU A 97 8.40 1.67 -4.64
C LEU A 97 9.63 2.54 -4.85
N MET A 98 10.40 2.22 -5.88
CA MET A 98 11.61 2.97 -6.19
C MET A 98 11.35 4.01 -7.28
N VAL A 99 11.97 5.18 -7.14
CA VAL A 99 11.77 6.28 -8.08
C VAL A 99 13.06 6.65 -8.78
N GLN A 100 13.04 6.64 -10.11
CA GLN A 100 14.18 7.03 -10.90
C GLN A 100 14.05 8.45 -11.42
N ALA A 101 15.07 9.27 -11.15
CA ALA A 101 15.09 10.65 -11.61
C ALA A 101 15.02 10.72 -13.13
N VAL A 102 13.99 11.41 -13.64
CA VAL A 102 13.80 11.54 -15.08
C VAL A 102 14.29 12.89 -15.58
N ASN A 103 15.50 12.91 -16.13
CA ASN A 103 16.11 14.15 -16.58
C ASN A 103 15.47 14.64 -17.88
N GLN A 104 14.62 13.81 -18.46
CA GLN A 104 13.92 14.17 -19.69
C GLN A 104 12.67 14.99 -19.40
N ARG A 105 12.33 15.10 -18.13
CA ARG A 105 11.20 15.92 -17.71
C ARG A 105 11.50 17.40 -17.83
N GLY A 106 10.74 18.09 -18.66
CA GLY A 106 10.96 19.51 -18.90
C GLY A 106 10.57 20.36 -17.70
N ARG A 107 9.75 19.77 -16.81
CA ARG A 107 9.31 20.47 -15.61
C ARG A 107 10.26 20.24 -14.46
N SER A 108 11.29 19.41 -14.69
CA SER A 108 12.27 19.11 -13.66
C SER A 108 13.15 20.31 -13.37
N GLY A 1 -3.71 -15.50 16.14
CA GLY A 1 -4.31 -16.74 16.62
C GLY A 1 -5.82 -16.62 16.74
N GLY A 2 -6.34 -16.98 17.91
CA GLY A 2 -7.78 -16.91 18.17
C GLY A 2 -8.50 -18.13 17.61
N SER A 3 -9.81 -18.01 17.47
CA SER A 3 -10.63 -19.11 16.95
C SER A 3 -11.94 -18.59 16.36
N ASN A 4 -12.60 -19.44 15.58
CA ASN A 4 -13.86 -19.06 14.94
C ASN A 4 -13.67 -17.86 14.02
N ALA A 5 -12.52 -17.80 13.36
CA ALA A 5 -12.20 -16.69 12.48
C ALA A 5 -11.03 -17.02 11.57
N THR A 6 -10.88 -16.27 10.49
CA THR A 6 -9.75 -16.44 9.58
C THR A 6 -8.73 -15.33 9.72
N ALA A 7 -7.51 -15.69 10.10
CA ALA A 7 -6.46 -14.74 10.36
C ALA A 7 -6.06 -14.00 9.08
N PRO A 8 -5.56 -12.78 9.24
CA PRO A 8 -5.11 -11.99 8.10
C PRO A 8 -4.07 -12.74 7.28
N PHE A 9 -4.25 -12.74 5.97
CA PHE A 9 -3.30 -13.37 5.06
C PHE A 9 -3.35 -12.73 3.67
N PHE A 10 -2.21 -12.20 3.23
CA PHE A 10 -2.13 -11.57 1.92
C PHE A 10 -2.25 -12.59 0.80
N GLU A 11 -3.48 -12.88 0.40
CA GLU A 11 -3.73 -13.77 -0.73
C GLU A 11 -3.21 -13.17 -2.03
N MET A 12 -3.03 -11.85 -2.02
CA MET A 12 -2.34 -11.18 -3.13
C MET A 12 -1.38 -10.12 -2.60
N LYS A 13 -0.08 -10.35 -2.79
CA LYS A 13 0.95 -9.54 -2.16
C LYS A 13 1.47 -8.48 -3.12
N LEU A 14 2.20 -7.50 -2.58
CA LEU A 14 2.83 -6.47 -3.39
C LEU A 14 4.15 -6.95 -3.97
N LYS A 15 4.70 -6.16 -4.89
CA LYS A 15 6.00 -6.47 -5.48
C LYS A 15 6.89 -5.24 -5.54
N HIS A 16 8.10 -5.42 -6.06
CA HIS A 16 9.02 -4.30 -6.25
C HIS A 16 8.56 -3.39 -7.38
N TYR A 17 8.14 -2.19 -7.03
CA TYR A 17 7.62 -1.24 -8.02
C TYR A 17 8.67 -0.21 -8.40
N LYS A 18 8.64 0.22 -9.66
CA LYS A 18 9.57 1.25 -10.13
C LYS A 18 8.83 2.31 -10.95
N ILE A 19 9.21 3.56 -10.74
CA ILE A 19 8.58 4.68 -11.43
C ILE A 19 9.55 5.84 -11.61
N PHE A 20 9.34 6.63 -12.67
CA PHE A 20 10.09 7.86 -12.87
C PHE A 20 9.50 9.00 -12.05
N GLU A 21 10.38 9.84 -11.50
CA GLU A 21 9.95 10.93 -10.63
C GLU A 21 8.90 11.80 -11.32
N GLY A 22 7.76 11.96 -10.65
CA GLY A 22 6.73 12.88 -11.14
C GLY A 22 5.54 12.11 -11.71
N MET A 23 5.76 10.83 -12.01
CA MET A 23 4.73 10.01 -12.63
C MET A 23 3.82 9.38 -11.59
N PRO A 24 2.59 9.08 -11.98
CA PRO A 24 1.63 8.46 -11.09
C PRO A 24 1.95 6.99 -10.87
N VAL A 25 1.55 6.46 -9.71
CA VAL A 25 1.78 5.05 -9.39
C VAL A 25 0.53 4.42 -8.80
N THR A 26 0.11 3.29 -9.34
CA THR A 26 -1.06 2.58 -8.86
C THR A 26 -0.74 1.12 -8.58
N PHE A 27 -1.09 0.66 -7.38
CA PHE A 27 -0.99 -0.76 -7.04
C PHE A 27 -1.96 -1.12 -5.91
N THR A 28 -2.18 -2.42 -5.72
CA THR A 28 -3.22 -2.88 -4.82
C THR A 28 -2.84 -4.21 -4.19
N CYS A 29 -3.50 -4.54 -3.08
CA CYS A 29 -3.19 -5.77 -2.34
C CYS A 29 -4.43 -6.35 -1.69
N ARG A 30 -4.55 -7.67 -1.69
CA ARG A 30 -5.77 -8.35 -1.26
C ARG A 30 -5.50 -9.29 -0.09
N VAL A 31 -6.41 -9.28 0.88
CA VAL A 31 -6.22 -10.04 2.10
C VAL A 31 -7.38 -10.99 2.36
N ALA A 32 -7.07 -12.27 2.53
CA ALA A 32 -8.08 -13.28 2.82
C ALA A 32 -8.35 -13.37 4.32
N GLY A 33 -8.88 -12.29 4.89
CA GLY A 33 -9.20 -12.25 6.31
C GLY A 33 -10.71 -12.30 6.54
N ASN A 34 -11.12 -12.78 7.71
CA ASN A 34 -12.53 -12.86 8.06
C ASN A 34 -12.72 -12.86 9.56
N PRO A 35 -13.27 -11.75 10.07
CA PRO A 35 -13.74 -10.67 9.23
C PRO A 35 -12.59 -9.87 8.65
N LYS A 36 -12.90 -8.99 7.70
CA LYS A 36 -11.88 -8.15 7.08
C LYS A 36 -11.08 -7.39 8.13
N PRO A 37 -9.77 -7.59 8.11
CA PRO A 37 -8.88 -6.89 9.03
C PRO A 37 -8.96 -5.38 8.86
N LYS A 38 -8.49 -4.65 9.85
CA LYS A 38 -8.41 -3.20 9.77
C LYS A 38 -7.21 -2.75 8.93
N ILE A 39 -7.28 -3.01 7.63
CA ILE A 39 -6.14 -2.81 6.75
C ILE A 39 -5.84 -1.32 6.57
N TYR A 40 -4.55 -0.97 6.65
CA TYR A 40 -4.13 0.42 6.45
C TYR A 40 -2.75 0.47 5.81
N TRP A 41 -2.39 1.65 5.32
CA TRP A 41 -1.10 1.83 4.66
C TRP A 41 -0.20 2.78 5.46
N PHE A 42 1.10 2.56 5.35
CA PHE A 42 2.07 3.51 5.89
C PHE A 42 3.39 3.45 5.11
N LYS A 43 4.03 4.61 4.98
CA LYS A 43 5.24 4.72 4.16
C LYS A 43 6.48 4.93 5.03
N ASP A 44 7.33 3.92 5.10
CA ASP A 44 8.51 3.97 5.95
C ASP A 44 8.15 4.31 7.38
N GLY A 45 6.97 3.87 7.82
CA GLY A 45 6.53 4.06 9.19
C GLY A 45 5.61 5.27 9.31
N LYS A 46 5.37 5.94 8.18
CA LYS A 46 4.53 7.13 8.16
C LYS A 46 3.11 6.79 7.76
N GLN A 47 2.23 6.68 8.75
CA GLN A 47 0.84 6.29 8.51
C GLN A 47 0.21 7.18 7.43
N ILE A 48 -0.42 6.54 6.44
CA ILE A 48 -1.02 7.27 5.34
C ILE A 48 -2.52 7.43 5.53
N SER A 49 -2.99 8.66 5.47
CA SER A 49 -4.43 8.94 5.51
C SER A 49 -5.05 8.87 4.12
N PRO A 50 -6.17 8.17 4.01
CA PRO A 50 -6.87 8.04 2.74
C PRO A 50 -7.19 9.40 2.13
N LYS A 51 -7.04 9.50 0.82
CA LYS A 51 -7.34 10.75 0.11
C LYS A 51 -6.53 11.91 0.66
N SER A 52 -5.21 11.77 0.63
CA SER A 52 -4.31 12.81 1.10
C SER A 52 -3.84 13.70 -0.05
N ASP A 53 -2.74 14.42 0.17
CA ASP A 53 -2.22 15.34 -0.82
C ASP A 53 -1.94 14.61 -2.14
N HIS A 54 -1.29 13.46 -2.05
CA HIS A 54 -0.99 12.66 -3.23
C HIS A 54 -1.29 11.18 -2.98
N TYR A 55 -1.65 10.85 -1.74
CA TYR A 55 -1.81 9.46 -1.34
C TYR A 55 -3.29 9.10 -1.19
N THR A 56 -3.86 8.52 -2.23
CA THR A 56 -5.27 8.14 -2.24
C THR A 56 -5.43 6.65 -1.94
N ILE A 57 -6.21 6.34 -0.90
CA ILE A 57 -6.45 4.95 -0.52
C ILE A 57 -7.89 4.55 -0.82
N GLN A 58 -8.04 3.52 -1.64
CA GLN A 58 -9.35 2.92 -1.90
C GLN A 58 -9.55 1.65 -1.10
N ARG A 59 -10.66 1.56 -0.39
CA ARG A 59 -10.93 0.43 0.49
C ARG A 59 -12.12 -0.37 0.02
N ASP A 60 -11.86 -1.51 -0.63
CA ASP A 60 -12.91 -2.44 -1.04
C ASP A 60 -13.26 -3.41 0.08
N LEU A 61 -14.52 -3.38 0.51
CA LEU A 61 -14.95 -4.12 1.70
C LEU A 61 -14.89 -5.62 1.46
N ASP A 62 -14.68 -6.01 0.21
CA ASP A 62 -14.50 -7.41 -0.14
C ASP A 62 -13.23 -7.98 0.48
N GLY A 63 -12.31 -7.09 0.83
CA GLY A 63 -11.05 -7.49 1.44
C GLY A 63 -9.86 -7.01 0.63
N THR A 64 -10.08 -6.00 -0.20
CA THR A 64 -9.03 -5.48 -1.08
C THR A 64 -8.78 -4.00 -0.83
N CYS A 65 -7.51 -3.62 -0.81
CA CYS A 65 -7.13 -2.23 -0.62
C CYS A 65 -6.13 -1.78 -1.69
N SER A 66 -6.35 -0.59 -2.23
CA SER A 66 -5.51 -0.07 -3.30
C SER A 66 -4.93 1.30 -2.94
N LEU A 67 -3.65 1.47 -3.25
CA LEU A 67 -2.97 2.74 -2.96
C LEU A 67 -2.51 3.41 -4.24
N HIS A 68 -2.96 4.64 -4.46
CA HIS A 68 -2.57 5.41 -5.63
C HIS A 68 -1.78 6.65 -5.25
N THR A 69 -0.58 6.78 -5.80
CA THR A 69 0.21 7.99 -5.65
C THR A 69 0.08 8.89 -6.88
N THR A 70 -0.42 10.10 -6.67
CA THR A 70 -0.67 11.03 -7.77
C THR A 70 0.62 11.38 -8.50
N ALA A 71 1.66 11.70 -7.73
CA ALA A 71 2.93 12.12 -8.31
C ALA A 71 4.10 11.63 -7.47
N SER A 72 4.57 10.42 -7.78
CA SER A 72 5.65 9.81 -7.02
C SER A 72 6.99 10.41 -7.39
N THR A 73 7.54 11.22 -6.48
CA THR A 73 8.82 11.87 -6.73
C THR A 73 9.95 11.21 -5.93
N LEU A 74 11.16 11.72 -6.10
CA LEU A 74 12.32 11.15 -5.43
C LEU A 74 12.17 11.22 -3.91
N ASP A 75 11.38 12.19 -3.44
CA ASP A 75 11.11 12.32 -2.02
C ASP A 75 10.04 11.33 -1.57
N ASP A 76 9.30 10.79 -2.53
CA ASP A 76 8.25 9.81 -2.24
C ASP A 76 8.80 8.39 -2.33
N ASP A 77 10.00 8.25 -2.87
CA ASP A 77 10.67 6.96 -2.92
C ASP A 77 10.79 6.34 -1.53
N GLY A 78 10.35 5.10 -1.40
CA GLY A 78 10.41 4.39 -0.13
C GLY A 78 9.48 3.18 -0.12
N ASN A 79 9.22 2.65 1.07
CA ASN A 79 8.45 1.42 1.20
C ASN A 79 7.04 1.72 1.71
N TYR A 80 6.05 1.57 0.82
CA TYR A 80 4.66 1.79 1.20
C TYR A 80 4.05 0.53 1.80
N THR A 81 4.49 0.19 3.01
CA THR A 81 4.12 -1.08 3.63
C THR A 81 2.64 -1.09 4.00
N ILE A 82 1.97 -2.20 3.69
CA ILE A 82 0.58 -2.39 4.08
C ILE A 82 0.45 -3.42 5.20
N MET A 83 -0.42 -3.13 6.16
CA MET A 83 -0.64 -4.03 7.28
C MET A 83 -2.12 -4.37 7.42
N ALA A 84 -2.41 -5.66 7.53
CA ALA A 84 -3.77 -6.12 7.76
C ALA A 84 -4.02 -6.43 9.22
N ALA A 85 -3.96 -5.40 10.07
CA ALA A 85 -4.06 -5.58 11.51
C ALA A 85 -5.51 -5.79 11.93
N ASN A 86 -5.72 -6.75 12.83
CA ASN A 86 -7.02 -6.93 13.46
C ASN A 86 -6.89 -7.62 14.81
N PRO A 87 -8.00 -7.75 15.51
CA PRO A 87 -8.00 -8.32 16.86
C PRO A 87 -7.41 -9.72 16.87
N GLN A 88 -7.48 -10.40 15.73
CA GLN A 88 -7.09 -11.80 15.66
C GLN A 88 -5.62 -11.94 15.28
N GLY A 89 -4.97 -10.82 14.99
CA GLY A 89 -3.57 -10.82 14.61
C GLY A 89 -3.29 -9.79 13.53
N ARG A 90 -2.03 -9.67 13.15
CA ARG A 90 -1.61 -8.68 12.15
C ARG A 90 -0.51 -9.21 11.26
N VAL A 91 -0.41 -8.68 10.05
CA VAL A 91 0.64 -9.08 9.12
C VAL A 91 0.93 -7.95 8.13
N SER A 92 2.22 -7.72 7.86
CA SER A 92 2.64 -6.62 7.02
C SER A 92 3.23 -7.13 5.70
N CYS A 93 3.18 -6.30 4.68
CA CYS A 93 3.83 -6.60 3.41
C CYS A 93 4.43 -5.35 2.78
N THR A 94 5.72 -5.42 2.43
CA THR A 94 6.45 -4.25 1.98
C THR A 94 5.96 -3.76 0.62
N GLY A 95 5.64 -2.48 0.52
CA GLY A 95 5.24 -1.89 -0.74
C GLY A 95 6.38 -1.10 -1.37
N ARG A 96 7.51 -1.77 -1.57
CA ARG A 96 8.69 -1.12 -2.11
C ARG A 96 8.38 -0.38 -3.40
N LEU A 97 8.50 0.94 -3.37
CA LEU A 97 8.41 1.76 -4.57
C LEU A 97 9.66 2.61 -4.77
N MET A 98 10.46 2.26 -5.77
CA MET A 98 11.68 2.99 -6.06
C MET A 98 11.46 4.00 -7.18
N VAL A 99 12.06 5.18 -7.03
CA VAL A 99 11.86 6.26 -7.99
C VAL A 99 13.16 6.63 -8.68
N GLN A 100 13.11 6.71 -10.01
CA GLN A 100 14.28 7.07 -10.80
C GLN A 100 14.22 8.53 -11.25
N ALA A 101 15.39 9.17 -11.30
CA ALA A 101 15.46 10.58 -11.68
C ALA A 101 15.31 10.74 -13.19
N VAL A 102 14.69 11.85 -13.61
CA VAL A 102 14.52 12.15 -15.02
C VAL A 102 15.40 13.33 -15.42
N ASN A 103 16.38 13.07 -16.28
CA ASN A 103 17.37 14.09 -16.65
C ASN A 103 16.73 15.19 -17.48
N GLN A 104 15.63 14.86 -18.16
CA GLN A 104 14.95 15.80 -19.03
C GLN A 104 13.95 16.65 -18.26
N ARG A 105 13.71 16.28 -17.01
CA ARG A 105 12.78 17.02 -16.16
C ARG A 105 13.44 18.25 -15.56
N GLY A 106 12.91 19.42 -15.90
CA GLY A 106 13.48 20.68 -15.42
C GLY A 106 13.25 20.86 -13.93
N ARG A 107 12.27 20.15 -13.39
CA ARG A 107 11.95 20.24 -11.98
C ARG A 107 12.69 19.17 -11.18
N SER A 108 13.51 18.38 -11.86
CA SER A 108 14.27 17.31 -11.23
C SER A 108 15.17 17.84 -10.13
N GLY A 1 -12.06 -24.66 11.46
CA GLY A 1 -11.58 -23.29 11.40
C GLY A 1 -11.34 -22.72 12.80
N GLY A 2 -10.70 -23.52 13.64
CA GLY A 2 -10.38 -23.09 14.99
C GLY A 2 -11.63 -22.65 15.75
N SER A 3 -11.58 -21.44 16.30
CA SER A 3 -12.74 -20.84 16.95
C SER A 3 -13.56 -20.01 15.97
N ASN A 4 -13.89 -20.60 14.83
CA ASN A 4 -14.64 -19.90 13.79
C ASN A 4 -13.94 -18.61 13.39
N ALA A 5 -12.64 -18.70 13.15
CA ALA A 5 -11.83 -17.53 12.82
C ALA A 5 -10.59 -17.91 12.02
N THR A 6 -10.08 -16.96 11.25
CA THR A 6 -8.92 -17.22 10.39
C THR A 6 -7.91 -16.09 10.48
N ALA A 7 -6.66 -16.44 10.72
CA ALA A 7 -5.59 -15.46 10.85
C ALA A 7 -5.47 -14.60 9.59
N PRO A 8 -4.97 -13.38 9.76
CA PRO A 8 -4.80 -12.47 8.64
C PRO A 8 -3.83 -13.04 7.61
N PHE A 9 -4.10 -12.76 6.34
CA PHE A 9 -3.32 -13.33 5.25
C PHE A 9 -3.48 -12.52 3.96
N PHE A 10 -2.39 -12.33 3.24
CA PHE A 10 -2.42 -11.61 1.97
C PHE A 10 -2.70 -12.56 0.80
N GLU A 11 -3.95 -12.61 0.37
CA GLU A 11 -4.31 -13.36 -0.83
C GLU A 11 -3.53 -12.88 -2.04
N MET A 12 -3.33 -11.56 -2.13
CA MET A 12 -2.50 -10.98 -3.17
C MET A 12 -1.49 -10.01 -2.57
N LYS A 13 -0.21 -10.28 -2.79
CA LYS A 13 0.86 -9.54 -2.14
C LYS A 13 1.45 -8.48 -3.06
N LEU A 14 2.19 -7.54 -2.49
CA LEU A 14 2.80 -6.48 -3.27
C LEU A 14 4.10 -6.94 -3.92
N LYS A 15 4.47 -6.30 -5.02
CA LYS A 15 5.73 -6.58 -5.69
C LYS A 15 6.66 -5.38 -5.64
N HIS A 16 7.85 -5.53 -6.23
CA HIS A 16 8.77 -4.42 -6.38
C HIS A 16 8.34 -3.47 -7.47
N TYR A 17 7.93 -2.27 -7.09
CA TYR A 17 7.37 -1.30 -8.03
C TYR A 17 8.38 -0.23 -8.39
N LYS A 18 8.30 0.26 -9.62
CA LYS A 18 9.17 1.34 -10.08
C LYS A 18 8.40 2.40 -10.85
N ILE A 19 8.74 3.66 -10.61
CA ILE A 19 8.05 4.78 -11.27
C ILE A 19 8.99 5.96 -11.45
N PHE A 20 8.79 6.70 -12.54
CA PHE A 20 9.61 7.88 -12.82
C PHE A 20 9.21 9.05 -11.92
N GLU A 21 10.19 9.85 -11.53
CA GLU A 21 9.95 10.98 -10.63
C GLU A 21 8.86 11.89 -11.16
N GLY A 22 7.81 12.08 -10.37
CA GLY A 22 6.77 13.04 -10.69
C GLY A 22 5.57 12.36 -11.34
N MET A 23 5.76 11.10 -11.75
CA MET A 23 4.73 10.37 -12.46
C MET A 23 3.80 9.65 -11.49
N PRO A 24 2.56 9.42 -11.91
CA PRO A 24 1.59 8.70 -11.12
C PRO A 24 1.89 7.19 -11.12
N VAL A 25 1.53 6.52 -10.03
CA VAL A 25 1.69 5.08 -9.93
C VAL A 25 0.61 4.46 -9.05
N THR A 26 0.03 3.36 -9.51
CA THR A 26 -1.03 2.68 -8.77
C THR A 26 -0.64 1.24 -8.46
N PHE A 27 -0.86 0.84 -7.21
CA PHE A 27 -0.66 -0.56 -6.82
C PHE A 27 -1.61 -0.95 -5.69
N THR A 28 -1.90 -2.25 -5.60
CA THR A 28 -3.00 -2.72 -4.76
C THR A 28 -2.67 -4.08 -4.15
N CYS A 29 -3.39 -4.42 -3.08
CA CYS A 29 -3.15 -5.69 -2.38
C CYS A 29 -4.44 -6.22 -1.77
N ARG A 30 -4.53 -7.54 -1.66
CA ARG A 30 -5.77 -8.19 -1.24
C ARG A 30 -5.54 -9.10 -0.05
N VAL A 31 -6.39 -8.97 0.97
CA VAL A 31 -6.32 -9.84 2.14
C VAL A 31 -7.50 -10.79 2.19
N ALA A 32 -7.30 -11.92 2.86
CA ALA A 32 -8.35 -12.93 2.99
C ALA A 32 -8.29 -13.61 4.35
N GLY A 33 -8.78 -12.93 5.38
CA GLY A 33 -8.83 -13.48 6.72
C GLY A 33 -10.25 -13.52 7.25
N ASN A 34 -10.40 -13.76 8.55
CA ASN A 34 -11.71 -13.80 9.19
C ASN A 34 -11.61 -13.49 10.67
N PRO A 35 -12.05 -12.28 11.04
CA PRO A 35 -12.66 -11.37 10.08
C PRO A 35 -11.64 -10.84 9.08
N LYS A 36 -12.12 -10.41 7.92
CA LYS A 36 -11.26 -9.85 6.90
C LYS A 36 -10.45 -8.67 7.45
N PRO A 37 -9.14 -8.74 7.30
CA PRO A 37 -8.24 -7.73 7.85
C PRO A 37 -8.60 -6.34 7.33
N LYS A 38 -8.44 -5.33 8.17
CA LYS A 38 -8.61 -3.95 7.75
C LYS A 38 -7.31 -3.36 7.21
N ILE A 39 -7.18 -3.33 5.89
CA ILE A 39 -5.93 -2.94 5.26
C ILE A 39 -5.56 -1.50 5.58
N TYR A 40 -4.42 -1.33 6.26
CA TYR A 40 -3.88 0.00 6.50
C TYR A 40 -2.58 0.20 5.73
N TRP A 41 -2.32 1.44 5.31
CA TRP A 41 -1.11 1.77 4.59
C TRP A 41 -0.24 2.74 5.38
N PHE A 42 1.08 2.52 5.34
CA PHE A 42 2.03 3.49 5.87
C PHE A 42 3.37 3.39 5.16
N LYS A 43 4.06 4.51 5.02
CA LYS A 43 5.28 4.58 4.23
C LYS A 43 6.50 4.78 5.14
N ASP A 44 7.31 3.73 5.26
CA ASP A 44 8.46 3.77 6.15
C ASP A 44 8.11 4.38 7.50
N GLY A 45 6.96 3.99 8.03
CA GLY A 45 6.56 4.38 9.39
C GLY A 45 5.62 5.58 9.35
N LYS A 46 5.36 6.09 8.16
CA LYS A 46 4.51 7.26 7.99
C LYS A 46 3.09 6.88 7.62
N GLN A 47 2.21 6.83 8.61
CA GLN A 47 0.82 6.45 8.39
C GLN A 47 0.20 7.26 7.25
N ILE A 48 -0.42 6.57 6.31
CA ILE A 48 -1.02 7.23 5.15
C ILE A 48 -2.53 7.37 5.32
N SER A 49 -3.02 8.61 5.21
CA SER A 49 -4.44 8.88 5.26
C SER A 49 -5.05 8.87 3.86
N PRO A 50 -6.21 8.23 3.72
CA PRO A 50 -6.93 8.21 2.46
C PRO A 50 -7.19 9.63 1.96
N LYS A 51 -7.12 9.81 0.64
CA LYS A 51 -7.42 11.09 0.02
C LYS A 51 -6.53 12.19 0.58
N SER A 52 -5.21 11.95 0.54
CA SER A 52 -4.24 12.93 1.02
C SER A 52 -3.73 13.79 -0.13
N ASP A 53 -2.60 14.46 0.10
CA ASP A 53 -2.02 15.34 -0.90
C ASP A 53 -1.78 14.62 -2.21
N HIS A 54 -1.20 13.43 -2.13
CA HIS A 54 -0.93 12.62 -3.32
C HIS A 54 -1.28 11.16 -3.09
N TYR A 55 -1.67 10.85 -1.87
CA TYR A 55 -1.91 9.45 -1.47
C TYR A 55 -3.40 9.16 -1.36
N THR A 56 -3.93 8.45 -2.35
CA THR A 56 -5.34 8.07 -2.36
C THR A 56 -5.53 6.60 -2.04
N ILE A 57 -6.32 6.31 -1.02
CA ILE A 57 -6.60 4.93 -0.61
C ILE A 57 -8.03 4.54 -0.92
N GLN A 58 -8.20 3.49 -1.71
CA GLN A 58 -9.52 2.94 -1.99
C GLN A 58 -9.66 1.53 -1.44
N ARG A 59 -10.38 1.40 -0.34
CA ARG A 59 -10.52 0.12 0.35
C ARG A 59 -11.84 -0.55 0.01
N ASP A 60 -11.80 -1.51 -0.90
CA ASP A 60 -12.97 -2.32 -1.21
C ASP A 60 -13.25 -3.33 -0.10
N LEU A 61 -14.50 -3.38 0.34
CA LEU A 61 -14.89 -4.21 1.48
C LEU A 61 -14.74 -5.68 1.17
N ASP A 62 -14.60 -6.00 -0.12
CA ASP A 62 -14.42 -7.38 -0.56
C ASP A 62 -13.12 -7.96 -0.02
N GLY A 63 -12.14 -7.08 0.21
CA GLY A 63 -10.88 -7.49 0.81
C GLY A 63 -9.70 -6.91 0.04
N THR A 64 -9.99 -6.22 -1.06
CA THR A 64 -8.95 -5.58 -1.86
C THR A 64 -8.90 -4.08 -1.59
N CYS A 65 -7.69 -3.56 -1.42
CA CYS A 65 -7.49 -2.13 -1.25
C CYS A 65 -6.34 -1.62 -2.09
N SER A 66 -6.56 -0.52 -2.81
CA SER A 66 -5.56 0.03 -3.71
C SER A 66 -4.98 1.33 -3.15
N LEU A 67 -3.67 1.49 -3.31
CA LEU A 67 -3.02 2.76 -2.98
C LEU A 67 -2.47 3.43 -4.23
N HIS A 68 -2.96 4.64 -4.51
CA HIS A 68 -2.52 5.40 -5.67
C HIS A 68 -1.70 6.61 -5.26
N THR A 69 -0.54 6.77 -5.88
CA THR A 69 0.26 7.98 -5.70
C THR A 69 0.20 8.86 -6.94
N THR A 70 -0.31 10.08 -6.77
CA THR A 70 -0.52 10.99 -7.89
C THR A 70 0.81 11.41 -8.51
N ALA A 71 1.78 11.72 -7.66
CA ALA A 71 3.07 12.21 -8.13
C ALA A 71 4.21 11.67 -7.26
N SER A 72 4.68 10.48 -7.60
CA SER A 72 5.72 9.83 -6.82
C SER A 72 7.10 10.42 -7.14
N THR A 73 7.64 11.18 -6.20
CA THR A 73 8.94 11.81 -6.37
C THR A 73 10.01 11.10 -5.54
N LEU A 74 11.25 11.57 -5.66
CA LEU A 74 12.37 10.97 -4.94
C LEU A 74 12.16 11.06 -3.43
N ASP A 75 11.39 12.05 -2.99
CA ASP A 75 11.03 12.18 -1.60
C ASP A 75 9.94 11.18 -1.21
N ASP A 76 9.22 10.68 -2.22
CA ASP A 76 8.19 9.68 -1.99
C ASP A 76 8.75 8.27 -2.13
N ASP A 77 9.92 8.15 -2.75
CA ASP A 77 10.62 6.87 -2.86
C ASP A 77 10.82 6.24 -1.49
N GLY A 78 10.44 4.97 -1.37
CA GLY A 78 10.61 4.24 -0.12
C GLY A 78 9.71 3.01 -0.08
N ASN A 79 9.26 2.65 1.11
CA ASN A 79 8.55 1.39 1.31
C ASN A 79 7.15 1.63 1.86
N TYR A 80 6.15 1.47 1.00
CA TYR A 80 4.76 1.68 1.39
C TYR A 80 4.17 0.43 2.04
N THR A 81 4.62 0.12 3.24
CA THR A 81 4.28 -1.13 3.90
C THR A 81 2.79 -1.22 4.15
N ILE A 82 2.20 -2.38 3.83
CA ILE A 82 0.79 -2.61 4.08
C ILE A 82 0.58 -3.54 5.27
N MET A 83 -0.41 -3.23 6.09
CA MET A 83 -0.68 -4.01 7.30
C MET A 83 -2.07 -4.62 7.27
N ALA A 84 -2.12 -5.96 7.33
CA ALA A 84 -3.39 -6.67 7.42
C ALA A 84 -3.82 -6.83 8.88
N ALA A 85 -4.24 -5.73 9.50
CA ALA A 85 -4.59 -5.74 10.92
C ALA A 85 -6.02 -6.22 11.12
N ASN A 86 -6.18 -7.24 11.95
CA ASN A 86 -7.50 -7.71 12.35
C ASN A 86 -7.49 -8.25 13.78
N PRO A 87 -8.66 -8.67 14.26
CA PRO A 87 -8.80 -9.11 15.64
C PRO A 87 -7.89 -10.29 15.93
N GLN A 88 -7.53 -11.03 14.89
CA GLN A 88 -6.82 -12.30 15.06
C GLN A 88 -5.31 -12.10 14.94
N GLY A 89 -4.90 -10.84 14.76
CA GLY A 89 -3.49 -10.52 14.64
C GLY A 89 -3.23 -9.51 13.53
N ARG A 90 -1.99 -9.41 13.09
CA ARG A 90 -1.63 -8.52 12.00
C ARG A 90 -0.41 -9.03 11.25
N VAL A 91 -0.38 -8.79 9.94
CA VAL A 91 0.76 -9.17 9.12
C VAL A 91 1.17 -8.05 8.18
N SER A 92 2.46 -7.73 8.17
CA SER A 92 2.98 -6.66 7.32
C SER A 92 3.51 -7.20 6.01
N CYS A 93 3.57 -6.35 5.00
CA CYS A 93 4.24 -6.67 3.74
C CYS A 93 4.80 -5.43 3.08
N THR A 94 6.08 -5.48 2.70
CA THR A 94 6.77 -4.32 2.19
C THR A 94 6.20 -3.86 0.85
N GLY A 95 5.85 -2.59 0.76
CA GLY A 95 5.37 -2.02 -0.50
C GLY A 95 6.47 -1.24 -1.20
N ARG A 96 7.58 -1.92 -1.47
CA ARG A 96 8.74 -1.28 -2.07
C ARG A 96 8.37 -0.52 -3.34
N LEU A 97 8.48 0.80 -3.30
CA LEU A 97 8.31 1.63 -4.48
C LEU A 97 9.55 2.50 -4.73
N MET A 98 10.29 2.18 -5.79
CA MET A 98 11.48 2.93 -6.13
C MET A 98 11.20 3.98 -7.21
N VAL A 99 11.86 5.12 -7.11
CA VAL A 99 11.63 6.22 -8.03
C VAL A 99 12.85 6.50 -8.89
N GLN A 100 12.65 6.58 -10.20
CA GLN A 100 13.76 6.72 -11.13
C GLN A 100 13.89 8.17 -11.61
N ALA A 101 15.11 8.55 -11.99
CA ALA A 101 15.36 9.90 -12.50
C ALA A 101 14.79 10.07 -13.90
N VAL A 102 14.33 11.29 -14.19
CA VAL A 102 13.76 11.60 -15.48
C VAL A 102 14.74 12.38 -16.35
N ASN A 103 15.07 11.81 -17.51
CA ASN A 103 16.10 12.39 -18.37
C ASN A 103 15.68 13.74 -18.92
N GLN A 104 14.37 13.93 -19.06
CA GLN A 104 13.84 15.18 -19.60
C GLN A 104 13.64 16.22 -18.51
N ARG A 105 13.82 15.80 -17.26
CA ARG A 105 13.69 16.70 -16.12
C ARG A 105 14.93 17.57 -15.95
N GLY A 106 14.77 18.88 -16.13
CA GLY A 106 15.89 19.81 -16.04
C GLY A 106 16.39 19.92 -14.61
N ARG A 107 15.56 19.53 -13.66
CA ARG A 107 15.93 19.59 -12.25
C ARG A 107 16.60 18.29 -11.80
N SER A 108 16.70 17.34 -12.71
CA SER A 108 17.32 16.05 -12.40
C SER A 108 18.80 16.22 -12.07
N GLY A 1 -10.44 -24.72 11.91
CA GLY A 1 -9.56 -23.55 11.99
C GLY A 1 -10.11 -22.50 12.95
N GLY A 2 -9.69 -22.58 14.21
CA GLY A 2 -10.14 -21.63 15.22
C GLY A 2 -11.64 -21.76 15.47
N SER A 3 -12.36 -20.65 15.37
CA SER A 3 -13.80 -20.64 15.58
C SER A 3 -14.48 -19.64 14.64
N ASN A 4 -14.78 -20.07 13.42
CA ASN A 4 -15.43 -19.22 12.44
C ASN A 4 -14.64 -17.93 12.23
N ALA A 5 -13.32 -18.05 12.08
CA ALA A 5 -12.45 -16.90 11.91
C ALA A 5 -11.18 -17.28 11.18
N THR A 6 -10.57 -16.31 10.52
CA THR A 6 -9.35 -16.55 9.74
C THR A 6 -8.35 -15.41 9.90
N ALA A 7 -7.12 -15.75 10.27
CA ALA A 7 -6.07 -14.76 10.45
C ALA A 7 -5.72 -14.08 9.13
N PRO A 8 -5.28 -12.83 9.22
CA PRO A 8 -4.89 -12.07 8.03
C PRO A 8 -3.85 -12.81 7.22
N PHE A 9 -4.03 -12.84 5.91
CA PHE A 9 -3.08 -13.49 5.00
C PHE A 9 -3.13 -12.87 3.62
N PHE A 10 -1.98 -12.40 3.14
CA PHE A 10 -1.89 -11.80 1.81
C PHE A 10 -2.06 -12.83 0.71
N GLU A 11 -3.32 -13.11 0.36
CA GLU A 11 -3.61 -13.96 -0.79
C GLU A 11 -3.14 -13.31 -2.09
N MET A 12 -2.97 -12.00 -2.06
CA MET A 12 -2.29 -11.28 -3.14
C MET A 12 -1.27 -10.31 -2.59
N LYS A 13 0.01 -10.57 -2.86
CA LYS A 13 1.09 -9.84 -2.23
C LYS A 13 1.60 -8.72 -3.14
N LEU A 14 2.38 -7.81 -2.56
CA LEU A 14 2.98 -6.72 -3.33
C LEU A 14 4.26 -7.18 -4.02
N LYS A 15 4.80 -6.32 -4.88
CA LYS A 15 6.08 -6.59 -5.52
C LYS A 15 6.97 -5.35 -5.49
N HIS A 16 8.18 -5.49 -6.04
CA HIS A 16 9.08 -4.36 -6.18
C HIS A 16 8.61 -3.42 -7.29
N TYR A 17 8.12 -2.25 -6.89
CA TYR A 17 7.55 -1.29 -7.82
C TYR A 17 8.59 -0.25 -8.26
N LYS A 18 8.51 0.15 -9.52
CA LYS A 18 9.41 1.18 -10.03
C LYS A 18 8.64 2.21 -10.85
N ILE A 19 9.01 3.48 -10.69
CA ILE A 19 8.32 4.57 -11.39
C ILE A 19 9.28 5.72 -11.67
N PHE A 20 9.02 6.45 -12.75
CA PHE A 20 9.77 7.66 -13.05
C PHE A 20 9.28 8.83 -12.22
N GLU A 21 10.19 9.72 -11.84
CA GLU A 21 9.87 10.85 -10.99
C GLU A 21 8.75 11.69 -11.60
N GLY A 22 7.69 11.89 -10.83
CA GLY A 22 6.62 12.79 -11.23
C GLY A 22 5.41 12.01 -11.74
N MET A 23 5.62 10.74 -12.06
CA MET A 23 4.58 9.91 -12.63
C MET A 23 3.69 9.29 -11.55
N PRO A 24 2.46 8.98 -11.91
CA PRO A 24 1.52 8.37 -10.97
C PRO A 24 1.83 6.91 -10.74
N VAL A 25 1.43 6.39 -9.58
CA VAL A 25 1.64 4.98 -9.25
C VAL A 25 0.37 4.37 -8.68
N THR A 26 -0.07 3.27 -9.29
CA THR A 26 -1.29 2.60 -8.86
C THR A 26 -1.03 1.10 -8.63
N PHE A 27 -1.33 0.65 -7.42
CA PHE A 27 -1.29 -0.78 -7.11
C PHE A 27 -2.15 -1.11 -5.91
N THR A 28 -2.44 -2.39 -5.72
CA THR A 28 -3.41 -2.83 -4.72
C THR A 28 -3.00 -4.17 -4.10
N CYS A 29 -3.57 -4.48 -2.94
CA CYS A 29 -3.27 -5.72 -2.25
C CYS A 29 -4.53 -6.34 -1.65
N ARG A 30 -4.56 -7.65 -1.58
CA ARG A 30 -5.75 -8.37 -1.13
C ARG A 30 -5.40 -9.44 -0.10
N VAL A 31 -6.23 -9.55 0.93
CA VAL A 31 -6.02 -10.54 1.99
C VAL A 31 -7.23 -11.43 2.17
N ALA A 32 -6.99 -12.68 2.57
CA ALA A 32 -8.06 -13.60 2.89
C ALA A 32 -8.31 -13.68 4.39
N GLY A 33 -8.74 -12.57 4.97
CA GLY A 33 -8.91 -12.47 6.41
C GLY A 33 -10.38 -12.54 6.81
N ASN A 34 -10.64 -12.88 8.07
CA ASN A 34 -12.00 -12.93 8.59
C ASN A 34 -12.02 -12.74 10.09
N PRO A 35 -12.48 -11.58 10.53
CA PRO A 35 -13.12 -10.62 9.62
C PRO A 35 -12.09 -9.92 8.74
N LYS A 36 -12.58 -9.27 7.69
CA LYS A 36 -11.70 -8.58 6.76
C LYS A 36 -10.88 -7.50 7.46
N PRO A 37 -9.57 -7.69 7.47
CA PRO A 37 -8.67 -6.75 8.15
C PRO A 37 -8.83 -5.34 7.62
N LYS A 38 -8.68 -4.36 8.50
CA LYS A 38 -8.74 -2.96 8.10
C LYS A 38 -7.41 -2.50 7.51
N ILE A 39 -7.08 -3.01 6.33
CA ILE A 39 -5.77 -2.77 5.73
C ILE A 39 -5.35 -1.32 5.90
N TYR A 40 -4.19 -1.12 6.54
CA TYR A 40 -3.61 0.21 6.66
C TYR A 40 -2.36 0.35 5.81
N TRP A 41 -2.09 1.56 5.34
CA TRP A 41 -0.85 1.87 4.63
C TRP A 41 0.00 2.87 5.41
N PHE A 42 1.31 2.65 5.39
CA PHE A 42 2.25 3.63 5.91
C PHE A 42 3.59 3.56 5.19
N LYS A 43 4.22 4.72 5.05
CA LYS A 43 5.44 4.83 4.23
C LYS A 43 6.66 5.06 5.10
N ASP A 44 7.52 4.05 5.19
CA ASP A 44 8.70 4.12 6.04
C ASP A 44 8.32 4.48 7.48
N GLY A 45 7.15 4.01 7.90
CA GLY A 45 6.70 4.22 9.27
C GLY A 45 5.77 5.42 9.36
N LYS A 46 5.55 6.08 8.23
CA LYS A 46 4.70 7.28 8.20
C LYS A 46 3.27 6.93 7.81
N GLN A 47 2.40 6.84 8.81
CA GLN A 47 1.01 6.49 8.58
C GLN A 47 0.39 7.35 7.49
N ILE A 48 -0.21 6.70 6.50
CA ILE A 48 -0.83 7.41 5.39
C ILE A 48 -2.33 7.58 5.60
N SER A 49 -2.80 8.82 5.52
CA SER A 49 -4.23 9.10 5.59
C SER A 49 -4.87 8.96 4.21
N PRO A 50 -5.97 8.22 4.16
CA PRO A 50 -6.71 8.05 2.92
C PRO A 50 -7.10 9.39 2.31
N LYS A 51 -6.99 9.49 0.99
CA LYS A 51 -7.38 10.70 0.27
C LYS A 51 -6.58 11.90 0.77
N SER A 52 -5.26 11.78 0.74
CA SER A 52 -4.38 12.87 1.16
C SER A 52 -3.94 13.71 -0.03
N ASP A 53 -2.87 14.49 0.16
CA ASP A 53 -2.38 15.38 -0.88
C ASP A 53 -2.09 14.63 -2.17
N HIS A 54 -1.43 13.48 -2.04
CA HIS A 54 -1.09 12.66 -3.20
C HIS A 54 -1.35 11.19 -2.93
N TYR A 55 -1.75 10.88 -1.70
CA TYR A 55 -1.89 9.50 -1.27
C TYR A 55 -3.36 9.12 -1.10
N THR A 56 -3.93 8.52 -2.15
CA THR A 56 -5.33 8.10 -2.11
C THR A 56 -5.46 6.62 -1.77
N ILE A 57 -6.24 6.33 -0.73
CA ILE A 57 -6.47 4.96 -0.31
C ILE A 57 -7.92 4.57 -0.48
N GLN A 58 -8.15 3.44 -1.16
CA GLN A 58 -9.50 2.91 -1.34
C GLN A 58 -9.62 1.50 -0.78
N ARG A 59 -10.35 1.35 0.31
CA ARG A 59 -10.45 0.08 1.01
C ARG A 59 -11.75 -0.64 0.66
N ASP A 60 -11.67 -1.60 -0.24
CA ASP A 60 -12.79 -2.50 -0.50
C ASP A 60 -13.01 -3.47 0.65
N LEU A 61 -14.21 -3.46 1.20
CA LEU A 61 -14.50 -4.19 2.44
C LEU A 61 -14.57 -5.68 2.21
N ASP A 62 -14.40 -6.09 0.95
CA ASP A 62 -14.32 -7.51 0.61
C ASP A 62 -12.98 -8.10 1.02
N GLY A 63 -12.02 -7.22 1.33
CA GLY A 63 -10.71 -7.65 1.80
C GLY A 63 -9.60 -7.14 0.89
N THR A 64 -9.90 -6.09 0.14
CA THR A 64 -8.94 -5.51 -0.80
C THR A 64 -8.80 -4.01 -0.60
N CYS A 65 -7.57 -3.53 -0.70
CA CYS A 65 -7.29 -2.10 -0.56
C CYS A 65 -6.25 -1.63 -1.57
N SER A 66 -6.55 -0.54 -2.26
CA SER A 66 -5.66 -0.02 -3.28
C SER A 66 -4.99 1.28 -2.83
N LEU A 67 -3.72 1.45 -3.16
CA LEU A 67 -3.01 2.68 -2.88
C LEU A 67 -2.59 3.38 -4.17
N HIS A 68 -3.02 4.63 -4.31
CA HIS A 68 -2.67 5.42 -5.49
C HIS A 68 -1.85 6.65 -5.12
N THR A 69 -0.66 6.75 -5.71
CA THR A 69 0.14 7.96 -5.58
C THR A 69 0.00 8.86 -6.81
N THR A 70 -0.47 10.07 -6.59
CA THR A 70 -0.73 10.99 -7.69
C THR A 70 0.55 11.35 -8.45
N ALA A 71 1.59 11.67 -7.68
CA ALA A 71 2.85 12.11 -8.27
C ALA A 71 4.04 11.61 -7.46
N SER A 72 4.51 10.42 -7.78
CA SER A 72 5.60 9.79 -7.02
C SER A 72 6.95 10.42 -7.40
N THR A 73 7.52 11.17 -6.48
CA THR A 73 8.81 11.81 -6.70
C THR A 73 9.91 11.17 -5.86
N LEU A 74 11.13 11.68 -5.99
CA LEU A 74 12.27 11.14 -5.27
C LEU A 74 12.08 11.26 -3.76
N ASP A 75 11.29 12.25 -3.34
CA ASP A 75 10.95 12.41 -1.94
C ASP A 75 9.89 11.41 -1.51
N ASP A 76 9.19 10.83 -2.49
CA ASP A 76 8.18 9.83 -2.21
C ASP A 76 8.75 8.42 -2.31
N ASP A 77 9.93 8.31 -2.91
CA ASP A 77 10.64 7.03 -2.97
C ASP A 77 10.83 6.45 -1.58
N GLY A 78 10.44 5.18 -1.42
CA GLY A 78 10.57 4.50 -0.13
C GLY A 78 9.67 3.27 -0.07
N ASN A 79 9.45 2.77 1.14
CA ASN A 79 8.72 1.53 1.33
C ASN A 79 7.31 1.80 1.86
N TYR A 80 6.31 1.62 1.00
CA TYR A 80 4.92 1.81 1.39
C TYR A 80 4.35 0.57 2.04
N THR A 81 4.82 0.27 3.25
CA THR A 81 4.50 -1.00 3.91
C THR A 81 3.01 -1.09 4.21
N ILE A 82 2.42 -2.25 3.89
CA ILE A 82 1.01 -2.49 4.16
C ILE A 82 0.83 -3.41 5.36
N MET A 83 -0.19 -3.14 6.17
CA MET A 83 -0.48 -3.96 7.33
C MET A 83 -1.97 -4.31 7.41
N ALA A 84 -2.27 -5.59 7.33
CA ALA A 84 -3.65 -6.06 7.41
C ALA A 84 -4.02 -6.43 8.84
N ALA A 85 -4.55 -5.45 9.58
CA ALA A 85 -4.84 -5.64 10.99
C ALA A 85 -6.31 -5.97 11.22
N ASN A 86 -6.56 -7.07 11.92
CA ASN A 86 -7.90 -7.42 12.36
C ASN A 86 -7.91 -8.02 13.76
N PRO A 87 -9.09 -8.36 14.24
CA PRO A 87 -9.25 -8.85 15.61
C PRO A 87 -8.41 -10.10 15.84
N GLN A 88 -8.14 -10.83 14.77
CA GLN A 88 -7.52 -12.16 14.88
C GLN A 88 -6.01 -12.07 14.78
N GLY A 89 -5.51 -10.87 14.52
CA GLY A 89 -4.07 -10.65 14.39
C GLY A 89 -3.77 -9.65 13.27
N ARG A 90 -2.50 -9.61 12.86
CA ARG A 90 -2.07 -8.69 11.82
C ARG A 90 -0.90 -9.26 11.02
N VAL A 91 -0.69 -8.74 9.83
CA VAL A 91 0.42 -9.17 8.98
C VAL A 91 0.88 -8.05 8.06
N SER A 92 2.19 -7.92 7.89
CA SER A 92 2.76 -6.80 7.16
C SER A 92 3.52 -7.26 5.93
N CYS A 93 3.61 -6.38 4.94
CA CYS A 93 4.39 -6.65 3.73
C CYS A 93 4.94 -5.37 3.13
N THR A 94 6.21 -5.41 2.73
CA THR A 94 6.90 -4.21 2.25
C THR A 94 6.34 -3.77 0.91
N GLY A 95 5.99 -2.49 0.80
CA GLY A 95 5.51 -1.93 -0.45
C GLY A 95 6.61 -1.12 -1.14
N ARG A 96 7.74 -1.76 -1.38
CA ARG A 96 8.89 -1.08 -1.98
C ARG A 96 8.51 -0.36 -3.27
N LEU A 97 8.61 0.97 -3.25
CA LEU A 97 8.44 1.76 -4.47
C LEU A 97 9.65 2.64 -4.72
N MET A 98 10.42 2.30 -5.76
CA MET A 98 11.61 3.06 -6.11
C MET A 98 11.32 4.06 -7.23
N VAL A 99 11.93 5.24 -7.13
CA VAL A 99 11.70 6.31 -8.09
C VAL A 99 12.97 6.65 -8.85
N GLN A 100 12.90 6.61 -10.17
CA GLN A 100 14.02 6.96 -11.03
C GLN A 100 13.88 8.37 -11.57
N ALA A 101 14.93 9.17 -11.42
CA ALA A 101 14.93 10.55 -11.92
C ALA A 101 14.84 10.57 -13.44
N VAL A 102 14.12 11.56 -13.97
CA VAL A 102 13.90 11.66 -15.41
C VAL A 102 15.00 12.47 -16.07
N ASN A 103 15.83 11.80 -16.87
CA ASN A 103 16.99 12.42 -17.47
C ASN A 103 16.58 13.36 -18.61
N GLN A 104 15.35 13.21 -19.07
CA GLN A 104 14.82 14.06 -20.14
C GLN A 104 14.20 15.34 -19.58
N ARG A 105 14.14 15.42 -18.25
CA ARG A 105 13.57 16.59 -17.59
C ARG A 105 14.62 17.66 -17.36
N GLY A 106 14.34 18.88 -17.82
CA GLY A 106 15.27 19.98 -17.67
C GLY A 106 15.36 20.45 -16.22
N ARG A 107 14.38 20.05 -15.42
CA ARG A 107 14.34 20.42 -14.01
C ARG A 107 15.05 19.38 -13.15
N SER A 108 15.49 18.29 -13.78
CA SER A 108 16.19 17.23 -13.07
C SER A 108 17.58 17.67 -12.63
N GLY A 1 -21.49 -16.08 19.03
CA GLY A 1 -20.27 -15.74 18.31
C GLY A 1 -19.53 -17.01 17.88
N GLY A 2 -19.02 -17.75 18.86
CA GLY A 2 -18.29 -18.98 18.59
C GLY A 2 -16.89 -18.68 18.06
N SER A 3 -16.63 -19.06 16.82
CA SER A 3 -15.34 -18.83 16.20
C SER A 3 -15.49 -18.29 14.79
N ASN A 4 -15.25 -19.15 13.80
CA ASN A 4 -15.34 -18.75 12.39
C ASN A 4 -14.42 -17.57 12.10
N ALA A 5 -13.19 -17.65 12.60
CA ALA A 5 -12.21 -16.58 12.39
C ALA A 5 -10.80 -17.09 12.59
N THR A 6 -9.85 -16.41 11.97
CA THR A 6 -8.44 -16.83 12.02
C THR A 6 -7.51 -15.68 11.67
N ALA A 7 -6.21 -15.94 11.72
CA ALA A 7 -5.21 -14.94 11.41
C ALA A 7 -5.28 -14.53 9.94
N PRO A 8 -5.07 -13.25 9.67
CA PRO A 8 -5.17 -12.72 8.31
C PRO A 8 -3.96 -13.14 7.48
N PHE A 9 -4.15 -13.20 6.16
CA PHE A 9 -3.06 -13.49 5.25
C PHE A 9 -3.35 -12.94 3.86
N PHE A 10 -2.28 -12.67 3.11
CA PHE A 10 -2.41 -12.03 1.80
C PHE A 10 -2.80 -13.03 0.72
N GLU A 11 -3.93 -12.78 0.08
CA GLU A 11 -4.29 -13.50 -1.13
C GLU A 11 -3.51 -12.99 -2.33
N MET A 12 -3.16 -11.70 -2.30
CA MET A 12 -2.35 -11.09 -3.36
C MET A 12 -1.41 -10.04 -2.79
N LYS A 13 -0.11 -10.32 -2.86
CA LYS A 13 0.89 -9.49 -2.20
C LYS A 13 1.42 -8.42 -3.14
N LEU A 14 2.16 -7.46 -2.59
CA LEU A 14 2.80 -6.43 -3.39
C LEU A 14 4.09 -6.92 -4.01
N LYS A 15 4.66 -6.12 -4.91
CA LYS A 15 5.95 -6.44 -5.50
C LYS A 15 6.86 -5.21 -5.53
N HIS A 16 8.07 -5.41 -6.05
CA HIS A 16 9.01 -4.30 -6.23
C HIS A 16 8.56 -3.37 -7.35
N TYR A 17 8.08 -2.19 -6.98
CA TYR A 17 7.55 -1.24 -7.95
C TYR A 17 8.60 -0.21 -8.35
N LYS A 18 8.57 0.21 -9.60
CA LYS A 18 9.48 1.24 -10.10
C LYS A 18 8.74 2.28 -10.92
N ILE A 19 9.11 3.55 -10.72
CA ILE A 19 8.48 4.65 -11.44
C ILE A 19 9.46 5.79 -11.68
N PHE A 20 9.26 6.52 -12.77
CA PHE A 20 10.01 7.74 -13.02
C PHE A 20 9.52 8.89 -12.16
N GLU A 21 10.45 9.74 -11.74
CA GLU A 21 10.12 10.85 -10.85
C GLU A 21 9.01 11.71 -11.43
N GLY A 22 7.95 11.91 -10.66
CA GLY A 22 6.90 12.86 -11.01
C GLY A 22 5.68 12.15 -11.59
N MET A 23 5.87 10.87 -11.95
CA MET A 23 4.80 10.10 -12.57
C MET A 23 3.90 9.45 -11.53
N PRO A 24 2.67 9.17 -11.92
CA PRO A 24 1.71 8.53 -11.02
C PRO A 24 2.02 7.04 -10.84
N VAL A 25 1.59 6.49 -9.72
CA VAL A 25 1.78 5.07 -9.43
C VAL A 25 0.51 4.43 -8.93
N THR A 26 0.07 3.36 -9.59
CA THR A 26 -1.15 2.67 -9.21
C THR A 26 -0.88 1.18 -8.95
N PHE A 27 -1.23 0.74 -7.75
CA PHE A 27 -1.19 -0.69 -7.43
C PHE A 27 -2.15 -1.03 -6.30
N THR A 28 -2.38 -2.31 -6.08
CA THR A 28 -3.39 -2.77 -5.13
C THR A 28 -2.98 -4.10 -4.49
N CYS A 29 -3.54 -4.37 -3.32
CA CYS A 29 -3.21 -5.59 -2.58
C CYS A 29 -4.46 -6.20 -1.96
N ARG A 30 -4.52 -7.53 -1.94
CA ARG A 30 -5.70 -8.24 -1.48
C ARG A 30 -5.38 -9.14 -0.28
N VAL A 31 -6.16 -9.01 0.78
CA VAL A 31 -5.96 -9.81 1.98
C VAL A 31 -7.17 -10.68 2.28
N ALA A 32 -6.95 -11.98 2.40
CA ALA A 32 -8.01 -12.93 2.71
C ALA A 32 -8.10 -13.19 4.20
N GLY A 33 -8.44 -12.15 4.96
CA GLY A 33 -8.50 -12.24 6.42
C GLY A 33 -9.92 -12.54 6.90
N ASN A 34 -10.05 -12.82 8.20
CA ASN A 34 -11.35 -13.15 8.78
C ASN A 34 -11.32 -12.98 10.29
N PRO A 35 -11.97 -11.92 10.76
CA PRO A 35 -12.79 -11.08 9.91
C PRO A 35 -11.94 -10.21 9.01
N LYS A 36 -12.58 -9.59 8.02
CA LYS A 36 -11.89 -8.68 7.10
C LYS A 36 -11.10 -7.62 7.87
N PRO A 37 -9.77 -7.68 7.75
CA PRO A 37 -8.90 -6.76 8.48
C PRO A 37 -9.13 -5.32 8.03
N LYS A 38 -8.77 -4.38 8.90
CA LYS A 38 -8.83 -2.96 8.55
C LYS A 38 -7.52 -2.50 7.90
N ILE A 39 -7.28 -2.96 6.68
CA ILE A 39 -6.01 -2.72 6.00
C ILE A 39 -5.54 -1.29 6.21
N TYR A 40 -4.35 -1.14 6.77
CA TYR A 40 -3.73 0.17 6.93
C TYR A 40 -2.53 0.32 6.00
N TRP A 41 -2.25 1.55 5.59
CA TRP A 41 -1.06 1.85 4.81
C TRP A 41 -0.16 2.85 5.53
N PHE A 42 1.15 2.64 5.42
CA PHE A 42 2.12 3.61 5.91
C PHE A 42 3.42 3.53 5.13
N LYS A 43 4.07 4.68 4.96
CA LYS A 43 5.27 4.75 4.13
C LYS A 43 6.51 4.99 4.98
N ASP A 44 7.36 3.97 5.07
CA ASP A 44 8.55 4.05 5.92
C ASP A 44 8.19 4.40 7.35
N GLY A 45 7.00 3.99 7.78
CA GLY A 45 6.56 4.21 9.15
C GLY A 45 5.52 5.34 9.22
N LYS A 46 5.51 6.17 8.18
CA LYS A 46 4.62 7.32 8.15
C LYS A 46 3.20 6.92 7.77
N GLN A 47 2.29 7.00 8.74
CA GLN A 47 0.90 6.60 8.51
C GLN A 47 0.28 7.40 7.38
N ILE A 48 -0.35 6.70 6.44
CA ILE A 48 -0.99 7.34 5.29
C ILE A 48 -2.48 7.48 5.50
N SER A 49 -2.98 8.70 5.38
CA SER A 49 -4.42 8.96 5.42
C SER A 49 -5.04 8.87 4.05
N PRO A 50 -6.17 8.18 3.95
CA PRO A 50 -6.88 8.03 2.69
C PRO A 50 -7.18 9.40 2.08
N LYS A 51 -6.97 9.51 0.77
CA LYS A 51 -7.23 10.75 0.05
C LYS A 51 -6.41 11.90 0.63
N SER A 52 -5.09 11.74 0.63
CA SER A 52 -4.19 12.77 1.11
C SER A 52 -3.68 13.64 -0.03
N ASP A 53 -2.59 14.35 0.21
CA ASP A 53 -2.02 15.26 -0.77
C ASP A 53 -1.78 14.55 -2.10
N HIS A 54 -1.20 13.35 -2.03
CA HIS A 54 -0.92 12.56 -3.22
C HIS A 54 -1.26 11.10 -2.99
N TYR A 55 -1.63 10.76 -1.76
CA TYR A 55 -1.81 9.36 -1.36
C TYR A 55 -3.28 9.02 -1.22
N THR A 56 -3.85 8.46 -2.28
CA THR A 56 -5.27 8.08 -2.28
C THR A 56 -5.44 6.60 -1.96
N ILE A 57 -6.16 6.33 -0.86
CA ILE A 57 -6.43 4.96 -0.46
C ILE A 57 -7.88 4.57 -0.75
N GLN A 58 -8.08 3.47 -1.46
CA GLN A 58 -9.42 2.95 -1.72
C GLN A 58 -9.57 1.54 -1.16
N ARG A 59 -10.21 1.44 0.00
CA ARG A 59 -10.30 0.18 0.72
C ARG A 59 -11.67 -0.46 0.52
N ASP A 60 -11.69 -1.64 -0.09
CA ASP A 60 -12.93 -2.39 -0.27
C ASP A 60 -13.06 -3.50 0.77
N LEU A 61 -14.24 -3.58 1.37
CA LEU A 61 -14.50 -4.56 2.43
C LEU A 61 -14.42 -5.98 1.89
N ASP A 62 -14.49 -6.11 0.57
CA ASP A 62 -14.34 -7.41 -0.07
C ASP A 62 -13.01 -8.05 0.29
N GLY A 63 -11.99 -7.22 0.48
CA GLY A 63 -10.68 -7.71 0.90
C GLY A 63 -9.58 -7.07 0.06
N THR A 64 -9.96 -6.39 -1.01
CA THR A 64 -9.00 -5.71 -1.88
C THR A 64 -8.93 -4.22 -1.55
N CYS A 65 -7.71 -3.72 -1.39
CA CYS A 65 -7.51 -2.29 -1.14
C CYS A 65 -6.41 -1.74 -2.04
N SER A 66 -6.71 -0.63 -2.70
CA SER A 66 -5.78 -0.05 -3.68
C SER A 66 -5.12 1.21 -3.12
N LEU A 67 -3.89 1.45 -3.55
CA LEU A 67 -3.19 2.68 -3.22
C LEU A 67 -2.68 3.40 -4.46
N HIS A 68 -3.14 4.62 -4.66
CA HIS A 68 -2.71 5.41 -5.81
C HIS A 68 -1.89 6.62 -5.38
N THR A 69 -0.68 6.73 -5.92
CA THR A 69 0.14 7.93 -5.72
C THR A 69 0.04 8.85 -6.93
N THR A 70 -0.42 10.07 -6.69
CA THR A 70 -0.65 11.03 -7.77
C THR A 70 0.66 11.42 -8.45
N ALA A 71 1.68 11.70 -7.64
CA ALA A 71 2.96 12.17 -8.16
C ALA A 71 4.12 11.63 -7.33
N SER A 72 4.60 10.45 -7.71
CA SER A 72 5.68 9.80 -6.97
C SER A 72 7.03 10.40 -7.31
N THR A 73 7.59 11.16 -6.38
CA THR A 73 8.88 11.80 -6.58
C THR A 73 9.96 11.15 -5.72
N LEU A 74 11.17 11.67 -5.82
CA LEU A 74 12.30 11.12 -5.07
C LEU A 74 12.05 11.21 -3.57
N ASP A 75 11.27 12.19 -3.16
CA ASP A 75 10.89 12.34 -1.76
C ASP A 75 9.81 11.32 -1.37
N ASP A 76 9.14 10.77 -2.38
CA ASP A 76 8.11 9.78 -2.15
C ASP A 76 8.67 8.37 -2.26
N ASP A 77 9.86 8.25 -2.83
CA ASP A 77 10.57 6.98 -2.90
C ASP A 77 10.72 6.36 -1.51
N GLY A 78 10.30 5.11 -1.38
CA GLY A 78 10.39 4.40 -0.11
C GLY A 78 9.48 3.18 -0.08
N ASN A 79 9.24 2.64 1.11
CA ASN A 79 8.48 1.42 1.25
C ASN A 79 7.08 1.71 1.77
N TYR A 80 6.08 1.54 0.90
CA TYR A 80 4.69 1.74 1.28
C TYR A 80 4.10 0.50 1.90
N THR A 81 4.56 0.17 3.11
CA THR A 81 4.20 -1.08 3.76
C THR A 81 2.70 -1.14 4.07
N ILE A 82 2.08 -2.27 3.78
CA ILE A 82 0.68 -2.47 4.11
C ILE A 82 0.53 -3.45 5.26
N MET A 83 -0.41 -3.17 6.17
CA MET A 83 -0.62 -3.99 7.35
C MET A 83 -2.11 -4.28 7.55
N ALA A 84 -2.47 -5.56 7.42
CA ALA A 84 -3.86 -5.97 7.58
C ALA A 84 -4.14 -6.40 9.02
N ALA A 85 -4.55 -5.46 9.85
CA ALA A 85 -4.80 -5.72 11.26
C ALA A 85 -6.26 -6.06 11.51
N ASN A 86 -6.49 -7.19 12.18
CA ASN A 86 -7.83 -7.56 12.61
C ASN A 86 -7.82 -8.17 14.00
N PRO A 87 -9.00 -8.54 14.50
CA PRO A 87 -9.14 -9.01 15.87
C PRO A 87 -8.28 -10.23 16.13
N GLN A 88 -8.03 -11.00 15.07
CA GLN A 88 -7.42 -12.31 15.21
C GLN A 88 -5.92 -12.26 14.93
N GLY A 89 -5.40 -11.06 14.70
CA GLY A 89 -3.98 -10.87 14.46
C GLY A 89 -3.74 -9.89 13.31
N ARG A 90 -2.50 -9.82 12.84
CA ARG A 90 -2.14 -8.89 11.77
C ARG A 90 -1.07 -9.49 10.87
N VAL A 91 -0.97 -8.96 9.66
CA VAL A 91 0.05 -9.42 8.71
C VAL A 91 0.45 -8.29 7.77
N SER A 92 1.75 -8.14 7.55
CA SER A 92 2.29 -6.99 6.84
C SER A 92 3.00 -7.42 5.56
N CYS A 93 3.13 -6.50 4.62
CA CYS A 93 3.91 -6.73 3.40
C CYS A 93 4.49 -5.44 2.86
N THR A 94 5.78 -5.50 2.48
CA THR A 94 6.49 -4.30 2.06
C THR A 94 6.02 -3.82 0.70
N GLY A 95 5.71 -2.53 0.61
CA GLY A 95 5.29 -1.93 -0.65
C GLY A 95 6.41 -1.13 -1.29
N ARG A 96 7.55 -1.79 -1.50
CA ARG A 96 8.72 -1.12 -2.07
C ARG A 96 8.37 -0.38 -3.36
N LEU A 97 8.50 0.94 -3.32
CA LEU A 97 8.37 1.75 -4.53
C LEU A 97 9.59 2.63 -4.74
N MET A 98 10.37 2.30 -5.77
CA MET A 98 11.59 3.04 -6.07
C MET A 98 11.34 4.06 -7.17
N VAL A 99 11.96 5.24 -7.04
CA VAL A 99 11.77 6.32 -7.99
C VAL A 99 13.07 6.67 -8.70
N GLN A 100 13.04 6.64 -10.03
CA GLN A 100 14.22 6.95 -10.83
C GLN A 100 14.12 8.35 -11.42
N ALA A 101 15.18 9.14 -11.23
CA ALA A 101 15.28 10.45 -11.86
C ALA A 101 15.76 10.35 -13.31
N VAL A 102 15.05 11.01 -14.21
CA VAL A 102 15.35 10.92 -15.63
C VAL A 102 15.41 12.30 -16.27
N ASN A 103 16.53 12.60 -16.91
CA ASN A 103 16.76 13.93 -17.48
C ASN A 103 15.77 14.24 -18.59
N GLN A 104 15.41 13.21 -19.35
CA GLN A 104 14.47 13.37 -20.47
C GLN A 104 13.04 13.57 -19.97
N ARG A 105 12.75 12.98 -18.81
CA ARG A 105 11.40 13.06 -18.24
C ARG A 105 11.11 14.45 -17.72
N GLY A 106 10.17 15.14 -18.37
CA GLY A 106 9.82 16.50 -17.98
C GLY A 106 9.21 16.55 -16.59
N ARG A 107 8.66 15.41 -16.16
CA ARG A 107 8.09 15.30 -14.82
C ARG A 107 9.19 15.21 -13.75
N SER A 108 10.37 14.76 -14.17
CA SER A 108 11.48 14.57 -13.25
C SER A 108 12.28 15.85 -13.07
N GLY A 1 -7.62 -25.26 12.00
CA GLY A 1 -9.07 -25.40 12.04
C GLY A 1 -9.75 -24.07 12.35
N GLY A 2 -9.71 -23.66 13.62
CA GLY A 2 -10.32 -22.42 14.04
C GLY A 2 -11.83 -22.57 14.22
N SER A 3 -12.54 -21.45 14.21
CA SER A 3 -13.98 -21.45 14.37
C SER A 3 -14.64 -20.37 13.53
N ASN A 4 -14.90 -20.67 12.27
CA ASN A 4 -15.50 -19.71 11.35
C ASN A 4 -14.69 -18.43 11.30
N ALA A 5 -13.37 -18.57 11.19
CA ALA A 5 -12.48 -17.42 11.15
C ALA A 5 -11.17 -17.75 10.45
N THR A 6 -10.52 -16.73 9.90
CA THR A 6 -9.29 -16.92 9.14
C THR A 6 -8.28 -15.83 9.44
N ALA A 7 -7.06 -16.24 9.81
CA ALA A 7 -6.00 -15.30 10.11
C ALA A 7 -5.60 -14.51 8.86
N PRO A 8 -5.24 -13.25 9.06
CA PRO A 8 -4.86 -12.38 7.96
C PRO A 8 -3.71 -12.99 7.16
N PHE A 9 -3.87 -13.01 5.84
CA PHE A 9 -2.78 -13.40 4.95
C PHE A 9 -2.97 -12.79 3.56
N PHE A 10 -1.95 -12.06 3.10
CA PHE A 10 -2.03 -11.36 1.83
C PHE A 10 -2.02 -12.32 0.66
N GLU A 11 -3.20 -12.74 0.23
CA GLU A 11 -3.34 -13.58 -0.95
C GLU A 11 -2.82 -12.89 -2.19
N MET A 12 -2.74 -11.56 -2.13
CA MET A 12 -2.11 -10.78 -3.19
C MET A 12 -1.23 -9.68 -2.62
N LYS A 13 0.09 -9.86 -2.72
CA LYS A 13 1.04 -8.95 -2.10
C LYS A 13 1.46 -7.86 -3.08
N LEU A 14 2.24 -6.89 -2.59
CA LEU A 14 2.66 -5.76 -3.41
C LEU A 14 3.87 -6.13 -4.26
N LYS A 15 4.02 -5.45 -5.39
CA LYS A 15 5.15 -5.66 -6.28
C LYS A 15 6.15 -4.51 -6.19
N HIS A 16 7.35 -4.74 -6.70
CA HIS A 16 8.38 -3.70 -6.76
C HIS A 16 8.26 -2.90 -8.06
N TYR A 17 7.83 -1.65 -7.95
CA TYR A 17 7.59 -0.82 -9.12
C TYR A 17 8.77 0.11 -9.38
N LYS A 18 9.04 0.37 -10.65
CA LYS A 18 10.08 1.32 -11.05
C LYS A 18 9.48 2.54 -11.72
N ILE A 19 9.19 3.57 -10.94
CA ILE A 19 8.39 4.70 -11.41
C ILE A 19 9.23 5.95 -11.57
N PHE A 20 8.98 6.70 -12.64
CA PHE A 20 9.70 7.94 -12.90
C PHE A 20 9.28 9.03 -11.94
N GLU A 21 10.23 9.90 -11.59
CA GLU A 21 9.96 11.02 -10.69
C GLU A 21 8.81 11.87 -11.20
N GLY A 22 7.75 11.98 -10.39
CA GLY A 22 6.61 12.81 -10.73
C GLY A 22 5.51 12.00 -11.41
N MET A 23 5.85 10.78 -11.81
CA MET A 23 4.92 9.92 -12.52
C MET A 23 3.93 9.26 -11.57
N PRO A 24 2.67 9.23 -11.96
CA PRO A 24 1.64 8.56 -11.16
C PRO A 24 1.79 7.05 -11.21
N VAL A 25 1.41 6.39 -10.13
CA VAL A 25 1.45 4.93 -10.07
C VAL A 25 0.34 4.40 -9.16
N THR A 26 -0.35 3.36 -9.64
CA THR A 26 -1.41 2.72 -8.86
C THR A 26 -1.01 1.30 -8.47
N PHE A 27 -1.15 0.98 -7.19
CA PHE A 27 -0.86 -0.36 -6.69
C PHE A 27 -1.78 -0.74 -5.54
N THR A 28 -2.01 -2.04 -5.37
CA THR A 28 -3.07 -2.53 -4.50
C THR A 28 -2.71 -3.87 -3.88
N CYS A 29 -3.32 -4.18 -2.76
CA CYS A 29 -3.04 -5.43 -2.04
C CYS A 29 -4.32 -6.05 -1.48
N ARG A 30 -4.37 -7.37 -1.49
CA ARG A 30 -5.57 -8.09 -1.06
C ARG A 30 -5.25 -9.11 0.02
N VAL A 31 -6.08 -9.16 1.06
CA VAL A 31 -5.84 -10.03 2.20
C VAL A 31 -7.00 -10.98 2.42
N ALA A 32 -6.70 -12.27 2.52
CA ALA A 32 -7.72 -13.28 2.76
C ALA A 32 -7.98 -13.45 4.27
N GLY A 33 -8.50 -12.40 4.89
CA GLY A 33 -8.73 -12.41 6.33
C GLY A 33 -10.21 -12.56 6.64
N ASN A 34 -10.52 -13.04 7.84
CA ASN A 34 -11.90 -13.18 8.30
C ASN A 34 -11.99 -13.14 9.80
N PRO A 35 -12.52 -12.05 10.34
CA PRO A 35 -13.17 -11.04 9.51
C PRO A 35 -12.15 -10.20 8.76
N LYS A 36 -12.63 -9.40 7.81
CA LYS A 36 -11.75 -8.56 7.01
C LYS A 36 -10.93 -7.61 7.87
N PRO A 37 -9.62 -7.79 7.87
CA PRO A 37 -8.73 -7.01 8.71
C PRO A 37 -8.85 -5.53 8.41
N LYS A 38 -8.50 -4.69 9.39
CA LYS A 38 -8.48 -3.25 9.19
C LYS A 38 -7.19 -2.78 8.54
N ILE A 39 -7.13 -2.89 7.22
CA ILE A 39 -5.90 -2.61 6.48
C ILE A 39 -5.38 -1.21 6.77
N TYR A 40 -4.13 -1.12 7.21
CA TYR A 40 -3.48 0.16 7.42
C TYR A 40 -2.37 0.39 6.42
N TRP A 41 -2.18 1.64 6.02
CA TRP A 41 -1.10 2.00 5.12
C TRP A 41 -0.17 3.03 5.77
N PHE A 42 1.13 2.80 5.66
CA PHE A 42 2.12 3.78 6.09
C PHE A 42 3.41 3.64 5.30
N LYS A 43 4.04 4.77 4.98
CA LYS A 43 5.22 4.79 4.13
C LYS A 43 6.47 5.13 4.93
N ASP A 44 7.35 4.14 5.11
CA ASP A 44 8.53 4.31 5.95
C ASP A 44 8.14 4.76 7.34
N GLY A 45 6.98 4.33 7.81
CA GLY A 45 6.52 4.64 9.16
C GLY A 45 5.62 5.87 9.17
N LYS A 46 5.39 6.43 7.99
CA LYS A 46 4.55 7.61 7.85
C LYS A 46 3.12 7.25 7.51
N GLN A 47 2.25 7.26 8.53
CA GLN A 47 0.85 6.88 8.35
C GLN A 47 0.22 7.63 7.19
N ILE A 48 -0.43 6.90 6.30
CA ILE A 48 -1.04 7.49 5.11
C ILE A 48 -2.53 7.69 5.30
N SER A 49 -2.99 8.92 5.13
CA SER A 49 -4.41 9.24 5.18
C SER A 49 -5.06 9.12 3.80
N PRO A 50 -6.21 8.47 3.75
CA PRO A 50 -6.95 8.32 2.51
C PRO A 50 -7.22 9.68 1.86
N LYS A 51 -7.08 9.75 0.55
CA LYS A 51 -7.36 10.98 -0.19
C LYS A 51 -6.52 12.13 0.31
N SER A 52 -5.21 11.93 0.33
CA SER A 52 -4.28 12.97 0.77
C SER A 52 -3.75 13.78 -0.41
N ASP A 53 -2.65 14.49 -0.19
CA ASP A 53 -2.07 15.34 -1.21
C ASP A 53 -1.78 14.56 -2.49
N HIS A 54 -1.19 13.38 -2.34
CA HIS A 54 -0.85 12.54 -3.48
C HIS A 54 -1.22 11.08 -3.21
N TYR A 55 -1.68 10.80 -1.99
CA TYR A 55 -1.94 9.44 -1.57
C TYR A 55 -3.42 9.17 -1.45
N THR A 56 -4.01 8.61 -2.51
CA THR A 56 -5.43 8.29 -2.52
C THR A 56 -5.67 6.82 -2.23
N ILE A 57 -6.47 6.54 -1.19
CA ILE A 57 -6.74 5.17 -0.78
C ILE A 57 -8.18 4.79 -1.08
N GLN A 58 -8.34 3.70 -1.85
CA GLN A 58 -9.66 3.10 -2.05
C GLN A 58 -9.78 1.80 -1.26
N ARG A 59 -10.95 1.60 -0.65
CA ARG A 59 -11.15 0.47 0.26
C ARG A 59 -12.27 -0.42 -0.22
N ASP A 60 -11.91 -1.56 -0.81
CA ASP A 60 -12.89 -2.60 -1.15
C ASP A 60 -13.17 -3.51 0.04
N LEU A 61 -14.43 -3.54 0.46
CA LEU A 61 -14.80 -4.21 1.70
C LEU A 61 -14.67 -5.72 1.58
N ASP A 62 -14.40 -6.19 0.36
CA ASP A 62 -14.17 -7.62 0.13
C ASP A 62 -12.85 -8.06 0.72
N GLY A 63 -11.99 -7.10 1.05
CA GLY A 63 -10.70 -7.40 1.67
C GLY A 63 -9.55 -6.89 0.81
N THR A 64 -9.83 -5.90 -0.02
CA THR A 64 -8.83 -5.32 -0.90
C THR A 64 -8.72 -3.82 -0.72
N CYS A 65 -7.50 -3.30 -0.71
CA CYS A 65 -7.27 -1.87 -0.60
C CYS A 65 -6.21 -1.40 -1.60
N SER A 66 -6.49 -0.31 -2.29
CA SER A 66 -5.61 0.20 -3.33
C SER A 66 -5.08 1.58 -2.99
N LEU A 67 -3.76 1.76 -3.13
CA LEU A 67 -3.13 3.05 -2.91
C LEU A 67 -2.60 3.63 -4.21
N HIS A 68 -3.13 4.79 -4.60
CA HIS A 68 -2.64 5.50 -5.78
C HIS A 68 -1.75 6.67 -5.39
N THR A 69 -0.55 6.70 -5.96
CA THR A 69 0.34 7.85 -5.81
C THR A 69 0.28 8.75 -7.03
N THR A 70 -0.20 9.97 -6.84
CA THR A 70 -0.39 10.90 -7.94
C THR A 70 0.93 11.31 -8.56
N ALA A 71 1.93 11.52 -7.71
CA ALA A 71 3.25 11.97 -8.17
C ALA A 71 4.37 11.30 -7.39
N SER A 72 4.80 10.14 -7.87
CA SER A 72 5.82 9.36 -7.17
C SER A 72 7.21 9.96 -7.39
N THR A 73 7.52 10.99 -6.62
CA THR A 73 8.82 11.65 -6.73
C THR A 73 9.87 10.94 -5.89
N LEU A 74 11.10 11.44 -5.95
CA LEU A 74 12.22 10.80 -5.27
C LEU A 74 12.00 10.79 -3.75
N ASP A 75 11.23 11.75 -3.26
CA ASP A 75 10.88 11.81 -1.85
C ASP A 75 9.81 10.76 -1.51
N ASP A 76 9.11 10.29 -2.54
CA ASP A 76 8.07 9.29 -2.36
C ASP A 76 8.63 7.88 -2.53
N ASP A 77 9.89 7.80 -2.97
CA ASP A 77 10.60 6.53 -3.00
C ASP A 77 10.80 5.97 -1.59
N GLY A 78 10.42 4.73 -1.39
CA GLY A 78 10.51 4.09 -0.09
C GLY A 78 9.53 2.93 0.03
N ASN A 79 9.24 2.54 1.28
CA ASN A 79 8.47 1.33 1.53
C ASN A 79 7.05 1.66 1.94
N TYR A 80 6.10 1.43 1.04
CA TYR A 80 4.68 1.60 1.36
C TYR A 80 4.14 0.39 2.10
N THR A 81 4.57 0.23 3.35
CA THR A 81 4.26 -0.97 4.13
C THR A 81 2.78 -1.04 4.45
N ILE A 82 2.17 -2.19 4.18
CA ILE A 82 0.76 -2.41 4.50
C ILE A 82 0.60 -3.45 5.59
N MET A 83 -0.33 -3.21 6.51
CA MET A 83 -0.59 -4.12 7.61
C MET A 83 -2.07 -4.44 7.74
N ALA A 84 -2.40 -5.72 7.66
CA ALA A 84 -3.79 -6.16 7.77
C ALA A 84 -4.05 -6.82 9.12
N ALA A 85 -4.50 -6.02 10.08
CA ALA A 85 -4.68 -6.50 11.46
C ALA A 85 -6.14 -6.77 11.76
N ASN A 86 -6.41 -7.94 12.33
CA ASN A 86 -7.74 -8.27 12.81
C ASN A 86 -7.68 -9.06 14.11
N PRO A 87 -8.84 -9.42 14.65
CA PRO A 87 -8.92 -10.09 15.94
C PRO A 87 -8.15 -11.41 15.93
N GLN A 88 -7.99 -11.98 14.74
CA GLN A 88 -7.45 -13.33 14.61
C GLN A 88 -5.94 -13.31 14.41
N GLY A 89 -5.39 -12.11 14.29
CA GLY A 89 -3.95 -11.94 14.07
C GLY A 89 -3.66 -10.75 13.18
N ARG A 90 -2.45 -10.71 12.61
CA ARG A 90 -2.06 -9.64 11.71
C ARG A 90 -1.04 -10.13 10.69
N VAL A 91 -0.91 -9.39 9.60
CA VAL A 91 0.09 -9.70 8.58
C VAL A 91 0.61 -8.44 7.91
N SER A 92 1.91 -8.37 7.69
CA SER A 92 2.55 -7.17 7.16
C SER A 92 3.34 -7.48 5.90
N CYS A 93 3.26 -6.57 4.94
CA CYS A 93 4.02 -6.71 3.69
C CYS A 93 4.67 -5.39 3.29
N THR A 94 5.93 -5.44 2.90
CA THR A 94 6.69 -4.24 2.57
C THR A 94 6.45 -3.82 1.13
N GLY A 95 5.88 -2.63 0.97
CA GLY A 95 5.54 -2.12 -0.36
C GLY A 95 6.69 -1.31 -0.95
N ARG A 96 7.84 -1.96 -1.11
CA ARG A 96 9.02 -1.29 -1.63
C ARG A 96 8.78 -0.78 -3.05
N LEU A 97 8.71 0.55 -3.18
CA LEU A 97 8.59 1.17 -4.49
C LEU A 97 9.77 2.11 -4.76
N MET A 98 10.37 1.97 -5.93
CA MET A 98 11.57 2.72 -6.26
C MET A 98 11.29 3.78 -7.33
N VAL A 99 11.89 4.95 -7.16
CA VAL A 99 11.67 6.06 -8.08
C VAL A 99 12.96 6.44 -8.80
N GLN A 100 12.87 6.58 -10.12
CA GLN A 100 14.02 6.99 -10.93
C GLN A 100 13.86 8.42 -11.43
N ALA A 101 14.88 9.23 -11.22
CA ALA A 101 14.87 10.61 -11.70
C ALA A 101 14.70 10.66 -13.21
N VAL A 102 13.72 11.45 -13.66
CA VAL A 102 13.40 11.56 -15.08
C VAL A 102 14.00 12.82 -15.68
N ASN A 103 15.17 12.68 -16.31
CA ASN A 103 15.86 13.82 -16.89
C ASN A 103 15.23 14.23 -18.21
N GLN A 104 14.29 13.43 -18.69
CA GLN A 104 13.59 13.73 -19.93
C GLN A 104 12.40 14.66 -19.69
N ARG A 105 12.14 14.95 -18.42
CA ARG A 105 11.06 15.88 -18.06
C ARG A 105 11.43 17.31 -18.42
N GLY A 106 10.66 17.90 -19.33
CA GLY A 106 10.94 19.26 -19.79
C GLY A 106 10.59 20.28 -18.71
N ARG A 107 9.80 19.86 -17.73
CA ARG A 107 9.40 20.75 -16.65
C ARG A 107 10.39 20.66 -15.49
N SER A 108 11.37 19.78 -15.62
CA SER A 108 12.38 19.60 -14.58
C SER A 108 13.30 20.81 -14.49
N GLY A 1 -7.56 -22.07 13.51
CA GLY A 1 -7.64 -20.68 13.96
C GLY A 1 -8.97 -20.41 14.66
N GLY A 2 -9.13 -20.95 15.86
CA GLY A 2 -10.35 -20.76 16.62
C GLY A 2 -11.56 -21.39 15.93
N SER A 3 -12.58 -20.59 15.69
CA SER A 3 -13.80 -21.07 15.03
C SER A 3 -14.47 -19.96 14.23
N ASN A 4 -14.79 -20.25 12.97
CA ASN A 4 -15.40 -19.26 12.10
C ASN A 4 -14.55 -17.99 12.01
N ALA A 5 -13.25 -18.17 11.84
CA ALA A 5 -12.31 -17.06 11.78
C ALA A 5 -11.07 -17.41 10.99
N THR A 6 -10.41 -16.40 10.45
CA THR A 6 -9.22 -16.60 9.64
C THR A 6 -8.22 -15.46 9.82
N ALA A 7 -6.99 -15.81 10.18
CA ALA A 7 -5.94 -14.83 10.36
C ALA A 7 -5.59 -14.14 9.04
N PRO A 8 -5.25 -12.86 9.12
CA PRO A 8 -4.90 -12.09 7.94
C PRO A 8 -3.80 -12.77 7.13
N PHE A 9 -4.00 -12.88 5.83
CA PHE A 9 -3.01 -13.46 4.94
C PHE A 9 -3.08 -12.85 3.55
N PHE A 10 -1.95 -12.34 3.07
CA PHE A 10 -1.88 -11.73 1.74
C PHE A 10 -2.05 -12.77 0.65
N GLU A 11 -3.28 -13.06 0.28
CA GLU A 11 -3.57 -13.91 -0.86
C GLU A 11 -3.08 -13.28 -2.16
N MET A 12 -2.88 -11.98 -2.14
CA MET A 12 -2.15 -11.29 -3.21
C MET A 12 -1.17 -10.28 -2.64
N LYS A 13 0.12 -10.55 -2.84
CA LYS A 13 1.17 -9.77 -2.19
C LYS A 13 1.67 -8.65 -3.09
N LEU A 14 2.42 -7.71 -2.50
CA LEU A 14 2.99 -6.62 -3.26
C LEU A 14 4.28 -7.04 -3.95
N LYS A 15 4.65 -6.33 -5.01
CA LYS A 15 5.91 -6.57 -5.70
C LYS A 15 6.84 -5.37 -5.57
N HIS A 16 8.05 -5.51 -6.12
CA HIS A 16 8.99 -4.40 -6.19
C HIS A 16 8.58 -3.42 -7.28
N TYR A 17 8.11 -2.25 -6.88
CA TYR A 17 7.56 -1.28 -7.82
C TYR A 17 8.59 -0.23 -8.21
N LYS A 18 8.54 0.19 -9.47
CA LYS A 18 9.44 1.23 -9.96
C LYS A 18 8.69 2.26 -10.80
N ILE A 19 9.05 3.53 -10.63
CA ILE A 19 8.38 4.62 -11.34
C ILE A 19 9.33 5.77 -11.62
N PHE A 20 9.08 6.48 -12.71
CA PHE A 20 9.84 7.69 -13.02
C PHE A 20 9.38 8.86 -12.16
N GLU A 21 10.32 9.72 -11.80
CA GLU A 21 10.02 10.87 -10.95
C GLU A 21 8.89 11.70 -11.53
N GLY A 22 7.84 11.89 -10.73
CA GLY A 22 6.76 12.81 -11.10
C GLY A 22 5.55 12.04 -11.61
N MET A 23 5.75 10.77 -11.96
CA MET A 23 4.70 9.96 -12.55
C MET A 23 3.82 9.33 -11.48
N PRO A 24 2.58 9.02 -11.85
CA PRO A 24 1.63 8.42 -10.92
C PRO A 24 1.94 6.94 -10.70
N VAL A 25 1.52 6.41 -9.55
CA VAL A 25 1.72 5.00 -9.24
C VAL A 25 0.45 4.38 -8.70
N THR A 26 0.01 3.29 -9.32
CA THR A 26 -1.21 2.60 -8.91
C THR A 26 -0.96 1.11 -8.68
N PHE A 27 -1.25 0.65 -7.47
CA PHE A 27 -1.21 -0.78 -7.17
C PHE A 27 -2.10 -1.11 -5.98
N THR A 28 -2.38 -2.41 -5.81
CA THR A 28 -3.36 -2.86 -4.82
C THR A 28 -2.95 -4.19 -4.21
N CYS A 29 -3.52 -4.50 -3.05
CA CYS A 29 -3.22 -5.75 -2.36
C CYS A 29 -4.49 -6.39 -1.82
N ARG A 30 -4.52 -7.71 -1.79
CA ARG A 30 -5.71 -8.45 -1.40
C ARG A 30 -5.42 -9.40 -0.24
N VAL A 31 -6.29 -9.41 0.76
CA VAL A 31 -6.07 -10.17 1.98
C VAL A 31 -7.22 -11.11 2.28
N ALA A 32 -6.90 -12.38 2.51
CA ALA A 32 -7.92 -13.38 2.84
C ALA A 32 -8.11 -13.51 4.34
N GLY A 33 -8.60 -12.43 4.95
CA GLY A 33 -8.77 -12.40 6.41
C GLY A 33 -10.24 -12.51 6.78
N ASN A 34 -10.50 -12.88 8.04
CA ASN A 34 -11.86 -12.99 8.55
C ASN A 34 -11.91 -12.82 10.05
N PRO A 35 -12.45 -11.68 10.49
CA PRO A 35 -13.14 -10.77 9.59
C PRO A 35 -12.16 -10.00 8.72
N LYS A 36 -12.69 -9.39 7.66
CA LYS A 36 -11.85 -8.61 6.75
C LYS A 36 -11.05 -7.55 7.49
N PRO A 37 -9.73 -7.68 7.44
CA PRO A 37 -8.85 -6.75 8.14
C PRO A 37 -9.04 -5.32 7.64
N LYS A 38 -8.73 -4.35 8.50
CA LYS A 38 -8.77 -2.95 8.12
C LYS A 38 -7.45 -2.50 7.52
N ILE A 39 -7.15 -2.99 6.32
CA ILE A 39 -5.85 -2.76 5.71
C ILE A 39 -5.41 -1.31 5.87
N TYR A 40 -4.27 -1.12 6.53
CA TYR A 40 -3.68 0.21 6.67
C TYR A 40 -2.42 0.35 5.82
N TRP A 41 -2.14 1.57 5.37
CA TRP A 41 -0.90 1.87 4.68
C TRP A 41 -0.05 2.85 5.47
N PHE A 42 1.27 2.64 5.44
CA PHE A 42 2.21 3.62 5.98
C PHE A 42 3.54 3.56 5.24
N LYS A 43 4.18 4.71 5.09
CA LYS A 43 5.39 4.81 4.28
C LYS A 43 6.62 5.06 5.15
N ASP A 44 7.49 4.05 5.22
CA ASP A 44 8.67 4.12 6.08
C ASP A 44 8.28 4.48 7.52
N GLY A 45 7.12 4.02 7.94
CA GLY A 45 6.66 4.22 9.32
C GLY A 45 5.72 5.42 9.41
N LYS A 46 5.51 6.09 8.28
CA LYS A 46 4.66 7.27 8.24
C LYS A 46 3.23 6.92 7.85
N GLN A 47 2.35 6.84 8.84
CA GLN A 47 0.96 6.48 8.61
C GLN A 47 0.34 7.34 7.52
N ILE A 48 -0.26 6.69 6.53
CA ILE A 48 -0.87 7.39 5.41
C ILE A 48 -2.37 7.55 5.62
N SER A 49 -2.83 8.80 5.54
CA SER A 49 -4.27 9.09 5.60
C SER A 49 -4.90 8.95 4.21
N PRO A 50 -6.00 8.21 4.15
CA PRO A 50 -6.73 8.04 2.89
C PRO A 50 -7.09 9.39 2.27
N LYS A 51 -6.94 9.49 0.96
CA LYS A 51 -7.26 10.72 0.24
C LYS A 51 -6.47 11.90 0.77
N SER A 52 -5.15 11.78 0.73
CA SER A 52 -4.26 12.85 1.17
C SER A 52 -3.82 13.72 0.00
N ASP A 53 -2.75 14.48 0.20
CA ASP A 53 -2.24 15.37 -0.83
C ASP A 53 -1.97 14.63 -2.13
N HIS A 54 -1.32 13.47 -2.01
CA HIS A 54 -1.00 12.66 -3.17
C HIS A 54 -1.28 11.19 -2.91
N TYR A 55 -1.66 10.86 -1.68
CA TYR A 55 -1.81 9.48 -1.26
C TYR A 55 -3.28 9.11 -1.12
N THR A 56 -3.86 8.53 -2.17
CA THR A 56 -5.26 8.13 -2.17
C THR A 56 -5.41 6.66 -1.83
N ILE A 57 -6.20 6.36 -0.81
CA ILE A 57 -6.44 4.98 -0.39
C ILE A 57 -7.90 4.59 -0.60
N GLN A 58 -8.12 3.43 -1.21
CA GLN A 58 -9.46 2.91 -1.41
C GLN A 58 -9.59 1.48 -0.90
N ARG A 59 -10.32 1.30 0.19
CA ARG A 59 -10.44 0.00 0.83
C ARG A 59 -11.76 -0.68 0.46
N ASP A 60 -11.71 -1.60 -0.48
CA ASP A 60 -12.85 -2.45 -0.78
C ASP A 60 -13.08 -3.47 0.33
N LEU A 61 -14.29 -3.48 0.87
CA LEU A 61 -14.59 -4.26 2.07
C LEU A 61 -14.69 -5.75 1.74
N ASP A 62 -14.54 -6.08 0.47
CA ASP A 62 -14.47 -7.47 0.03
C ASP A 62 -13.13 -8.09 0.37
N GLY A 63 -12.19 -7.25 0.79
CA GLY A 63 -10.89 -7.72 1.26
C GLY A 63 -9.77 -7.24 0.35
N THR A 64 -9.98 -6.11 -0.31
CA THR A 64 -8.98 -5.54 -1.21
C THR A 64 -8.83 -4.04 -0.99
N CYS A 65 -7.58 -3.58 -0.94
CA CYS A 65 -7.30 -2.16 -0.74
C CYS A 65 -6.24 -1.67 -1.71
N SER A 66 -6.55 -0.59 -2.42
CA SER A 66 -5.63 -0.04 -3.41
C SER A 66 -4.98 1.24 -2.92
N LEU A 67 -3.71 1.43 -3.26
CA LEU A 67 -3.00 2.67 -2.96
C LEU A 67 -2.57 3.38 -4.23
N HIS A 68 -3.00 4.63 -4.38
CA HIS A 68 -2.64 5.41 -5.55
C HIS A 68 -1.82 6.65 -5.16
N THR A 69 -0.63 6.76 -5.73
CA THR A 69 0.19 7.96 -5.58
C THR A 69 0.06 8.86 -6.81
N THR A 70 -0.41 10.08 -6.59
CA THR A 70 -0.67 11.00 -7.68
C THR A 70 0.62 11.38 -8.40
N ALA A 71 1.65 11.69 -7.63
CA ALA A 71 2.92 12.15 -8.18
C ALA A 71 4.09 11.64 -7.37
N SER A 72 4.58 10.45 -7.70
CA SER A 72 5.66 9.82 -6.95
C SER A 72 7.01 10.44 -7.31
N THR A 73 7.57 11.20 -6.38
CA THR A 73 8.85 11.85 -6.60
C THR A 73 9.95 11.22 -5.74
N LEU A 74 11.15 11.77 -5.83
CA LEU A 74 12.29 11.23 -5.09
C LEU A 74 12.07 11.32 -3.59
N ASP A 75 11.27 12.29 -3.17
CA ASP A 75 10.90 12.43 -1.77
C ASP A 75 9.84 11.42 -1.38
N ASP A 76 9.17 10.85 -2.37
CA ASP A 76 8.15 9.84 -2.13
C ASP A 76 8.72 8.43 -2.23
N ASP A 77 9.91 8.33 -2.83
CA ASP A 77 10.62 7.05 -2.90
C ASP A 77 10.82 6.45 -1.50
N GLY A 78 10.42 5.20 -1.35
CA GLY A 78 10.54 4.51 -0.07
C GLY A 78 9.63 3.28 -0.02
N ASN A 79 9.41 2.78 1.19
CA ASN A 79 8.67 1.54 1.37
C ASN A 79 7.26 1.81 1.90
N TYR A 80 6.27 1.64 1.03
CA TYR A 80 4.87 1.82 1.41
C TYR A 80 4.29 0.57 2.05
N THR A 81 4.75 0.28 3.27
CA THR A 81 4.42 -0.99 3.93
C THR A 81 2.94 -1.10 4.20
N ILE A 82 2.36 -2.26 3.87
CA ILE A 82 0.95 -2.51 4.13
C ILE A 82 0.78 -3.44 5.34
N MET A 83 -0.25 -3.16 6.14
CA MET A 83 -0.54 -3.98 7.32
C MET A 83 -2.02 -4.29 7.41
N ALA A 84 -2.36 -5.58 7.34
CA ALA A 84 -3.74 -6.01 7.43
C ALA A 84 -4.10 -6.41 8.85
N ALA A 85 -4.61 -5.45 9.62
CA ALA A 85 -4.90 -5.66 11.03
C ALA A 85 -6.37 -6.01 11.25
N ASN A 86 -6.61 -7.10 11.95
CA ASN A 86 -7.97 -7.47 12.36
C ASN A 86 -7.96 -8.09 13.74
N PRO A 87 -9.15 -8.44 14.23
CA PRO A 87 -9.30 -8.96 15.59
C PRO A 87 -8.48 -10.22 15.80
N GLN A 88 -8.22 -10.94 14.71
CA GLN A 88 -7.62 -12.26 14.79
C GLN A 88 -6.10 -12.19 14.67
N GLY A 89 -5.59 -10.98 14.43
CA GLY A 89 -4.15 -10.78 14.29
C GLY A 89 -3.84 -9.77 13.20
N ARG A 90 -2.58 -9.75 12.76
CA ARG A 90 -2.15 -8.81 11.73
C ARG A 90 -1.02 -9.40 10.90
N VAL A 91 -0.82 -8.85 9.71
CA VAL A 91 0.29 -9.25 8.85
C VAL A 91 0.75 -8.10 7.96
N SER A 92 2.07 -7.97 7.81
CA SER A 92 2.65 -6.83 7.12
C SER A 92 3.46 -7.26 5.91
N CYS A 93 3.57 -6.37 4.93
CA CYS A 93 4.38 -6.63 3.75
C CYS A 93 4.94 -5.35 3.15
N THR A 94 6.21 -5.38 2.76
CA THR A 94 6.89 -4.19 2.28
C THR A 94 6.34 -3.74 0.93
N GLY A 95 5.98 -2.47 0.82
CA GLY A 95 5.51 -1.91 -0.44
C GLY A 95 6.61 -1.10 -1.12
N ARG A 96 7.75 -1.74 -1.35
CA ARG A 96 8.90 -1.06 -1.94
C ARG A 96 8.53 -0.34 -3.23
N LEU A 97 8.62 0.98 -3.21
CA LEU A 97 8.45 1.77 -4.42
C LEU A 97 9.67 2.66 -4.67
N MET A 98 10.42 2.33 -5.71
CA MET A 98 11.63 3.09 -6.06
C MET A 98 11.35 4.09 -7.17
N VAL A 99 11.96 5.27 -7.06
CA VAL A 99 11.72 6.34 -8.02
C VAL A 99 12.99 6.69 -8.78
N GLN A 100 12.91 6.64 -10.10
CA GLN A 100 14.03 7.03 -10.97
C GLN A 100 14.06 8.54 -11.16
N ALA A 101 15.18 9.16 -10.77
CA ALA A 101 15.35 10.59 -10.92
C ALA A 101 15.25 11.01 -12.38
N VAL A 102 14.48 12.08 -12.63
CA VAL A 102 14.33 12.60 -13.99
C VAL A 102 14.85 14.04 -14.08
N ASN A 103 15.94 14.23 -14.79
CA ASN A 103 16.59 15.53 -14.86
C ASN A 103 15.78 16.50 -15.71
N GLN A 104 14.89 15.96 -16.52
CA GLN A 104 14.06 16.78 -17.40
C GLN A 104 12.77 17.20 -16.71
N ARG A 105 12.56 16.69 -15.49
CA ARG A 105 11.38 17.03 -14.71
C ARG A 105 11.43 18.47 -14.23
N GLY A 106 10.57 19.32 -14.79
CA GLY A 106 10.57 20.73 -14.46
C GLY A 106 9.98 20.97 -13.07
N ARG A 107 9.28 19.97 -12.55
CA ARG A 107 8.66 20.08 -11.24
C ARG A 107 9.56 19.51 -10.15
N SER A 108 10.73 19.02 -10.57
CA SER A 108 11.67 18.40 -9.63
C SER A 108 12.16 19.39 -8.60
#